data_6RSY
#
_entry.id   6RSY
#
_cell.length_a   94.610
_cell.length_b   114.750
_cell.length_c   185.390
_cell.angle_alpha   90.00
_cell.angle_beta   90.00
_cell.angle_gamma   90.00
#
_symmetry.space_group_name_H-M   'P 21 21 21'
#
loop_
_entity.id
_entity.type
_entity.pdbx_description
1 polymer 'HLA class I histocompatibility antigen, A-2 alpha chain'
2 polymer Beta-2-microglobulin
3 polymer ARG-MET-PHE-PRO-ASN-ALA-PRO-TYR-LEU
4 polymer 'a7b2 ALPHA CHAIN'
5 polymer 'DMF4 Beta CHAIN'
6 non-polymer 1,2-ETHANEDIOL
7 water water
#
loop_
_entity_poly.entity_id
_entity_poly.type
_entity_poly.pdbx_seq_one_letter_code
_entity_poly.pdbx_strand_id
1 'polypeptide(L)'
;GSHSMRYFFTSVSRPGRGEPRFIAVGYVDDTQFVRFDSDAASQRMEPRAPWIEQEGPEYWDGETRKVKAHSQTHRVDLGT
LRGYYNQSEAGSHTVQRMYGCDVGSDWRFLRGYHQYAYDGKDYIALKEDLRSWTAADMAAQTTKHKWEAAHVAEQLRAYL
EGTCVEWLRRYLENGKETLQRTDAPKTHMTHHAVSDHEATLRCWALSFYPAEITLTWQRDGEDQTQDTELVETRPAGDGT
FQKWAAVVVPSGQEQRYTCHVQHEGLPKPLTLRWEP
;
A,F
2 'polypeptide(L)'
;MIQRTPKIQVYSRHPAENGKSNFLNCYVSGFHPSDIEVDLLKNGERIEKVEHSDLSFSKDWSFYLLYYTEFTPTEKDEYA
CRVNHVTLSQPKIVKWDRDM
;
B,G
3 'polypeptide(L)' RMFPNAPYL C,H
4 'polypeptide(L)'
;MADAKTTQPPSMDCAEGRAANLPCNHSTVDPNEYVYWYRQIHSQGPQYIIHGLKNNETNEMASLIITEDRKSSTLILPHA
TLRDTAVYYCIGGGTTSGTYKYIFGTGTRLKVLANIQNPDPAVYQLRDSKSSDKSVCLFTDFDSQTNVSQSKDSDVYITD
KCVLDMRSMDFKSNSAVAWSNKSDFACANAFNNSIIPEDTFFPSPESS
;
D,I
5 'polypeptide(L)'
;MDTGVSQDPRHKITKRGQNVTFRCDPISEHNRLYWYRQTLGQGPEFLTYFQNEAQLEKSRLLSDRFSAERPKGSFSTLEI
QRTEQGDSAMYLCASSLGFGRDVMRFGPGTRLLVLEDLKNVFPPEVAVFEPSEAEISHTQKATLVCLATGFYPDHVELSW
WVNGKEVHSGVCTDPQPLKEQPALNDSRYALSSRLRVSATFWQDPRNHFRCQVQFYGLSENDEWTQDRAKPVTQIVSAET
WGRAD
;
E,J
#
# COMPACT_ATOMS: atom_id res chain seq x y z
N GLY A 1 25.78 -12.79 3.41
CA GLY A 1 26.01 -13.31 2.02
C GLY A 1 24.92 -12.90 1.06
N SER A 2 25.06 -13.29 -0.21
CA SER A 2 24.10 -13.00 -1.29
C SER A 2 23.00 -14.06 -1.31
N HIS A 3 21.89 -13.75 -2.00
CA HIS A 3 20.68 -14.61 -2.01
C HIS A 3 20.04 -14.59 -3.40
N SER A 4 19.14 -15.52 -3.65
CA SER A 4 18.48 -15.68 -4.96
C SER A 4 17.09 -16.26 -4.79
N MET A 5 16.18 -15.87 -5.68
CA MET A 5 14.86 -16.50 -5.87
C MET A 5 14.80 -17.00 -7.31
N ARG A 6 14.44 -18.25 -7.51
CA ARG A 6 14.25 -18.80 -8.88
C ARG A 6 12.98 -19.64 -8.93
N TYR A 7 12.16 -19.36 -9.93
CA TYR A 7 11.05 -20.24 -10.34
C TYR A 7 11.54 -21.07 -11.53
N PHE A 8 11.35 -22.39 -11.48
CA PHE A 8 11.67 -23.29 -12.61
C PHE A 8 10.37 -23.90 -13.13
N PHE A 9 10.24 -23.97 -14.45
CA PHE A 9 9.02 -24.46 -15.14
C PHE A 9 9.40 -25.57 -16.11
N THR A 10 8.66 -26.66 -16.06
CA THR A 10 8.86 -27.84 -16.92
C THR A 10 7.52 -28.32 -17.43
N SER A 11 7.38 -28.37 -18.74
CA SER A 11 6.20 -28.94 -19.42
C SER A 11 6.69 -29.95 -20.44
N VAL A 12 6.10 -31.14 -20.42
CA VAL A 12 6.52 -32.24 -21.32
C VAL A 12 5.27 -32.80 -22.02
N SER A 13 5.29 -32.83 -23.35
CA SER A 13 4.18 -33.38 -24.16
C SER A 13 4.21 -34.91 -24.13
N ARG A 14 3.05 -35.52 -23.96
CA ARG A 14 2.88 -36.99 -23.97
C ARG A 14 1.79 -37.32 -24.96
N PRO A 15 2.00 -37.07 -26.27
CA PRO A 15 0.88 -37.01 -27.21
C PRO A 15 0.12 -38.34 -27.30
N GLY A 16 -1.22 -38.26 -27.18
CA GLY A 16 -2.12 -39.42 -27.27
C GLY A 16 -2.34 -40.10 -25.93
N ARG A 17 -1.53 -39.80 -24.91
CA ARG A 17 -1.75 -40.41 -23.59
C ARG A 17 -2.21 -39.41 -22.53
N GLY A 18 -2.42 -38.16 -22.95
CA GLY A 18 -3.05 -37.11 -22.14
C GLY A 18 -2.61 -35.76 -22.66
N GLU A 19 -2.79 -34.71 -21.85
CA GLU A 19 -2.23 -33.36 -22.15
C GLU A 19 -0.83 -33.28 -21.55
N PRO A 20 -0.01 -32.28 -21.95
CA PRO A 20 1.33 -32.11 -21.37
C PRO A 20 1.35 -32.04 -19.83
N ARG A 21 2.28 -32.78 -19.25
CA ARG A 21 2.61 -32.71 -17.80
C ARG A 21 3.39 -31.42 -17.57
N PHE A 22 2.91 -30.57 -16.68
CA PHE A 22 3.57 -29.29 -16.34
C PHE A 22 3.85 -29.22 -14.84
N ILE A 23 5.10 -28.97 -14.49
CA ILE A 23 5.57 -28.87 -13.09
C ILE A 23 6.24 -27.51 -12.91
N ALA A 24 5.79 -26.77 -11.91
CA ALA A 24 6.39 -25.46 -11.55
C ALA A 24 6.83 -25.50 -10.10
N VAL A 25 8.12 -25.30 -9.85
CA VAL A 25 8.68 -25.24 -8.48
C VAL A 25 9.34 -23.88 -8.27
N GLY A 26 9.46 -23.50 -7.02
CA GLY A 26 10.06 -22.21 -6.62
C GLY A 26 11.10 -22.43 -5.55
N TYR A 27 12.25 -21.80 -5.70
CA TYR A 27 13.35 -21.92 -4.73
C TYR A 27 13.75 -20.53 -4.26
N VAL A 28 14.18 -20.47 -3.00
CA VAL A 28 15.01 -19.36 -2.46
C VAL A 28 16.30 -19.99 -2.00
N ASP A 29 17.43 -19.56 -2.56
CA ASP A 29 18.74 -20.23 -2.35
C ASP A 29 18.52 -21.71 -2.69
N ASP A 30 18.90 -22.64 -1.81
CA ASP A 30 18.73 -24.08 -2.07
C ASP A 30 17.53 -24.62 -1.27
N THR A 31 16.62 -23.74 -0.86
CA THR A 31 15.39 -24.15 -0.14
C THR A 31 14.19 -23.92 -1.06
N GLN A 32 13.48 -24.98 -1.39
CA GLN A 32 12.23 -24.92 -2.19
C GLN A 32 11.11 -24.50 -1.26
N PHE A 33 10.15 -23.72 -1.78
CA PHE A 33 9.04 -23.18 -0.96
C PHE A 33 7.67 -23.33 -1.64
N VAL A 34 7.60 -23.57 -2.95
CA VAL A 34 6.29 -23.77 -3.63
C VAL A 34 6.40 -24.87 -4.68
N ARG A 35 5.25 -25.49 -4.95
CA ARG A 35 5.06 -26.52 -6.00
C ARG A 35 3.78 -26.18 -6.76
N PHE A 36 3.71 -26.66 -8.01
CA PHE A 36 2.44 -26.90 -8.72
C PHE A 36 2.64 -28.04 -9.71
N ASP A 37 1.70 -28.97 -9.71
CA ASP A 37 1.68 -30.10 -10.66
C ASP A 37 0.31 -30.12 -11.35
N SER A 38 0.30 -30.09 -12.68
CA SER A 38 -0.92 -30.11 -13.51
C SER A 38 -1.69 -31.42 -13.28
N ASP A 39 -0.98 -32.51 -13.02
CA ASP A 39 -1.60 -33.85 -12.85
C ASP A 39 -2.09 -34.05 -11.41
N ALA A 40 -1.58 -33.25 -10.44
CA ALA A 40 -1.92 -33.41 -9.00
C ALA A 40 -3.42 -33.17 -8.80
N ALA A 41 -3.94 -33.65 -7.67
CA ALA A 41 -5.38 -33.56 -7.32
C ALA A 41 -5.80 -32.10 -7.08
N SER A 42 -5.02 -31.37 -6.27
CA SER A 42 -5.43 -30.08 -5.68
C SER A 42 -5.64 -29.04 -6.77
N GLN A 43 -4.82 -29.06 -7.82
CA GLN A 43 -4.78 -28.01 -8.86
C GLN A 43 -4.59 -26.65 -8.17
N ARG A 44 -3.70 -26.60 -7.18
CA ARG A 44 -3.31 -25.34 -6.51
C ARG A 44 -1.80 -25.33 -6.31
N MET A 45 -1.27 -24.12 -6.17
CA MET A 45 0.15 -23.96 -5.79
C MET A 45 0.25 -24.36 -4.32
N GLU A 46 1.20 -25.23 -3.99
CA GLU A 46 1.23 -25.80 -2.62
C GLU A 46 2.50 -25.38 -1.91
N PRO A 47 2.42 -25.06 -0.60
CA PRO A 47 3.61 -24.76 0.19
C PRO A 47 4.47 -26.02 0.34
N ARG A 48 5.77 -25.87 0.15
CA ARG A 48 6.77 -26.95 0.33
C ARG A 48 7.91 -26.47 1.23
N ALA A 49 7.66 -25.41 2.00
CA ALA A 49 8.51 -24.93 3.09
C ALA A 49 7.61 -24.33 4.16
N PRO A 50 7.93 -24.56 5.45
CA PRO A 50 7.01 -24.18 6.52
C PRO A 50 6.83 -22.66 6.67
N TRP A 51 7.81 -21.86 6.23
CA TRP A 51 7.82 -20.39 6.48
C TRP A 51 6.89 -19.67 5.51
N ILE A 52 6.56 -20.29 4.37
CA ILE A 52 5.66 -19.65 3.37
C ILE A 52 4.19 -19.92 3.72
N GLU A 53 3.90 -20.90 4.58
CA GLU A 53 2.50 -21.23 4.95
C GLU A 53 1.90 -20.04 5.71
N GLN A 54 2.75 -19.15 6.23
CA GLN A 54 2.35 -17.86 6.85
C GLN A 54 1.46 -17.06 5.89
N GLU A 55 1.69 -17.14 4.57
CA GLU A 55 1.05 -16.23 3.59
C GLU A 55 -0.46 -16.45 3.59
N GLY A 56 -1.24 -15.37 3.49
CA GLY A 56 -2.71 -15.39 3.50
C GLY A 56 -3.30 -16.15 2.31
N PRO A 57 -4.64 -16.36 2.27
CA PRO A 57 -5.27 -17.11 1.18
C PRO A 57 -5.18 -16.38 -0.16
N GLU A 58 -5.27 -15.04 -0.13
CA GLU A 58 -5.11 -14.16 -1.32
C GLU A 58 -3.76 -14.45 -1.99
N TYR A 59 -2.71 -14.71 -1.22
CA TYR A 59 -1.38 -15.08 -1.81
C TYR A 59 -1.55 -16.35 -2.66
N TRP A 60 -2.21 -17.36 -2.12
CA TRP A 60 -2.29 -18.71 -2.77
C TRP A 60 -3.29 -18.67 -3.94
N ASP A 61 -4.42 -17.98 -3.79
CA ASP A 61 -5.40 -17.81 -4.90
C ASP A 61 -4.66 -17.20 -6.09
N GLY A 62 -3.89 -16.14 -5.83
CA GLY A 62 -3.16 -15.38 -6.87
C GLY A 62 -2.05 -16.20 -7.49
N GLU A 63 -1.19 -16.78 -6.67
CA GLU A 63 -0.04 -17.57 -7.16
C GLU A 63 -0.56 -18.80 -7.90
N THR A 64 -1.74 -19.32 -7.53
CA THR A 64 -2.31 -20.50 -8.21
C THR A 64 -2.85 -20.07 -9.57
N ARG A 65 -3.48 -18.90 -9.64
CA ARG A 65 -4.04 -18.40 -10.91
C ARG A 65 -2.89 -18.14 -11.88
N LYS A 66 -1.83 -17.48 -11.41
CA LYS A 66 -0.62 -17.18 -12.25
C LYS A 66 -0.03 -18.50 -12.77
N VAL A 67 0.20 -19.47 -11.89
CA VAL A 67 0.90 -20.72 -12.28
C VAL A 67 0.01 -21.50 -13.25
N LYS A 68 -1.31 -21.36 -13.15
CA LYS A 68 -2.22 -22.04 -14.10
C LYS A 68 -2.04 -21.41 -15.50
N ALA A 69 -1.94 -20.09 -15.56
CA ALA A 69 -1.72 -19.35 -16.84
C ALA A 69 -0.39 -19.80 -17.45
N HIS A 70 0.61 -20.12 -16.63
CA HIS A 70 1.93 -20.61 -17.10
C HIS A 70 1.74 -21.99 -17.74
N SER A 71 1.03 -22.89 -17.06
CA SER A 71 0.72 -24.25 -17.55
C SER A 71 0.09 -24.12 -18.95
N GLN A 72 -0.88 -23.22 -19.05
CA GLN A 72 -1.66 -22.92 -20.28
C GLN A 72 -0.70 -22.38 -21.35
N THR A 73 0.15 -21.44 -20.95
CA THR A 73 1.10 -20.76 -21.86
C THR A 73 2.08 -21.79 -22.42
N HIS A 74 2.66 -22.63 -21.57
CA HIS A 74 3.72 -23.58 -22.01
C HIS A 74 3.10 -24.66 -22.90
N ARG A 75 1.88 -25.09 -22.60
CA ARG A 75 1.13 -26.03 -23.48
C ARG A 75 1.17 -25.49 -24.92
N VAL A 76 0.84 -24.22 -25.11
CA VAL A 76 0.84 -23.55 -26.44
C VAL A 76 2.29 -23.54 -26.97
N ASP A 77 3.25 -23.27 -26.09
CA ASP A 77 4.68 -23.14 -26.49
C ASP A 77 5.15 -24.43 -27.17
N LEU A 78 4.85 -25.61 -26.60
CA LEU A 78 5.27 -26.90 -27.21
C LEU A 78 4.66 -26.97 -28.62
N GLY A 79 3.39 -26.61 -28.76
CA GLY A 79 2.69 -26.60 -30.06
C GLY A 79 3.35 -25.63 -31.01
N THR A 80 3.70 -24.45 -30.51
CA THR A 80 4.34 -23.39 -31.32
C THR A 80 5.70 -23.90 -31.80
N LEU A 81 6.47 -24.55 -30.93
CA LEU A 81 7.85 -24.99 -31.26
C LEU A 81 7.79 -26.10 -32.31
N ARG A 82 6.93 -27.09 -32.10
CA ARG A 82 6.67 -28.18 -33.07
C ARG A 82 6.50 -27.54 -34.47
N GLY A 83 5.69 -26.49 -34.58
CA GLY A 83 5.47 -25.75 -35.84
C GLY A 83 6.73 -25.06 -36.32
N TYR A 84 7.45 -24.40 -35.40
CA TYR A 84 8.66 -23.61 -35.72
C TYR A 84 9.73 -24.51 -36.37
N TYR A 85 9.85 -25.75 -35.90
CA TYR A 85 10.96 -26.68 -36.28
C TYR A 85 10.45 -27.74 -37.25
N ASN A 86 9.18 -27.71 -37.66
CA ASN A 86 8.60 -28.68 -38.62
C ASN A 86 8.83 -30.11 -38.08
N GLN A 87 8.33 -30.39 -36.89
CA GLN A 87 8.47 -31.74 -36.28
C GLN A 87 7.08 -32.38 -36.16
N SER A 88 7.04 -33.69 -35.94
CA SER A 88 5.79 -34.49 -35.98
C SER A 88 5.15 -34.53 -34.59
N GLU A 89 3.83 -34.61 -34.55
CA GLU A 89 3.02 -34.64 -33.31
C GLU A 89 3.21 -35.99 -32.60
N ALA A 90 3.88 -36.95 -33.25
CA ALA A 90 4.05 -38.33 -32.71
C ALA A 90 5.00 -38.30 -31.51
N GLY A 91 6.13 -37.59 -31.64
CA GLY A 91 7.25 -37.62 -30.69
C GLY A 91 6.97 -36.80 -29.45
N SER A 92 7.52 -37.20 -28.31
CA SER A 92 7.46 -36.45 -27.03
C SER A 92 8.48 -35.29 -27.07
N HIS A 93 8.13 -34.17 -26.45
CA HIS A 93 9.05 -33.00 -26.34
C HIS A 93 8.94 -32.33 -24.98
N THR A 94 10.00 -31.64 -24.58
CA THR A 94 10.15 -31.05 -23.22
C THR A 94 10.45 -29.56 -23.36
N VAL A 95 9.79 -28.77 -22.53
CA VAL A 95 9.95 -27.29 -22.54
C VAL A 95 10.32 -26.86 -21.13
N GLN A 96 11.21 -25.89 -21.05
CA GLN A 96 11.85 -25.48 -19.78
C GLN A 96 12.03 -23.97 -19.79
N ARG A 97 11.49 -23.29 -18.78
CA ARG A 97 11.75 -21.84 -18.59
C ARG A 97 12.24 -21.64 -17.16
N MET A 98 13.11 -20.66 -17.00
CA MET A 98 13.62 -20.22 -15.69
C MET A 98 13.64 -18.69 -15.65
N TYR A 99 13.15 -18.10 -14.56
CA TYR A 99 13.42 -16.68 -14.25
C TYR A 99 13.59 -16.50 -12.74
N GLY A 100 14.20 -15.40 -12.34
CA GLY A 100 14.51 -15.19 -10.92
C GLY A 100 15.42 -14.01 -10.64
N CYS A 101 15.89 -13.92 -9.41
CA CYS A 101 16.53 -12.73 -8.82
C CYS A 101 17.89 -13.10 -8.24
N ASP A 102 18.75 -12.10 -8.16
CA ASP A 102 19.95 -12.11 -7.32
C ASP A 102 19.96 -10.81 -6.52
N VAL A 103 20.33 -10.89 -5.25
CA VAL A 103 20.66 -9.69 -4.43
C VAL A 103 22.00 -9.96 -3.74
N GLY A 104 22.83 -8.92 -3.59
CA GLY A 104 24.08 -8.98 -2.82
C GLY A 104 23.82 -9.06 -1.33
N SER A 105 24.87 -8.97 -0.52
CA SER A 105 24.79 -8.99 0.96
C SER A 105 24.11 -7.71 1.46
N ASP A 106 24.06 -6.67 0.65
CA ASP A 106 23.37 -5.41 1.01
C ASP A 106 21.88 -5.51 0.63
N TRP A 107 21.44 -6.66 0.12
CA TRP A 107 20.04 -6.92 -0.32
C TRP A 107 19.62 -5.97 -1.45
N ARG A 108 20.58 -5.26 -2.05
CA ARG A 108 20.32 -4.48 -3.27
C ARG A 108 20.32 -5.45 -4.47
N PHE A 109 19.47 -5.17 -5.45
CA PHE A 109 19.36 -5.97 -6.69
C PHE A 109 20.75 -6.18 -7.30
N LEU A 110 21.03 -7.39 -7.76
CA LEU A 110 22.31 -7.71 -8.44
C LEU A 110 22.08 -8.01 -9.93
N ARG A 111 21.25 -8.99 -10.27
CA ARG A 111 20.95 -9.29 -11.70
C ARG A 111 19.61 -10.02 -11.79
N GLY A 112 19.07 -10.07 -13.00
CA GLY A 112 17.76 -10.67 -13.32
C GLY A 112 17.92 -11.71 -14.40
N TYR A 113 17.02 -12.69 -14.41
CA TYR A 113 17.13 -13.86 -15.30
C TYR A 113 15.77 -14.12 -15.94
N HIS A 114 15.81 -14.60 -17.18
CA HIS A 114 14.64 -15.12 -17.93
C HIS A 114 15.17 -15.98 -19.07
N GLN A 115 15.20 -17.28 -18.87
CA GLN A 115 15.88 -18.19 -19.82
C GLN A 115 14.93 -19.33 -20.16
N TYR A 116 15.13 -19.90 -21.34
CA TYR A 116 14.18 -20.83 -21.97
C TYR A 116 14.96 -21.89 -22.74
N ALA A 117 14.47 -23.12 -22.71
CA ALA A 117 15.15 -24.28 -23.33
C ALA A 117 14.12 -25.23 -23.95
N TYR A 118 14.44 -25.76 -25.11
CA TYR A 118 13.63 -26.79 -25.81
C TYR A 118 14.38 -28.11 -25.84
N ASP A 119 13.88 -29.11 -25.13
CA ASP A 119 14.46 -30.48 -25.04
C ASP A 119 15.97 -30.40 -24.74
N GLY A 120 16.34 -29.46 -23.87
CA GLY A 120 17.64 -29.48 -23.19
C GLY A 120 18.61 -28.47 -23.76
N LYS A 121 18.30 -27.78 -24.86
CA LYS A 121 19.27 -26.81 -25.41
C LYS A 121 18.70 -25.41 -25.36
N ASP A 122 19.57 -24.44 -25.11
CA ASP A 122 19.22 -23.00 -24.96
C ASP A 122 18.40 -22.57 -26.17
N TYR A 123 17.19 -22.07 -25.93
CA TYR A 123 16.31 -21.51 -26.99
C TYR A 123 16.50 -20.00 -27.03
N ILE A 124 16.07 -19.31 -25.98
CA ILE A 124 16.17 -17.83 -25.88
C ILE A 124 16.41 -17.47 -24.43
N ALA A 125 17.15 -16.38 -24.22
CA ALA A 125 17.44 -15.84 -22.87
C ALA A 125 17.45 -14.33 -22.96
N LEU A 126 17.02 -13.65 -21.89
CA LEU A 126 17.14 -12.18 -21.76
C LEU A 126 18.54 -11.85 -21.24
N LYS A 127 19.20 -10.87 -21.85
CA LYS A 127 20.61 -10.52 -21.55
C LYS A 127 20.66 -9.85 -20.17
N GLU A 128 21.87 -9.76 -19.60
CA GLU A 128 22.15 -9.09 -18.32
C GLU A 128 21.54 -7.68 -18.35
N ASP A 129 21.44 -7.09 -19.54
CA ASP A 129 20.97 -5.72 -19.81
C ASP A 129 19.50 -5.56 -19.41
N LEU A 130 18.72 -6.66 -19.37
CA LEU A 130 17.25 -6.67 -19.09
C LEU A 130 16.50 -5.88 -20.17
N ARG A 131 17.00 -5.80 -21.40
CA ARG A 131 16.38 -4.95 -22.46
C ARG A 131 16.43 -5.61 -23.83
N SER A 132 16.90 -6.85 -23.93
CA SER A 132 17.29 -7.44 -25.24
C SER A 132 17.51 -8.94 -25.12
N TRP A 133 17.47 -9.65 -26.23
CA TRP A 133 17.38 -11.13 -26.22
C TRP A 133 18.53 -11.76 -27.01
N THR A 134 18.88 -12.99 -26.65
CA THR A 134 19.88 -13.82 -27.38
C THR A 134 19.19 -15.06 -27.92
N ALA A 135 18.85 -15.00 -29.21
CA ALA A 135 18.23 -16.09 -29.98
C ALA A 135 19.32 -16.99 -30.56
N ALA A 136 19.26 -18.27 -30.24
CA ALA A 136 20.13 -19.31 -30.83
C ALA A 136 19.75 -19.48 -32.32
N ASP A 137 18.60 -20.09 -32.60
CA ASP A 137 18.17 -20.55 -33.95
C ASP A 137 17.48 -19.43 -34.72
N MET A 138 17.02 -19.73 -35.93
CA MET A 138 16.02 -18.88 -36.62
C MET A 138 14.68 -18.98 -35.87
N ALA A 139 14.39 -20.15 -35.30
CA ALA A 139 13.16 -20.38 -34.52
C ALA A 139 13.11 -19.35 -33.38
N ALA A 140 14.17 -19.28 -32.57
CA ALA A 140 14.27 -18.31 -31.46
C ALA A 140 14.27 -16.89 -32.02
N GLN A 141 14.82 -16.70 -33.22
CA GLN A 141 14.87 -15.36 -33.88
C GLN A 141 13.44 -14.85 -34.12
N THR A 142 12.49 -15.74 -34.44
CA THR A 142 11.08 -15.36 -34.69
C THR A 142 10.42 -15.03 -33.36
N THR A 143 10.70 -15.83 -32.32
CA THR A 143 10.27 -15.54 -30.93
C THR A 143 10.83 -14.17 -30.54
N LYS A 144 12.05 -13.86 -30.96
CA LYS A 144 12.73 -12.59 -30.58
C LYS A 144 11.89 -11.41 -31.09
N HIS A 145 11.57 -11.36 -32.39
CA HIS A 145 10.75 -10.27 -32.99
C HIS A 145 9.38 -10.19 -32.30
N LYS A 146 8.80 -11.33 -31.97
CA LYS A 146 7.42 -11.36 -31.42
C LYS A 146 7.44 -10.59 -30.09
N TRP A 147 8.49 -10.82 -29.31
CA TRP A 147 8.64 -10.23 -27.96
C TRP A 147 9.02 -8.76 -28.09
N GLU A 148 9.85 -8.40 -29.08
CA GLU A 148 10.27 -6.99 -29.29
C GLU A 148 9.04 -6.17 -29.67
N ALA A 149 8.16 -6.73 -30.52
CA ALA A 149 6.93 -6.04 -30.98
C ALA A 149 6.01 -5.80 -29.79
N ALA A 150 5.85 -6.79 -28.91
CA ALA A 150 4.96 -6.71 -27.71
C ALA A 150 5.57 -5.83 -26.62
N HIS A 151 6.90 -5.63 -26.58
CA HIS A 151 7.61 -4.93 -25.48
C HIS A 151 7.54 -5.76 -24.19
N VAL A 152 7.99 -7.00 -24.24
CA VAL A 152 8.00 -7.92 -23.07
C VAL A 152 8.91 -7.35 -21.98
N ALA A 153 10.14 -6.95 -22.35
CA ALA A 153 11.22 -6.52 -21.43
C ALA A 153 10.68 -5.51 -20.42
N GLU A 154 9.96 -4.50 -20.94
CA GLU A 154 9.44 -3.34 -20.17
C GLU A 154 9.11 -3.73 -18.72
N GLN A 155 8.09 -4.58 -18.51
CA GLN A 155 7.62 -4.88 -17.14
C GLN A 155 8.34 -6.13 -16.62
N LEU A 156 8.76 -7.04 -17.50
CA LEU A 156 9.61 -8.18 -17.06
C LEU A 156 10.87 -7.64 -16.35
N ARG A 157 11.48 -6.58 -16.90
CA ARG A 157 12.63 -5.92 -16.24
C ARG A 157 12.14 -5.36 -14.90
N ALA A 158 10.96 -4.70 -14.88
CA ALA A 158 10.41 -4.07 -13.67
C ALA A 158 10.13 -5.14 -12.62
N TYR A 159 9.70 -6.33 -13.04
CA TYR A 159 9.42 -7.45 -12.12
C TYR A 159 10.74 -7.92 -11.50
N LEU A 160 11.74 -8.22 -12.33
CA LEU A 160 13.03 -8.81 -11.84
C LEU A 160 13.79 -7.75 -11.02
N GLU A 161 13.70 -6.49 -11.39
CA GLU A 161 14.38 -5.40 -10.64
C GLU A 161 13.56 -5.06 -9.39
N GLY A 162 12.24 -5.26 -9.44
CA GLY A 162 11.31 -4.71 -8.45
C GLY A 162 10.62 -5.79 -7.63
N THR A 163 9.49 -6.28 -8.13
CA THR A 163 8.60 -7.21 -7.37
C THR A 163 9.39 -8.46 -6.96
N CYS A 164 10.13 -9.06 -7.88
CA CYS A 164 10.90 -10.29 -7.59
C CYS A 164 11.86 -10.00 -6.44
N VAL A 165 12.56 -8.88 -6.49
CA VAL A 165 13.57 -8.46 -5.46
C VAL A 165 12.84 -8.17 -4.15
N GLU A 166 11.74 -7.42 -4.23
CA GLU A 166 10.94 -6.97 -3.06
C GLU A 166 10.51 -8.19 -2.25
N TRP A 167 10.07 -9.26 -2.93
CA TRP A 167 9.43 -10.43 -2.29
C TRP A 167 10.49 -11.40 -1.80
N LEU A 168 11.66 -11.44 -2.46
CA LEU A 168 12.77 -12.31 -2.00
C LEU A 168 13.23 -11.82 -0.63
N ARG A 169 13.26 -10.51 -0.43
CA ARG A 169 13.69 -9.92 0.87
C ARG A 169 12.63 -10.26 1.93
N ARG A 170 11.35 -10.14 1.59
CA ARG A 170 10.26 -10.47 2.53
C ARG A 170 10.38 -11.95 2.92
N TYR A 171 10.70 -12.82 1.97
CA TYR A 171 10.90 -14.26 2.25
C TYR A 171 12.10 -14.44 3.17
N LEU A 172 13.18 -13.69 2.95
CA LEU A 172 14.40 -13.81 3.79
C LEU A 172 14.09 -13.34 5.22
N GLU A 173 13.23 -12.33 5.39
CA GLU A 173 12.82 -11.85 6.74
C GLU A 173 11.94 -12.92 7.40
N ASN A 174 10.97 -13.45 6.67
CA ASN A 174 9.95 -14.37 7.25
C ASN A 174 10.60 -15.70 7.62
N GLY A 175 11.41 -16.25 6.72
CA GLY A 175 12.05 -17.58 6.89
C GLY A 175 13.53 -17.45 7.27
N LYS A 176 13.91 -16.39 7.98
CA LYS A 176 15.33 -16.09 8.30
C LYS A 176 15.94 -17.26 9.09
N GLU A 177 15.16 -17.99 9.88
CA GLU A 177 15.69 -19.09 10.72
C GLU A 177 16.23 -20.20 9.80
N THR A 178 15.55 -20.47 8.67
CA THR A 178 15.97 -21.51 7.69
C THR A 178 16.82 -20.91 6.58
N LEU A 179 16.50 -19.72 6.07
CA LEU A 179 17.16 -19.17 4.85
C LEU A 179 18.51 -18.53 5.20
N GLN A 180 18.58 -17.72 6.25
CA GLN A 180 19.79 -16.91 6.57
C GLN A 180 20.79 -17.75 7.37
N ARG A 181 20.46 -19.01 7.70
CA ARG A 181 21.36 -19.86 8.50
C ARG A 181 22.50 -20.38 7.60
N THR A 182 23.55 -20.89 8.22
CA THR A 182 24.76 -21.39 7.53
C THR A 182 25.27 -22.63 8.28
N ASP A 183 24.78 -23.81 7.92
CA ASP A 183 25.18 -25.10 8.57
C ASP A 183 26.53 -25.55 8.01
N ALA A 184 27.56 -25.55 8.85
CA ALA A 184 28.94 -25.92 8.47
C ALA A 184 29.03 -27.44 8.35
N PRO A 185 29.78 -27.96 7.35
CA PRO A 185 29.85 -29.39 7.10
C PRO A 185 30.45 -30.21 8.26
N LYS A 186 29.84 -31.35 8.55
CA LYS A 186 30.34 -32.32 9.55
C LYS A 186 31.27 -33.30 8.82
N THR A 187 32.56 -32.99 8.78
CA THR A 187 33.56 -33.78 8.01
C THR A 187 34.11 -34.89 8.89
N HIS A 188 34.23 -36.08 8.31
CA HIS A 188 35.11 -37.16 8.85
C HIS A 188 35.77 -37.84 7.64
N MET A 189 36.45 -38.94 7.87
CA MET A 189 36.92 -39.75 6.73
C MET A 189 36.99 -41.22 7.11
N THR A 190 36.91 -42.09 6.10
CA THR A 190 36.85 -43.55 6.26
C THR A 190 37.94 -44.21 5.44
N HIS A 191 38.35 -45.42 5.84
CA HIS A 191 39.45 -46.18 5.21
C HIS A 191 38.96 -47.62 4.99
N HIS A 192 38.66 -47.97 3.75
CA HIS A 192 38.35 -49.36 3.35
C HIS A 192 39.50 -49.92 2.52
N ALA A 193 40.03 -51.05 2.98
CA ALA A 193 41.05 -51.86 2.30
C ALA A 193 40.37 -52.68 1.19
N VAL A 194 40.56 -52.30 -0.07
CA VAL A 194 40.09 -53.05 -1.28
C VAL A 194 40.76 -54.42 -1.30
N SER A 195 41.97 -54.50 -0.73
CA SER A 195 42.84 -55.71 -0.69
C SER A 195 44.12 -55.36 0.08
N ASP A 196 45.10 -56.25 0.06
CA ASP A 196 46.50 -55.94 0.44
C ASP A 196 47.17 -55.41 -0.80
N HIS A 197 47.78 -54.23 -0.73
CA HIS A 197 48.40 -53.61 -1.93
C HIS A 197 47.56 -52.39 -2.33
N GLU A 198 46.34 -52.20 -1.82
CA GLU A 198 45.50 -51.03 -2.21
C GLU A 198 44.53 -50.69 -1.10
N ALA A 199 43.99 -49.47 -1.14
CA ALA A 199 43.07 -48.94 -0.11
C ALA A 199 42.37 -47.71 -0.64
N THR A 200 41.17 -47.46 -0.13
CA THR A 200 40.33 -46.30 -0.50
C THR A 200 40.25 -45.35 0.68
N LEU A 201 40.39 -44.06 0.40
CA LEU A 201 40.29 -42.99 1.43
C LEU A 201 39.12 -42.09 1.05
N ARG A 202 38.01 -42.18 1.77
CA ARG A 202 36.78 -41.41 1.45
C ARG A 202 36.70 -40.19 2.38
N CYS A 203 36.54 -39.01 1.80
CA CYS A 203 36.51 -37.72 2.52
C CYS A 203 35.06 -37.24 2.61
N TRP A 204 34.48 -37.28 3.80
CA TRP A 204 33.03 -37.01 4.02
C TRP A 204 32.78 -35.51 4.28
N ALA A 205 31.58 -35.05 3.93
CA ALA A 205 31.05 -33.73 4.35
C ALA A 205 29.53 -33.86 4.43
N LEU A 206 28.95 -33.68 5.61
CA LEU A 206 27.52 -33.99 5.86
C LEU A 206 26.82 -32.81 6.52
N SER A 207 25.49 -32.78 6.38
CA SER A 207 24.59 -31.86 7.11
C SER A 207 25.04 -30.41 6.95
N PHE A 208 25.27 -29.97 5.71
CA PHE A 208 25.71 -28.58 5.43
C PHE A 208 24.70 -27.91 4.51
N TYR A 209 24.56 -26.59 4.70
CA TYR A 209 23.73 -25.68 3.89
C TYR A 209 24.43 -24.33 3.86
N PRO A 210 24.45 -23.61 2.71
CA PRO A 210 23.90 -24.10 1.45
C PRO A 210 24.73 -25.18 0.75
N ALA A 211 24.28 -25.63 -0.43
CA ALA A 211 24.84 -26.80 -1.14
C ALA A 211 26.23 -26.52 -1.70
N GLU A 212 26.63 -25.25 -1.86
CA GLU A 212 27.94 -24.91 -2.48
C GLU A 212 29.06 -25.34 -1.56
N ILE A 213 29.98 -26.16 -2.08
CA ILE A 213 31.08 -26.79 -1.30
C ILE A 213 32.16 -27.25 -2.28
N THR A 214 33.39 -27.36 -1.81
CA THR A 214 34.54 -27.85 -2.62
C THR A 214 35.30 -28.91 -1.82
N LEU A 215 35.46 -30.09 -2.41
CA LEU A 215 36.35 -31.17 -1.90
C LEU A 215 37.47 -31.37 -2.91
N THR A 216 38.73 -31.29 -2.48
CA THR A 216 39.91 -31.57 -3.34
C THR A 216 40.89 -32.46 -2.59
N TRP A 217 41.48 -33.42 -3.31
CA TRP A 217 42.46 -34.39 -2.76
C TRP A 217 43.87 -33.98 -3.17
N GLN A 218 44.76 -33.78 -2.21
CA GLN A 218 46.19 -33.47 -2.46
C GLN A 218 47.06 -34.70 -2.14
N ARG A 219 48.07 -34.98 -2.96
CA ARG A 219 49.13 -35.98 -2.67
C ARG A 219 50.43 -35.22 -2.32
N ASP A 220 50.70 -35.05 -1.01
CA ASP A 220 51.88 -34.31 -0.47
C ASP A 220 51.73 -32.82 -0.78
N GLY A 221 50.57 -32.24 -0.43
CA GLY A 221 50.27 -30.81 -0.61
C GLY A 221 50.25 -30.39 -2.07
N GLU A 222 50.02 -31.34 -3.00
CA GLU A 222 49.93 -31.04 -4.45
C GLU A 222 48.67 -31.69 -5.03
N ASP A 223 47.80 -30.88 -5.63
CA ASP A 223 46.44 -31.26 -6.13
C ASP A 223 46.57 -32.51 -6.99
N GLN A 224 45.72 -33.52 -6.74
CA GLN A 224 45.63 -34.74 -7.58
C GLN A 224 44.19 -34.94 -8.04
N THR A 225 43.92 -34.87 -9.35
CA THR A 225 42.61 -35.20 -9.95
C THR A 225 42.68 -36.59 -10.57
N GLN A 226 43.82 -37.28 -10.44
CA GLN A 226 44.03 -38.62 -11.05
C GLN A 226 43.52 -39.70 -10.08
N ASP A 227 42.65 -40.59 -10.54
CA ASP A 227 42.05 -41.67 -9.71
C ASP A 227 41.44 -41.01 -8.47
N THR A 228 40.62 -39.97 -8.66
CA THR A 228 39.70 -39.45 -7.62
C THR A 228 38.27 -39.89 -7.98
N GLU A 229 37.31 -39.66 -7.10
CA GLU A 229 35.88 -39.76 -7.46
C GLU A 229 35.12 -38.65 -6.75
N LEU A 230 34.45 -37.80 -7.54
CA LEU A 230 33.63 -36.68 -7.04
C LEU A 230 32.16 -37.01 -7.34
N VAL A 231 31.36 -37.23 -6.30
CA VAL A 231 29.90 -37.48 -6.50
C VAL A 231 29.22 -36.12 -6.56
N GLU A 232 28.11 -36.05 -7.30
CA GLU A 232 27.20 -34.87 -7.31
C GLU A 232 26.81 -34.55 -5.88
N THR A 233 26.80 -33.27 -5.52
CA THR A 233 26.26 -32.83 -4.21
C THR A 233 24.82 -33.33 -4.11
N ARG A 234 24.46 -33.96 -3.00
CA ARG A 234 23.16 -34.66 -2.89
C ARG A 234 22.41 -34.14 -1.66
N PRO A 235 21.08 -33.98 -1.74
CA PRO A 235 20.28 -33.54 -0.60
C PRO A 235 20.04 -34.68 0.39
N ALA A 236 20.19 -34.39 1.68
CA ALA A 236 19.95 -35.37 2.77
C ALA A 236 18.45 -35.66 2.86
N GLY A 237 17.62 -34.65 2.54
CA GLY A 237 16.15 -34.74 2.54
C GLY A 237 15.54 -33.91 3.66
N ASP A 238 16.36 -33.39 4.58
CA ASP A 238 15.90 -32.62 5.77
C ASP A 238 16.42 -31.17 5.70
N GLY A 239 16.73 -30.70 4.48
CA GLY A 239 17.15 -29.31 4.22
C GLY A 239 18.67 -29.17 4.23
N THR A 240 19.39 -30.25 4.49
CA THR A 240 20.87 -30.23 4.48
C THR A 240 21.39 -31.03 3.28
N PHE A 241 22.68 -30.97 3.04
CA PHE A 241 23.32 -31.60 1.87
C PHE A 241 24.50 -32.45 2.33
N GLN A 242 24.89 -33.37 1.46
CA GLN A 242 26.05 -34.27 1.68
C GLN A 242 26.90 -34.25 0.41
N LYS A 243 28.21 -34.39 0.59
CA LYS A 243 29.13 -34.65 -0.54
C LYS A 243 30.35 -35.38 0.00
N TRP A 244 30.92 -36.26 -0.81
CA TRP A 244 32.18 -36.93 -0.44
C TRP A 244 33.05 -37.08 -1.68
N ALA A 245 34.35 -37.03 -1.46
CA ALA A 245 35.39 -37.30 -2.46
C ALA A 245 36.23 -38.48 -1.97
N ALA A 246 36.48 -39.44 -2.85
CA ALA A 246 37.30 -40.63 -2.52
C ALA A 246 38.55 -40.66 -3.39
N VAL A 247 39.57 -41.35 -2.92
CA VAL A 247 40.79 -41.61 -3.73
C VAL A 247 41.30 -43.00 -3.39
N VAL A 248 41.66 -43.74 -4.43
CA VAL A 248 42.25 -45.09 -4.28
C VAL A 248 43.75 -44.91 -4.19
N VAL A 249 44.37 -45.46 -3.15
CA VAL A 249 45.80 -45.18 -2.85
C VAL A 249 46.51 -46.50 -2.58
N PRO A 250 47.84 -46.52 -2.83
CA PRO A 250 48.70 -47.61 -2.38
C PRO A 250 48.64 -47.74 -0.85
N SER A 251 48.46 -48.96 -0.35
CA SER A 251 48.52 -49.30 1.10
C SER A 251 49.84 -48.80 1.71
N GLY A 252 49.80 -48.43 2.99
CA GLY A 252 50.97 -47.87 3.69
C GLY A 252 51.08 -46.37 3.49
N GLN A 253 51.03 -45.87 2.24
CA GLN A 253 51.15 -44.42 1.94
C GLN A 253 49.79 -43.74 2.15
N GLU A 254 49.22 -43.86 3.34
CA GLU A 254 47.86 -43.30 3.65
C GLU A 254 47.99 -41.84 4.07
N GLN A 255 48.95 -41.55 4.95
CA GLN A 255 49.10 -40.20 5.57
C GLN A 255 49.91 -39.29 4.63
N ARG A 256 50.10 -39.67 3.37
CA ARG A 256 50.69 -38.78 2.33
C ARG A 256 49.59 -37.93 1.69
N TYR A 257 48.32 -38.27 1.93
CA TYR A 257 47.17 -37.64 1.24
C TYR A 257 46.40 -36.71 2.19
N THR A 258 45.95 -35.57 1.68
CA THR A 258 45.16 -34.56 2.43
C THR A 258 43.93 -34.13 1.63
N CYS A 259 42.79 -34.02 2.29
CA CYS A 259 41.50 -33.60 1.70
C CYS A 259 41.18 -32.17 2.15
N HIS A 260 41.05 -31.26 1.19
CA HIS A 260 40.79 -29.80 1.36
C HIS A 260 39.28 -29.52 1.24
N VAL A 261 38.66 -28.94 2.27
CA VAL A 261 37.20 -28.62 2.25
C VAL A 261 37.03 -27.10 2.24
N GLN A 262 36.16 -26.58 1.37
CA GLN A 262 35.84 -25.13 1.34
C GLN A 262 34.33 -24.97 1.43
N HIS A 263 33.88 -24.13 2.37
CA HIS A 263 32.45 -23.86 2.59
C HIS A 263 32.32 -22.45 3.17
N GLU A 264 31.16 -21.83 3.01
CA GLU A 264 30.94 -20.43 3.46
C GLU A 264 30.82 -20.42 4.98
N GLY A 265 30.24 -21.46 5.58
CA GLY A 265 30.08 -21.62 7.04
C GLY A 265 31.38 -21.92 7.75
N LEU A 266 32.38 -22.41 7.01
CA LEU A 266 33.73 -22.69 7.57
C LEU A 266 34.56 -21.41 7.54
N PRO A 267 34.97 -20.88 8.73
CA PRO A 267 35.80 -19.67 8.80
C PRO A 267 37.05 -19.71 7.92
N LYS A 268 37.70 -20.87 7.78
CA LYS A 268 38.76 -21.09 6.75
C LYS A 268 38.87 -22.58 6.45
N PRO A 269 39.32 -22.96 5.23
CA PRO A 269 39.21 -24.34 4.75
C PRO A 269 39.91 -25.42 5.60
N LEU A 270 39.11 -26.28 6.24
CA LEU A 270 39.62 -27.47 6.99
C LEU A 270 40.33 -28.42 6.03
N THR A 271 41.45 -28.95 6.47
CA THR A 271 42.22 -30.00 5.76
C THR A 271 42.16 -31.28 6.60
N LEU A 272 42.08 -32.43 5.95
CA LEU A 272 41.88 -33.74 6.63
C LEU A 272 42.99 -34.71 6.23
N ARG A 273 43.52 -35.46 7.20
CA ARG A 273 44.59 -36.47 7.00
C ARG A 273 44.33 -37.67 7.90
N TRP A 274 44.71 -38.87 7.44
CA TRP A 274 44.24 -40.16 8.02
C TRP A 274 44.81 -40.32 9.43
N GLU A 275 44.03 -39.93 10.45
CA GLU A 275 44.38 -39.99 11.90
C GLU A 275 45.88 -39.72 12.10
N MET B 1 17.66 -33.64 -30.20
CA MET B 1 17.21 -34.25 -28.91
C MET B 1 18.45 -34.57 -28.06
N ILE B 2 18.93 -33.59 -27.30
CA ILE B 2 20.20 -33.70 -26.52
C ILE B 2 19.91 -34.57 -25.30
N GLN B 3 20.25 -35.86 -25.34
CA GLN B 3 19.88 -36.82 -24.26
C GLN B 3 21.07 -37.03 -23.33
N ARG B 4 20.79 -37.39 -22.07
CA ARG B 4 21.79 -37.43 -20.98
C ARG B 4 21.46 -38.61 -20.06
N THR B 5 22.48 -39.22 -19.48
CA THR B 5 22.37 -40.40 -18.60
C THR B 5 22.19 -39.95 -17.16
N PRO B 6 21.27 -40.56 -16.39
CA PRO B 6 21.17 -40.26 -14.96
C PRO B 6 22.42 -40.66 -14.18
N LYS B 7 22.80 -39.84 -13.21
CA LYS B 7 23.89 -40.12 -12.24
C LYS B 7 23.24 -40.46 -10.90
N ILE B 8 23.24 -41.74 -10.55
CA ILE B 8 22.44 -42.31 -9.43
C ILE B 8 23.32 -42.40 -8.18
N GLN B 9 22.72 -42.18 -7.01
CA GLN B 9 23.39 -42.33 -5.70
C GLN B 9 22.36 -42.87 -4.72
N VAL B 10 22.79 -43.80 -3.88
CA VAL B 10 21.91 -44.40 -2.83
C VAL B 10 22.60 -44.28 -1.48
N TYR B 11 21.84 -43.88 -0.48
CA TYR B 11 22.39 -43.47 0.83
C TYR B 11 21.25 -43.22 1.80
N SER B 12 21.61 -43.13 3.06
CA SER B 12 20.68 -42.83 4.18
C SER B 12 20.78 -41.35 4.52
N ARG B 13 19.75 -40.83 5.16
CA ARG B 13 19.66 -39.41 5.57
C ARG B 13 20.66 -39.17 6.71
N HIS B 14 20.66 -40.05 7.72
CA HIS B 14 21.53 -39.96 8.92
C HIS B 14 22.53 -41.11 8.94
N PRO B 15 23.58 -41.06 9.78
CA PRO B 15 24.40 -42.24 10.05
C PRO B 15 23.59 -43.53 10.24
N ALA B 16 23.88 -44.55 9.45
CA ALA B 16 23.18 -45.86 9.44
C ALA B 16 23.51 -46.63 10.72
N GLU B 17 22.51 -46.99 11.51
CA GLU B 17 22.65 -47.89 12.68
C GLU B 17 21.61 -49.01 12.58
N ASN B 18 22.03 -50.27 12.81
CA ASN B 18 21.13 -51.46 12.75
C ASN B 18 20.00 -51.29 13.76
N GLY B 19 18.75 -51.26 13.28
CA GLY B 19 17.55 -51.10 14.11
C GLY B 19 17.36 -49.67 14.59
N LYS B 20 17.54 -48.69 13.71
CA LYS B 20 17.27 -47.26 14.02
C LYS B 20 16.47 -46.64 12.88
N SER B 21 15.48 -45.80 13.23
CA SER B 21 14.60 -45.09 12.27
C SER B 21 15.44 -44.14 11.41
N ASN B 22 15.43 -44.35 10.09
CA ASN B 22 16.23 -43.54 9.14
C ASN B 22 15.48 -43.48 7.79
N PHE B 23 15.93 -42.58 6.92
CA PHE B 23 15.35 -42.44 5.56
C PHE B 23 16.37 -42.91 4.53
N LEU B 24 15.87 -43.62 3.52
CA LEU B 24 16.72 -44.16 2.43
C LEU B 24 16.50 -43.31 1.18
N ASN B 25 17.53 -42.60 0.75
CA ASN B 25 17.44 -41.66 -0.40
C ASN B 25 18.02 -42.32 -1.66
N CYS B 26 17.44 -41.99 -2.81
CA CYS B 26 18.04 -42.27 -4.14
C CYS B 26 17.98 -41.00 -4.97
N TYR B 27 19.14 -40.38 -5.18
CA TYR B 27 19.28 -39.11 -5.91
C TYR B 27 19.69 -39.38 -7.36
N VAL B 28 18.80 -39.03 -8.29
CA VAL B 28 19.11 -39.03 -9.75
C VAL B 28 19.34 -37.58 -10.17
N SER B 29 20.40 -37.32 -10.92
CA SER B 29 20.74 -35.96 -11.40
C SER B 29 21.28 -36.03 -12.82
N GLY B 30 21.28 -34.88 -13.50
CA GLY B 30 22.01 -34.69 -14.77
C GLY B 30 21.30 -35.30 -15.96
N PHE B 31 20.11 -35.87 -15.79
CA PHE B 31 19.46 -36.65 -16.87
C PHE B 31 18.52 -35.76 -17.68
N HIS B 32 18.21 -36.24 -18.90
CA HIS B 32 17.34 -35.56 -19.89
C HIS B 32 17.00 -36.57 -20.98
N PRO B 33 15.71 -36.78 -21.34
CA PRO B 33 14.58 -36.04 -20.79
C PRO B 33 14.09 -36.41 -19.38
N SER B 34 13.10 -35.64 -18.92
CA SER B 34 12.54 -35.71 -17.54
C SER B 34 12.00 -37.12 -17.27
N ASP B 35 11.40 -37.77 -18.26
CA ASP B 35 10.74 -39.09 -18.12
C ASP B 35 11.73 -40.13 -17.57
N ILE B 36 11.42 -40.72 -16.43
CA ILE B 36 12.34 -41.64 -15.70
C ILE B 36 11.53 -42.54 -14.78
N GLU B 37 11.98 -43.79 -14.63
CA GLU B 37 11.43 -44.76 -13.64
C GLU B 37 12.43 -44.89 -12.49
N VAL B 38 11.94 -44.78 -11.27
CA VAL B 38 12.78 -44.96 -10.05
C VAL B 38 11.97 -45.72 -9.01
N ASP B 39 12.49 -46.85 -8.57
CA ASP B 39 11.90 -47.63 -7.46
C ASP B 39 13.00 -47.95 -6.46
N LEU B 40 12.64 -48.09 -5.19
CA LEU B 40 13.58 -48.54 -4.14
C LEU B 40 13.31 -50.00 -3.84
N LEU B 41 14.37 -50.78 -3.72
CA LEU B 41 14.27 -52.25 -3.54
C LEU B 41 14.63 -52.65 -2.11
N LYS B 42 13.81 -53.52 -1.52
CA LYS B 42 14.12 -54.22 -0.26
C LYS B 42 14.21 -55.72 -0.58
N ASN B 43 15.44 -56.21 -0.75
CA ASN B 43 15.73 -57.63 -1.11
C ASN B 43 15.17 -57.89 -2.52
N GLY B 44 15.61 -57.08 -3.48
CA GLY B 44 15.15 -57.10 -4.88
C GLY B 44 13.62 -57.06 -4.95
N GLU B 45 12.98 -56.28 -4.08
CA GLU B 45 11.49 -56.18 -4.03
C GLU B 45 11.06 -54.72 -3.87
N ARG B 46 10.15 -54.27 -4.71
CA ARG B 46 9.71 -52.84 -4.77
C ARG B 46 9.00 -52.45 -3.47
N ILE B 47 9.34 -51.29 -2.90
CA ILE B 47 8.72 -50.76 -1.65
C ILE B 47 7.57 -49.84 -2.07
N GLU B 48 6.52 -49.74 -1.25
CA GLU B 48 5.24 -49.11 -1.67
C GLU B 48 5.26 -47.63 -1.32
N LYS B 49 5.38 -47.30 -0.02
CA LYS B 49 5.27 -45.91 0.50
C LYS B 49 6.55 -45.14 0.13
N VAL B 50 6.75 -44.84 -1.14
CA VAL B 50 7.99 -44.19 -1.65
C VAL B 50 7.59 -42.87 -2.29
N GLU B 51 7.84 -41.77 -1.59
CA GLU B 51 7.58 -40.41 -2.13
C GLU B 51 8.72 -40.02 -3.08
N HIS B 52 8.61 -38.84 -3.67
CA HIS B 52 9.65 -38.29 -4.57
C HIS B 52 9.53 -36.78 -4.61
N SER B 53 10.67 -36.11 -4.72
CA SER B 53 10.77 -34.63 -4.78
C SER B 53 10.06 -34.11 -6.04
N ASP B 54 9.85 -32.81 -6.08
CA ASP B 54 9.22 -32.14 -7.25
C ASP B 54 10.30 -31.92 -8.30
N LEU B 55 9.92 -32.07 -9.56
CA LEU B 55 10.92 -32.05 -10.65
C LEU B 55 11.43 -30.63 -10.88
N SER B 56 12.69 -30.42 -10.52
CA SER B 56 13.44 -29.19 -10.82
C SER B 56 14.65 -29.55 -11.67
N PHE B 57 15.46 -28.57 -12.02
CA PHE B 57 16.64 -28.79 -12.89
C PHE B 57 17.72 -27.77 -12.57
N SER B 58 18.88 -27.97 -13.17
CA SER B 58 20.15 -27.27 -12.84
C SER B 58 20.44 -26.19 -13.89
N LYS B 59 21.60 -25.55 -13.81
CA LYS B 59 22.00 -24.45 -14.72
C LYS B 59 21.92 -24.95 -16.16
N ASP B 60 22.35 -26.20 -16.41
CA ASP B 60 22.50 -26.75 -17.79
C ASP B 60 21.21 -27.42 -18.23
N TRP B 61 20.10 -27.25 -17.49
CA TRP B 61 18.74 -27.71 -17.86
C TRP B 61 18.57 -29.20 -17.56
N SER B 62 19.53 -29.85 -16.91
CA SER B 62 19.44 -31.29 -16.58
C SER B 62 18.62 -31.48 -15.31
N PHE B 63 17.72 -32.46 -15.33
CA PHE B 63 16.72 -32.66 -14.24
C PHE B 63 17.38 -33.40 -13.09
N TYR B 64 16.87 -33.18 -11.88
CA TYR B 64 17.29 -33.93 -10.66
C TYR B 64 16.08 -34.19 -9.77
N LEU B 65 16.03 -35.40 -9.21
CA LEU B 65 14.90 -35.86 -8.36
C LEU B 65 15.42 -36.70 -7.20
N LEU B 66 14.68 -36.66 -6.10
CA LEU B 66 15.02 -37.42 -4.88
C LEU B 66 13.86 -38.35 -4.56
N TYR B 67 14.12 -39.64 -4.58
CA TYR B 67 13.16 -40.69 -4.13
C TYR B 67 13.62 -41.19 -2.77
N TYR B 68 12.74 -41.09 -1.78
CA TYR B 68 13.09 -41.36 -0.37
C TYR B 68 11.92 -42.10 0.30
N THR B 69 12.21 -42.76 1.42
CA THR B 69 11.21 -43.50 2.23
C THR B 69 11.74 -43.73 3.64
N GLU B 70 10.81 -43.83 4.59
CA GLU B 70 11.09 -44.15 6.00
C GLU B 70 11.38 -45.64 6.09
N PHE B 71 12.50 -46.03 6.73
CA PHE B 71 12.87 -47.45 6.88
C PHE B 71 13.74 -47.65 8.12
N THR B 72 13.95 -48.92 8.46
CA THR B 72 14.81 -49.35 9.58
C THR B 72 15.64 -50.55 9.13
N PRO B 73 16.95 -50.38 8.93
CA PRO B 73 17.80 -51.49 8.47
C PRO B 73 18.33 -52.37 9.60
N THR B 74 18.24 -53.70 9.43
CA THR B 74 18.94 -54.69 10.27
C THR B 74 20.24 -55.09 9.55
N GLU B 75 20.97 -56.06 10.09
CA GLU B 75 22.28 -56.51 9.59
C GLU B 75 22.12 -57.29 8.28
N LYS B 76 20.91 -57.74 7.92
CA LYS B 76 20.73 -58.76 6.86
C LYS B 76 20.24 -58.16 5.53
N ASP B 77 19.31 -57.19 5.57
CA ASP B 77 18.48 -56.85 4.38
C ASP B 77 19.29 -56.05 3.36
N GLU B 78 18.97 -56.24 2.08
CA GLU B 78 19.70 -55.63 0.94
C GLU B 78 18.80 -54.52 0.35
N TYR B 79 19.33 -53.30 0.25
CA TYR B 79 18.60 -52.16 -0.38
C TYR B 79 19.31 -51.73 -1.65
N ALA B 80 18.55 -51.25 -2.63
CA ALA B 80 19.07 -50.79 -3.93
C ALA B 80 18.06 -49.85 -4.59
N CYS B 81 18.38 -49.36 -5.78
CA CYS B 81 17.58 -48.38 -6.53
C CYS B 81 17.44 -48.86 -7.99
N ARG B 82 16.23 -49.20 -8.40
CA ARG B 82 15.96 -49.62 -9.81
C ARG B 82 15.63 -48.38 -10.63
N VAL B 83 16.39 -48.16 -11.70
CA VAL B 83 16.25 -46.93 -12.53
C VAL B 83 16.32 -47.31 -14.01
N ASN B 84 15.30 -46.93 -14.76
CA ASN B 84 15.31 -47.06 -16.24
C ASN B 84 15.08 -45.70 -16.88
N HIS B 85 15.73 -45.46 -18.02
CA HIS B 85 15.66 -44.18 -18.76
C HIS B 85 15.58 -44.49 -20.25
N VAL B 86 15.46 -43.45 -21.06
CA VAL B 86 15.64 -43.57 -22.54
C VAL B 86 17.11 -43.90 -22.80
N THR B 87 18.03 -43.32 -22.02
CA THR B 87 19.49 -43.55 -22.15
C THR B 87 19.81 -45.02 -21.88
N LEU B 88 19.25 -45.59 -20.82
CA LEU B 88 19.57 -46.98 -20.40
C LEU B 88 18.78 -47.95 -21.26
N SER B 89 19.47 -48.76 -22.07
CA SER B 89 18.88 -49.85 -22.87
C SER B 89 18.38 -50.96 -21.94
N GLN B 90 18.89 -51.02 -20.71
CA GLN B 90 18.51 -52.06 -19.71
C GLN B 90 18.27 -51.37 -18.37
N PRO B 91 17.54 -52.01 -17.41
CA PRO B 91 17.44 -51.46 -16.06
C PRO B 91 18.78 -51.54 -15.33
N LYS B 92 19.12 -50.48 -14.60
CA LYS B 92 20.30 -50.47 -13.69
C LYS B 92 19.83 -50.51 -12.23
N ILE B 93 20.56 -51.23 -11.40
CA ILE B 93 20.33 -51.29 -9.94
C ILE B 93 21.64 -50.91 -9.24
N VAL B 94 21.61 -49.83 -8.48
CA VAL B 94 22.75 -49.41 -7.63
C VAL B 94 22.44 -49.87 -6.20
N LYS B 95 23.32 -50.67 -5.62
CA LYS B 95 23.06 -51.30 -4.30
C LYS B 95 23.40 -50.28 -3.21
N TRP B 96 22.63 -50.28 -2.13
CA TRP B 96 22.92 -49.44 -0.94
C TRP B 96 24.26 -49.90 -0.34
N ASP B 97 25.11 -48.94 -0.02
CA ASP B 97 26.39 -49.22 0.68
C ASP B 97 26.39 -48.42 1.97
N ARG B 98 26.76 -49.06 3.08
CA ARG B 98 26.88 -48.39 4.39
C ARG B 98 28.12 -47.48 4.40
N ASP B 99 28.94 -47.53 3.35
CA ASP B 99 30.18 -46.73 3.25
C ASP B 99 30.34 -46.14 1.84
N MET B 100 29.23 -45.82 1.16
CA MET B 100 29.26 -45.10 -0.14
C MET B 100 28.01 -44.22 -0.26
N ARG C 1 6.94 -14.14 -5.27
CA ARG C 1 5.83 -14.09 -6.26
C ARG C 1 6.36 -14.47 -7.65
N MET C 2 5.56 -15.18 -8.44
CA MET C 2 5.89 -15.46 -9.86
C MET C 2 5.64 -14.20 -10.68
N PHE C 3 6.22 -14.15 -11.89
CA PHE C 3 5.81 -13.20 -12.93
C PHE C 3 4.45 -13.64 -13.45
N PRO C 4 3.51 -12.70 -13.64
CA PRO C 4 2.14 -13.06 -14.06
C PRO C 4 1.83 -13.14 -15.57
N ASN C 5 2.73 -12.67 -16.44
CA ASN C 5 2.48 -12.71 -17.91
C ASN C 5 3.62 -13.43 -18.62
N ALA C 6 3.85 -14.71 -18.31
CA ALA C 6 4.86 -15.55 -18.99
C ALA C 6 4.61 -15.47 -20.49
N PRO C 7 5.53 -14.88 -21.29
CA PRO C 7 5.28 -14.67 -22.71
C PRO C 7 5.34 -15.97 -23.52
N TYR C 8 4.39 -16.10 -24.46
CA TYR C 8 4.26 -17.24 -25.41
C TYR C 8 5.41 -17.16 -26.41
N LEU C 9 6.05 -18.28 -26.70
CA LEU C 9 7.07 -18.36 -27.78
C LEU C 9 6.39 -18.13 -29.13
N ASP D 3 -9.00 -4.02 -5.10
CA ASP D 3 -7.77 -3.54 -4.40
C ASP D 3 -7.03 -2.51 -5.27
N ALA D 4 -6.88 -2.77 -6.59
CA ALA D 4 -6.14 -1.92 -7.55
C ALA D 4 -7.11 -0.93 -8.19
N LYS D 5 -7.36 0.20 -7.54
CA LYS D 5 -8.38 1.18 -7.96
C LYS D 5 -7.69 2.50 -8.33
N THR D 6 -8.40 3.34 -9.06
CA THR D 6 -7.95 4.71 -9.41
C THR D 6 -9.05 5.68 -9.01
N THR D 7 -8.74 6.97 -9.05
CA THR D 7 -9.71 8.04 -8.73
C THR D 7 -9.55 9.14 -9.78
N GLN D 8 -10.66 9.62 -10.30
CA GLN D 8 -10.67 10.77 -11.23
C GLN D 8 -11.88 11.62 -10.87
N PRO D 9 -11.83 12.92 -11.21
CA PRO D 9 -12.97 13.79 -10.99
C PRO D 9 -14.12 13.39 -11.91
N PRO D 10 -15.38 13.45 -11.45
CA PRO D 10 -16.53 13.05 -12.25
C PRO D 10 -16.63 13.79 -13.60
N SER D 11 -16.58 15.12 -13.57
CA SER D 11 -16.84 16.01 -14.72
C SER D 11 -15.65 16.96 -14.94
N MET D 12 -15.56 17.49 -16.16
CA MET D 12 -14.54 18.50 -16.54
C MET D 12 -14.94 19.11 -17.89
N ASP D 13 -14.81 20.43 -18.00
CA ASP D 13 -15.05 21.19 -19.24
C ASP D 13 -13.70 21.67 -19.77
N CYS D 14 -13.52 21.62 -21.09
CA CYS D 14 -12.30 22.17 -21.76
C CYS D 14 -12.72 22.95 -23.00
N ALA D 15 -12.01 24.03 -23.32
CA ALA D 15 -12.26 24.86 -24.51
C ALA D 15 -11.70 24.15 -25.74
N GLU D 16 -12.47 24.12 -26.84
CA GLU D 16 -12.03 23.45 -28.08
C GLU D 16 -10.76 24.14 -28.58
N GLY D 17 -9.76 23.34 -28.95
CA GLY D 17 -8.50 23.78 -29.58
C GLY D 17 -7.39 23.87 -28.54
N ARG D 18 -7.73 24.16 -27.29
CA ARG D 18 -6.75 24.16 -26.17
C ARG D 18 -6.57 22.73 -25.66
N ALA D 19 -5.58 22.52 -24.79
CA ALA D 19 -5.24 21.19 -24.24
C ALA D 19 -6.27 20.78 -23.18
N ALA D 20 -6.65 19.51 -23.19
CA ALA D 20 -7.46 18.87 -22.13
C ALA D 20 -6.53 18.06 -21.24
N ASN D 21 -6.49 18.39 -19.96
CA ASN D 21 -5.58 17.76 -18.97
C ASN D 21 -6.43 16.98 -17.99
N LEU D 22 -6.64 15.69 -18.27
CA LEU D 22 -7.50 14.82 -17.44
C LEU D 22 -6.61 14.09 -16.43
N PRO D 23 -6.76 14.36 -15.12
CA PRO D 23 -5.93 13.71 -14.12
C PRO D 23 -6.49 12.35 -13.64
N CYS D 24 -5.59 11.53 -13.15
CA CYS D 24 -5.92 10.26 -12.45
C CYS D 24 -4.89 10.00 -11.35
N ASN D 25 -5.38 9.61 -10.16
CA ASN D 25 -4.54 9.16 -9.03
C ASN D 25 -4.54 7.64 -9.03
N HIS D 26 -3.36 7.02 -9.18
CA HIS D 26 -3.17 5.56 -9.05
C HIS D 26 -2.97 5.28 -7.57
N SER D 27 -3.97 5.57 -6.74
CA SER D 27 -3.84 5.55 -5.27
C SER D 27 -3.28 4.18 -4.83
N THR D 28 -3.86 3.07 -5.31
CA THR D 28 -3.55 1.70 -4.82
C THR D 28 -2.94 0.81 -5.92
N VAL D 29 -2.49 1.37 -7.05
CA VAL D 29 -1.96 0.53 -8.17
C VAL D 29 -0.47 0.31 -7.94
N ASP D 30 -0.02 -0.94 -8.05
CA ASP D 30 1.42 -1.29 -7.88
C ASP D 30 2.22 -0.59 -8.98
N PRO D 31 3.43 -0.05 -8.69
CA PRO D 31 4.20 0.69 -9.68
C PRO D 31 4.62 -0.14 -10.91
N ASN D 32 4.84 -1.44 -10.71
CA ASN D 32 5.32 -2.39 -11.75
C ASN D 32 4.13 -2.98 -12.52
N GLU D 33 2.97 -2.31 -12.47
CA GLU D 33 1.75 -2.73 -13.21
C GLU D 33 1.44 -1.66 -14.27
N TYR D 34 1.00 -2.07 -15.45
CA TYR D 34 0.61 -1.10 -16.51
C TYR D 34 -0.62 -0.32 -16.02
N VAL D 35 -0.68 0.95 -16.39
CA VAL D 35 -1.93 1.75 -16.32
C VAL D 35 -2.41 2.03 -17.73
N TYR D 36 -3.73 2.03 -17.92
CA TYR D 36 -4.38 2.13 -19.24
C TYR D 36 -5.44 3.23 -19.19
N TRP D 37 -5.74 3.77 -20.37
CA TRP D 37 -6.76 4.81 -20.56
C TRP D 37 -7.71 4.37 -21.68
N TYR D 38 -9.01 4.54 -21.44
CA TYR D 38 -10.06 4.19 -22.41
C TYR D 38 -11.03 5.37 -22.52
N ARG D 39 -11.69 5.45 -23.67
CA ARG D 39 -12.73 6.46 -23.94
C ARG D 39 -13.99 5.71 -24.33
N GLN D 40 -15.16 6.30 -24.08
CA GLN D 40 -16.45 5.64 -24.36
C GLN D 40 -17.54 6.69 -24.52
N ILE D 41 -18.44 6.48 -25.49
CA ILE D 41 -19.67 7.29 -25.70
C ILE D 41 -20.87 6.36 -25.67
N HIS D 42 -22.06 6.94 -25.49
CA HIS D 42 -23.37 6.26 -25.33
C HIS D 42 -23.44 4.94 -26.11
N SER D 43 -23.70 3.85 -25.40
CA SER D 43 -24.03 2.54 -26.01
C SER D 43 -22.92 2.12 -26.97
N GLN D 44 -21.66 2.40 -26.65
CA GLN D 44 -20.52 1.90 -27.46
C GLN D 44 -19.48 1.25 -26.55
N GLY D 45 -18.72 0.33 -27.13
CA GLY D 45 -17.60 -0.36 -26.46
C GLY D 45 -16.49 0.63 -26.18
N PRO D 46 -15.80 0.51 -25.03
CA PRO D 46 -14.71 1.44 -24.71
C PRO D 46 -13.56 1.30 -25.72
N GLN D 47 -13.01 2.43 -26.13
CA GLN D 47 -11.95 2.56 -27.16
C GLN D 47 -10.64 2.88 -26.43
N TYR D 48 -9.60 2.12 -26.71
CA TYR D 48 -8.30 2.23 -26.00
C TYR D 48 -7.57 3.49 -26.47
N ILE D 49 -6.70 4.00 -25.62
CA ILE D 49 -5.91 5.23 -25.93
C ILE D 49 -4.42 4.91 -25.77
N ILE D 50 -3.96 4.64 -24.55
CA ILE D 50 -2.52 4.75 -24.21
C ILE D 50 -2.21 3.91 -22.97
N HIS D 51 -0.98 3.38 -22.90
CA HIS D 51 -0.46 2.64 -21.73
C HIS D 51 0.38 3.58 -20.87
N GLY D 52 0.84 3.07 -19.72
CA GLY D 52 1.82 3.75 -18.85
C GLY D 52 2.50 2.78 -17.91
N LEU D 53 3.82 2.90 -17.74
CA LEU D 53 4.60 2.04 -16.79
C LEU D 53 5.54 2.91 -15.95
N LYS D 54 6.64 3.38 -16.53
CA LYS D 54 7.64 4.21 -15.79
C LYS D 54 7.76 5.57 -16.50
N ASN D 55 8.27 5.58 -17.73
CA ASN D 55 8.51 6.80 -18.53
C ASN D 55 7.18 7.24 -19.17
N ASN D 56 7.08 8.53 -19.51
CA ASN D 56 5.90 9.12 -20.20
C ASN D 56 5.71 8.48 -21.57
N GLU D 57 4.52 8.60 -22.14
CA GLU D 57 4.25 8.05 -23.49
C GLU D 57 3.50 9.08 -24.33
N THR D 58 3.50 8.88 -25.63
CA THR D 58 2.77 9.74 -26.59
C THR D 58 2.46 8.96 -27.88
N ASN D 59 1.32 9.25 -28.48
CA ASN D 59 0.90 8.70 -29.79
C ASN D 59 -0.10 9.67 -30.43
N GLU D 60 -0.55 9.36 -31.66
CA GLU D 60 -1.42 10.26 -32.47
C GLU D 60 -2.66 10.62 -31.65
N MET D 61 -3.12 9.77 -30.73
CA MET D 61 -4.41 10.00 -30.03
C MET D 61 -4.21 11.00 -28.89
N ALA D 62 -3.12 10.85 -28.13
CA ALA D 62 -2.88 11.64 -26.91
C ALA D 62 -1.46 11.41 -26.38
N SER D 63 -1.19 11.95 -25.19
CA SER D 63 0.06 11.72 -24.43
C SER D 63 -0.28 11.59 -22.94
N LEU D 64 0.50 10.77 -22.25
CA LEU D 64 0.32 10.50 -20.81
C LEU D 64 1.64 10.81 -20.11
N ILE D 65 1.60 11.63 -19.07
CA ILE D 65 2.85 12.06 -18.37
C ILE D 65 2.75 11.54 -16.94
N ILE D 66 3.71 10.71 -16.56
CA ILE D 66 3.71 9.97 -15.28
C ILE D 66 4.56 10.72 -14.26
N THR D 67 4.05 10.90 -13.04
CA THR D 67 4.83 11.49 -11.92
C THR D 67 5.99 10.56 -11.55
N GLU D 68 6.95 11.11 -10.82
CA GLU D 68 8.16 10.37 -10.36
C GLU D 68 7.69 9.17 -9.53
N ASP D 69 6.85 9.40 -8.52
CA ASP D 69 6.29 8.37 -7.61
C ASP D 69 5.42 7.37 -8.37
N ARG D 70 4.90 7.73 -9.56
CA ARG D 70 3.97 6.87 -10.34
C ARG D 70 2.73 6.63 -9.47
N LYS D 71 2.33 7.64 -8.71
CA LYS D 71 1.10 7.59 -7.88
C LYS D 71 0.02 8.46 -8.52
N SER D 72 0.36 9.13 -9.63
CA SER D 72 -0.52 10.09 -10.33
C SER D 72 -0.10 10.15 -11.79
N SER D 73 -1.07 10.23 -12.70
CA SER D 73 -0.80 10.42 -14.15
C SER D 73 -1.75 11.47 -14.72
N THR D 74 -1.39 11.99 -15.89
CA THR D 74 -2.15 13.04 -16.58
C THR D 74 -2.24 12.66 -18.06
N LEU D 75 -3.45 12.32 -18.52
CA LEU D 75 -3.69 12.15 -19.97
C LEU D 75 -3.87 13.52 -20.58
N ILE D 76 -3.26 13.75 -21.73
CA ILE D 76 -3.25 15.09 -22.37
C ILE D 76 -3.68 14.94 -23.82
N LEU D 77 -4.80 15.58 -24.17
CA LEU D 77 -5.27 15.71 -25.57
C LEU D 77 -4.90 17.10 -26.04
N PRO D 78 -3.99 17.23 -27.04
CA PRO D 78 -3.31 18.49 -27.33
C PRO D 78 -4.24 19.63 -27.78
N HIS D 79 -4.94 19.46 -28.90
CA HIS D 79 -5.93 20.43 -29.42
C HIS D 79 -7.28 19.72 -29.51
N ALA D 80 -8.04 19.78 -28.41
CA ALA D 80 -9.24 18.96 -28.16
C ALA D 80 -10.32 19.31 -29.19
N THR D 81 -10.63 18.35 -30.06
CA THR D 81 -11.76 18.44 -31.03
C THR D 81 -13.07 18.16 -30.27
N LEU D 82 -14.20 18.48 -30.89
CA LEU D 82 -15.55 18.18 -30.35
C LEU D 82 -15.73 16.66 -30.24
N ARG D 83 -15.03 15.88 -31.06
CA ARG D 83 -15.18 14.40 -31.09
C ARG D 83 -14.53 13.78 -29.84
N ASP D 84 -13.68 14.53 -29.14
CA ASP D 84 -12.98 14.03 -27.93
C ASP D 84 -13.92 14.06 -26.71
N THR D 85 -15.11 14.65 -26.82
CA THR D 85 -16.13 14.60 -25.74
C THR D 85 -16.55 13.15 -25.51
N ALA D 86 -16.36 12.64 -24.29
CA ALA D 86 -16.57 11.22 -23.93
C ALA D 86 -16.24 11.02 -22.45
N VAL D 87 -16.49 9.80 -21.97
CA VAL D 87 -16.10 9.36 -20.61
C VAL D 87 -14.71 8.72 -20.73
N TYR D 88 -13.79 9.15 -19.88
CA TYR D 88 -12.39 8.68 -19.88
C TYR D 88 -12.15 7.83 -18.64
N TYR D 89 -11.66 6.62 -18.83
CA TYR D 89 -11.38 5.65 -17.75
C TYR D 89 -9.86 5.46 -17.65
N CYS D 90 -9.33 5.78 -16.48
CA CYS D 90 -7.96 5.40 -16.05
C CYS D 90 -8.07 4.15 -15.18
N ILE D 91 -7.46 3.05 -15.61
CA ILE D 91 -7.45 1.79 -14.83
C ILE D 91 -6.00 1.37 -14.57
N GLY D 92 -5.80 0.56 -13.54
CA GLY D 92 -4.50 0.01 -13.18
C GLY D 92 -4.60 -1.49 -12.98
N GLY D 93 -3.58 -2.21 -13.46
CA GLY D 93 -3.43 -3.66 -13.28
C GLY D 93 -3.40 -4.06 -11.82
N GLY D 94 -3.95 -5.24 -11.53
CA GLY D 94 -3.76 -5.93 -10.25
C GLY D 94 -3.02 -7.21 -10.52
N THR D 95 -2.28 -7.25 -11.62
CA THR D 95 -1.69 -8.47 -12.21
C THR D 95 -0.62 -9.06 -11.28
N THR D 96 0.01 -8.25 -10.43
CA THR D 96 1.13 -8.69 -9.55
C THR D 96 0.61 -9.71 -8.53
N SER D 97 -0.57 -9.47 -7.95
CA SER D 97 -1.38 -10.52 -7.28
C SER D 97 -1.97 -11.39 -8.38
N GLY D 98 -2.58 -12.52 -8.08
CA GLY D 98 -3.07 -13.38 -9.18
C GLY D 98 -4.41 -12.95 -9.73
N THR D 99 -4.57 -11.68 -10.11
CA THR D 99 -5.90 -11.15 -10.55
C THR D 99 -5.69 -10.45 -11.88
N TYR D 100 -6.50 -10.81 -12.88
CA TYR D 100 -6.37 -10.31 -14.26
C TYR D 100 -7.57 -9.45 -14.59
N LYS D 101 -8.39 -9.13 -13.59
CA LYS D 101 -9.49 -8.13 -13.65
C LYS D 101 -8.90 -6.72 -13.81
N TYR D 102 -9.72 -5.76 -14.19
CA TYR D 102 -9.43 -4.32 -14.00
C TYR D 102 -10.66 -3.66 -13.38
N ILE D 103 -10.45 -2.72 -12.46
CA ILE D 103 -11.57 -2.05 -11.76
C ILE D 103 -11.78 -0.66 -12.39
N PHE D 104 -12.85 -0.48 -13.15
CA PHE D 104 -13.27 0.83 -13.70
C PHE D 104 -14.06 1.57 -12.63
N GLY D 105 -13.75 2.86 -12.44
CA GLY D 105 -14.56 3.79 -11.63
C GLY D 105 -15.63 4.44 -12.49
N THR D 106 -16.18 5.57 -12.06
CA THR D 106 -17.14 6.38 -12.87
C THR D 106 -16.41 7.01 -14.06
N GLY D 107 -15.14 7.36 -13.89
CA GLY D 107 -14.37 8.06 -14.93
C GLY D 107 -14.74 9.52 -15.03
N THR D 108 -13.93 10.30 -15.74
CA THR D 108 -14.17 11.73 -15.98
C THR D 108 -14.92 11.88 -17.31
N ARG D 109 -16.12 12.46 -17.26
CA ARG D 109 -16.87 12.81 -18.50
C ARG D 109 -16.34 14.17 -19.00
N LEU D 110 -15.42 14.13 -19.96
CA LEU D 110 -14.92 15.36 -20.62
C LEU D 110 -15.99 15.87 -21.58
N LYS D 111 -16.39 17.11 -21.42
CA LYS D 111 -17.30 17.82 -22.35
C LYS D 111 -16.52 19.00 -22.93
N VAL D 112 -15.94 18.83 -24.12
CA VAL D 112 -15.17 19.95 -24.74
C VAL D 112 -16.17 20.91 -25.38
N LEU D 113 -16.06 22.19 -25.03
CA LEU D 113 -17.01 23.25 -25.45
C LEU D 113 -16.48 23.95 -26.70
N ALA D 114 -17.29 23.97 -27.76
CA ALA D 114 -17.01 24.70 -29.01
C ALA D 114 -16.98 26.20 -28.73
N ASN D 115 -16.05 26.91 -29.35
CA ASN D 115 -15.77 28.33 -29.05
C ASN D 115 -16.62 29.19 -29.98
N ILE D 116 -17.59 29.92 -29.40
CA ILE D 116 -18.60 30.70 -30.17
C ILE D 116 -18.02 32.08 -30.46
N GLN D 117 -17.82 32.39 -31.74
CA GLN D 117 -17.29 33.70 -32.19
C GLN D 117 -18.38 34.77 -32.06
N ASN D 118 -19.60 34.46 -32.52
CA ASN D 118 -20.67 35.48 -32.67
C ASN D 118 -21.94 35.00 -31.96
N PRO D 119 -22.01 35.12 -30.61
CA PRO D 119 -23.22 34.75 -29.88
C PRO D 119 -24.47 35.50 -30.37
N ASP D 120 -25.55 34.76 -30.64
CA ASP D 120 -26.79 35.31 -31.24
C ASP D 120 -28.00 34.55 -30.70
N PRO D 121 -28.20 34.52 -29.36
CA PRO D 121 -29.28 33.75 -28.76
C PRO D 121 -30.64 34.09 -29.38
N ALA D 122 -31.44 33.07 -29.66
CA ALA D 122 -32.80 33.24 -30.23
C ALA D 122 -33.58 31.94 -30.08
N VAL D 123 -34.87 32.05 -29.78
CA VAL D 123 -35.84 30.93 -29.86
C VAL D 123 -36.60 31.05 -31.18
N TYR D 124 -36.97 29.93 -31.79
CA TYR D 124 -37.80 29.91 -33.02
C TYR D 124 -38.92 28.89 -32.86
N GLN D 125 -39.84 28.88 -33.83
CA GLN D 125 -40.95 27.90 -33.89
C GLN D 125 -40.98 27.29 -35.27
N LEU D 126 -41.11 25.97 -35.34
CA LEU D 126 -41.05 25.20 -36.61
C LEU D 126 -42.34 24.40 -36.75
N ARG D 127 -43.11 24.66 -37.82
CA ARG D 127 -44.38 23.93 -38.12
C ARG D 127 -44.04 22.53 -38.61
N ASP D 128 -44.91 21.55 -38.33
CA ASP D 128 -44.68 20.14 -38.71
C ASP D 128 -44.78 20.00 -40.23
N SER D 129 -43.94 19.13 -40.80
CA SER D 129 -43.94 18.73 -42.22
C SER D 129 -44.59 17.35 -42.37
N LYS D 130 -44.92 16.99 -43.62
CA LYS D 130 -45.77 15.87 -43.99
C LYS D 130 -47.06 16.57 -43.52
N SER D 131 -47.80 16.06 -42.54
CA SER D 131 -49.15 16.50 -42.08
C SER D 131 -49.12 16.94 -40.61
N SER D 132 -50.23 17.54 -40.16
CA SER D 132 -50.51 17.92 -38.75
C SER D 132 -49.99 19.33 -38.45
N ASP D 133 -50.70 20.00 -37.54
CA ASP D 133 -50.40 21.38 -37.08
C ASP D 133 -49.53 21.36 -35.80
N LYS D 134 -48.77 20.29 -35.56
CA LYS D 134 -47.88 20.20 -34.36
C LYS D 134 -46.66 21.09 -34.56
N SER D 135 -46.08 21.52 -33.44
CA SER D 135 -45.01 22.55 -33.41
C SER D 135 -43.99 22.23 -32.33
N VAL D 136 -42.72 22.50 -32.62
CA VAL D 136 -41.60 22.38 -31.66
C VAL D 136 -40.79 23.68 -31.68
N CYS D 137 -40.19 24.00 -30.54
CA CYS D 137 -39.41 25.24 -30.34
C CYS D 137 -37.91 24.92 -30.41
N LEU D 138 -37.17 25.70 -31.20
CA LEU D 138 -35.69 25.60 -31.27
C LEU D 138 -35.06 26.78 -30.52
N PHE D 139 -34.07 26.49 -29.68
CA PHE D 139 -33.28 27.51 -28.96
C PHE D 139 -31.83 27.35 -29.42
N THR D 140 -31.42 28.15 -30.41
CA THR D 140 -30.14 27.96 -31.13
C THR D 140 -29.23 29.18 -30.94
N ASP D 141 -27.99 29.04 -31.38
CA ASP D 141 -27.02 30.14 -31.61
C ASP D 141 -26.53 30.76 -30.29
N PHE D 142 -26.84 30.19 -29.12
CA PHE D 142 -26.31 30.72 -27.85
C PHE D 142 -24.87 30.23 -27.65
N ASP D 143 -24.18 30.84 -26.70
CA ASP D 143 -22.77 30.50 -26.37
C ASP D 143 -22.74 29.26 -25.48
N SER D 144 -21.55 28.69 -25.27
CA SER D 144 -21.35 27.47 -24.46
C SER D 144 -21.49 27.78 -22.96
N GLN D 145 -21.77 29.03 -22.58
CA GLN D 145 -22.02 29.40 -21.16
C GLN D 145 -23.49 29.11 -20.78
N THR D 146 -24.40 29.06 -21.76
CA THR D 146 -25.86 29.03 -21.50
C THR D 146 -26.26 27.67 -20.92
N ASN D 147 -27.27 27.68 -20.05
CA ASN D 147 -27.78 26.46 -19.40
C ASN D 147 -29.27 26.28 -19.75
N VAL D 148 -29.72 25.04 -19.74
CA VAL D 148 -31.14 24.67 -19.97
C VAL D 148 -31.61 23.79 -18.82
N SER D 149 -32.91 23.72 -18.57
CA SER D 149 -33.50 22.95 -17.45
C SER D 149 -34.72 22.17 -17.91
N GLN D 150 -35.07 21.11 -17.18
CA GLN D 150 -36.35 20.37 -17.32
C GLN D 150 -37.46 21.23 -16.68
N SER D 151 -38.57 21.42 -17.39
CA SER D 151 -39.63 22.37 -16.96
C SER D 151 -40.44 21.77 -15.81
N LYS D 152 -41.13 22.63 -15.05
CA LYS D 152 -42.09 22.23 -13.99
C LYS D 152 -43.13 21.27 -14.59
N ASP D 153 -43.69 21.64 -15.74
CA ASP D 153 -44.78 20.88 -16.40
C ASP D 153 -44.26 19.50 -16.82
N SER D 154 -45.08 18.47 -16.57
CA SER D 154 -44.81 17.07 -16.98
C SER D 154 -45.13 16.89 -18.47
N ASP D 155 -45.95 17.77 -19.06
CA ASP D 155 -46.36 17.71 -20.48
C ASP D 155 -45.20 18.11 -21.39
N VAL D 156 -44.31 18.98 -20.91
CA VAL D 156 -43.29 19.65 -21.76
C VAL D 156 -41.98 18.86 -21.68
N TYR D 157 -41.34 18.65 -22.82
CA TYR D 157 -40.02 17.97 -22.93
C TYR D 157 -39.00 18.95 -23.48
N ILE D 158 -37.87 19.09 -22.80
CA ILE D 158 -36.73 19.91 -23.28
C ILE D 158 -35.51 19.01 -23.39
N THR D 159 -34.96 18.90 -24.58
CA THR D 159 -33.73 18.11 -24.84
C THR D 159 -32.53 18.85 -24.26
N ASP D 160 -31.44 18.10 -24.13
CA ASP D 160 -30.11 18.62 -23.71
C ASP D 160 -29.52 19.44 -24.86
N LYS D 161 -28.65 20.38 -24.49
CA LYS D 161 -27.86 21.20 -25.44
C LYS D 161 -27.02 20.28 -26.35
N CYS D 162 -26.63 20.79 -27.50
CA CYS D 162 -26.00 19.99 -28.57
C CYS D 162 -25.30 20.92 -29.57
N VAL D 163 -24.00 20.73 -29.79
CA VAL D 163 -23.23 21.59 -30.72
C VAL D 163 -23.37 21.03 -32.13
N LEU D 164 -23.57 21.93 -33.07
CA LEU D 164 -23.64 21.65 -34.52
C LEU D 164 -22.36 22.13 -35.19
N ASP D 165 -22.00 21.54 -36.33
CA ASP D 165 -20.84 22.01 -37.11
C ASP D 165 -21.16 21.82 -38.60
N MET D 166 -21.29 22.93 -39.32
CA MET D 166 -21.39 22.93 -40.81
C MET D 166 -19.97 23.16 -41.33
N ARG D 167 -19.26 22.10 -41.68
CA ARG D 167 -17.78 22.10 -41.85
C ARG D 167 -17.39 22.94 -43.06
N SER D 168 -18.31 23.16 -44.00
CA SER D 168 -18.08 23.92 -45.26
C SER D 168 -18.10 25.43 -45.03
N MET D 169 -18.28 25.90 -43.79
CA MET D 169 -18.35 27.36 -43.51
C MET D 169 -17.63 27.70 -42.20
N ASP D 170 -16.97 26.72 -41.58
CA ASP D 170 -16.30 26.83 -40.27
C ASP D 170 -17.25 27.51 -39.25
N PHE D 171 -18.56 27.29 -39.39
CA PHE D 171 -19.58 27.87 -38.47
C PHE D 171 -20.12 26.75 -37.57
N LYS D 172 -20.04 26.97 -36.26
CA LYS D 172 -20.51 26.02 -35.23
C LYS D 172 -21.56 26.72 -34.38
N SER D 173 -22.67 26.05 -34.09
CA SER D 173 -23.75 26.65 -33.28
C SER D 173 -24.32 25.62 -32.30
N ASN D 174 -24.69 26.09 -31.12
CA ASN D 174 -25.42 25.28 -30.12
C ASN D 174 -26.89 25.21 -30.55
N SER D 175 -27.68 24.43 -29.82
CA SER D 175 -29.12 24.24 -30.12
C SER D 175 -29.76 23.37 -29.04
N ALA D 176 -31.06 23.53 -28.85
CA ALA D 176 -31.85 22.77 -27.86
C ALA D 176 -33.31 22.87 -28.26
N VAL D 177 -34.00 21.74 -28.30
CA VAL D 177 -35.39 21.64 -28.80
C VAL D 177 -36.34 21.50 -27.61
N ALA D 178 -37.59 21.90 -27.80
CA ALA D 178 -38.69 21.70 -26.83
C ALA D 178 -39.99 21.47 -27.59
N TRP D 179 -40.87 20.63 -27.02
CA TRP D 179 -42.24 20.40 -27.52
C TRP D 179 -43.14 19.96 -26.36
N SER D 180 -44.45 19.94 -26.61
CA SER D 180 -45.44 19.49 -25.61
C SER D 180 -46.80 19.23 -26.28
N ASN D 181 -47.71 18.64 -25.51
CA ASN D 181 -49.08 18.30 -25.93
C ASN D 181 -50.05 19.30 -25.30
N LYS D 182 -50.40 20.35 -26.03
CA LYS D 182 -51.52 21.27 -25.70
C LYS D 182 -51.58 22.37 -26.74
N SER D 183 -52.80 22.82 -27.06
CA SER D 183 -53.06 24.06 -27.83
C SER D 183 -52.48 25.24 -27.06
N ASP D 184 -52.67 25.24 -25.73
CA ASP D 184 -52.10 26.25 -24.80
C ASP D 184 -50.63 25.89 -24.52
N PHE D 185 -49.73 26.37 -25.36
CA PHE D 185 -48.25 26.29 -25.15
C PHE D 185 -47.53 27.15 -26.18
N ALA D 186 -46.77 28.13 -25.71
CA ALA D 186 -46.02 29.09 -26.55
C ALA D 186 -44.52 28.78 -26.47
N CYS D 187 -43.80 29.10 -27.54
CA CYS D 187 -42.31 28.95 -27.61
C CYS D 187 -41.65 30.04 -26.76
N ALA D 188 -42.31 31.19 -26.59
CA ALA D 188 -41.85 32.28 -25.71
C ALA D 188 -41.60 31.74 -24.29
N ASN D 189 -42.49 30.90 -23.78
CA ASN D 189 -42.47 30.43 -22.37
C ASN D 189 -41.79 29.07 -22.26
N ALA D 190 -41.19 28.55 -23.33
CA ALA D 190 -40.55 27.22 -23.33
C ALA D 190 -39.16 27.35 -22.68
N PHE D 191 -38.41 28.39 -23.00
CA PHE D 191 -37.04 28.60 -22.46
C PHE D 191 -36.96 29.89 -21.63
N ASN D 192 -38.10 30.48 -21.28
CA ASN D 192 -38.16 31.81 -20.60
C ASN D 192 -38.07 31.63 -19.08
N ASN D 193 -38.48 30.48 -18.55
CA ASN D 193 -38.36 30.16 -17.11
C ASN D 193 -36.91 29.77 -16.78
N SER D 194 -35.98 29.95 -17.72
CA SER D 194 -34.52 29.72 -17.48
C SER D 194 -33.83 31.07 -17.27
N GLY E 4 -10.40 -5.71 -33.99
CA GLY E 4 -11.28 -6.71 -34.69
C GLY E 4 -11.99 -7.63 -33.71
N VAL E 5 -12.32 -7.15 -32.51
CA VAL E 5 -13.12 -7.93 -31.53
C VAL E 5 -14.57 -7.80 -31.96
N SER E 6 -15.22 -8.94 -32.21
CA SER E 6 -16.58 -9.00 -32.78
C SER E 6 -17.54 -9.59 -31.74
N GLN E 7 -18.78 -9.09 -31.72
CA GLN E 7 -19.85 -9.56 -30.82
C GLN E 7 -21.19 -9.55 -31.52
N ASP E 8 -21.98 -10.60 -31.30
CA ASP E 8 -23.37 -10.69 -31.79
C ASP E 8 -24.22 -11.35 -30.71
N PRO E 9 -25.52 -11.00 -30.64
CA PRO E 9 -26.07 -9.87 -31.40
C PRO E 9 -25.67 -8.53 -30.76
N ARG E 10 -25.82 -7.43 -31.51
CA ARG E 10 -25.50 -6.07 -31.03
C ARG E 10 -26.55 -5.67 -29.98
N HIS E 11 -27.79 -6.10 -30.17
CA HIS E 11 -28.89 -5.89 -29.19
C HIS E 11 -29.62 -7.20 -28.96
N LYS E 12 -30.41 -7.27 -27.90
CA LYS E 12 -31.22 -8.46 -27.60
C LYS E 12 -32.30 -8.10 -26.58
N ILE E 13 -33.54 -8.32 -26.96
CA ILE E 13 -34.68 -8.30 -26.01
C ILE E 13 -35.09 -9.74 -25.76
N THR E 14 -35.23 -10.10 -24.49
CA THR E 14 -35.76 -11.43 -24.09
C THR E 14 -36.79 -11.27 -22.97
N LYS E 15 -37.70 -12.22 -22.90
CA LYS E 15 -38.76 -12.27 -21.86
C LYS E 15 -38.11 -12.78 -20.57
N ARG E 16 -38.57 -12.27 -19.44
CA ARG E 16 -38.13 -12.76 -18.12
C ARG E 16 -38.36 -14.28 -18.07
N GLY E 17 -37.36 -15.02 -17.64
CA GLY E 17 -37.45 -16.48 -17.46
C GLY E 17 -36.84 -17.23 -18.63
N GLN E 18 -36.66 -16.56 -19.76
CA GLN E 18 -36.10 -17.18 -20.98
C GLN E 18 -34.57 -17.21 -20.87
N ASN E 19 -33.95 -18.10 -21.65
CA ASN E 19 -32.47 -18.24 -21.68
C ASN E 19 -31.94 -17.53 -22.92
N VAL E 20 -30.74 -16.96 -22.83
CA VAL E 20 -30.09 -16.24 -23.95
C VAL E 20 -28.63 -16.66 -24.01
N THR E 21 -28.03 -16.52 -25.17
CA THR E 21 -26.60 -16.75 -25.35
C THR E 21 -26.02 -15.67 -26.25
N PHE E 22 -24.86 -15.15 -25.87
CA PHE E 22 -24.09 -14.19 -26.68
C PHE E 22 -22.83 -14.89 -27.14
N ARG E 23 -22.38 -14.47 -28.31
CA ARG E 23 -21.10 -14.95 -28.85
C ARG E 23 -20.14 -13.76 -28.90
N CYS E 24 -18.87 -14.08 -28.79
CA CYS E 24 -17.78 -13.13 -29.05
C CYS E 24 -16.72 -13.85 -29.88
N ASP E 25 -16.28 -13.21 -30.96
CA ASP E 25 -15.16 -13.71 -31.79
C ASP E 25 -13.99 -12.77 -31.57
N PRO E 26 -12.95 -13.16 -30.79
CA PRO E 26 -11.95 -12.21 -30.35
C PRO E 26 -10.92 -12.02 -31.48
N ILE E 27 -10.00 -11.10 -31.27
CA ILE E 27 -8.82 -10.96 -32.18
C ILE E 27 -8.06 -12.27 -32.11
N SER E 28 -7.76 -12.86 -33.26
CA SER E 28 -6.93 -14.07 -33.34
C SER E 28 -5.49 -13.68 -33.01
N GLU E 29 -4.78 -14.58 -32.32
CA GLU E 29 -3.42 -14.36 -31.78
C GLU E 29 -3.52 -13.88 -30.31
N HIS E 30 -4.74 -13.53 -29.86
CA HIS E 30 -4.98 -13.09 -28.46
C HIS E 30 -5.25 -14.32 -27.59
N ASN E 31 -4.42 -14.54 -26.56
CA ASN E 31 -4.55 -15.70 -25.65
C ASN E 31 -5.60 -15.42 -24.58
N ARG E 32 -5.76 -14.16 -24.18
CA ARG E 32 -6.66 -13.83 -23.06
C ARG E 32 -7.97 -13.26 -23.60
N LEU E 33 -9.07 -13.71 -23.02
CA LEU E 33 -10.41 -13.18 -23.34
C LEU E 33 -11.14 -12.88 -22.05
N TYR E 34 -11.79 -11.74 -22.00
CA TYR E 34 -12.51 -11.27 -20.80
C TYR E 34 -13.96 -11.02 -21.17
N TRP E 35 -14.85 -11.23 -20.21
CA TRP E 35 -16.23 -10.70 -20.25
C TRP E 35 -16.35 -9.61 -19.19
N TYR E 36 -17.03 -8.53 -19.52
CA TYR E 36 -17.42 -7.45 -18.59
C TYR E 36 -18.89 -7.13 -18.82
N ARG E 37 -19.52 -6.44 -17.88
CA ARG E 37 -20.88 -5.90 -18.15
C ARG E 37 -21.01 -4.47 -17.64
N GLN E 38 -21.93 -3.72 -18.22
CA GLN E 38 -22.02 -2.25 -18.09
C GLN E 38 -23.47 -1.82 -17.98
N THR E 39 -23.84 -1.12 -16.92
CA THR E 39 -25.18 -0.52 -16.77
C THR E 39 -25.05 1.00 -16.96
N LEU E 40 -26.17 1.67 -17.27
CA LEU E 40 -26.17 3.08 -17.74
C LEU E 40 -25.44 3.94 -16.71
N GLY E 41 -24.36 4.62 -17.16
CA GLY E 41 -23.65 5.65 -16.38
C GLY E 41 -22.69 5.06 -15.36
N GLN E 42 -22.35 3.78 -15.49
CA GLN E 42 -21.35 3.13 -14.61
C GLN E 42 -20.20 2.59 -15.47
N GLY E 43 -19.05 2.35 -14.85
CA GLY E 43 -17.88 1.74 -15.50
C GLY E 43 -18.10 0.25 -15.68
N PRO E 44 -17.40 -0.39 -16.63
CA PRO E 44 -17.53 -1.83 -16.85
C PRO E 44 -17.18 -2.65 -15.60
N GLU E 45 -17.87 -3.77 -15.41
CA GLU E 45 -17.67 -4.64 -14.23
C GLU E 45 -17.20 -6.01 -14.71
N PHE E 46 -16.06 -6.48 -14.20
CA PHE E 46 -15.45 -7.75 -14.65
C PHE E 46 -16.40 -8.91 -14.37
N LEU E 47 -16.50 -9.86 -15.31
CA LEU E 47 -17.23 -11.13 -15.10
C LEU E 47 -16.24 -12.30 -15.15
N THR E 48 -15.50 -12.49 -16.23
CA THR E 48 -14.66 -13.71 -16.36
C THR E 48 -13.39 -13.43 -17.14
N TYR E 49 -12.41 -14.32 -17.00
CA TYR E 49 -11.10 -14.22 -17.67
C TYR E 49 -10.71 -15.61 -18.17
N PHE E 50 -10.33 -15.68 -19.44
CA PHE E 50 -9.89 -16.93 -20.09
C PHE E 50 -8.42 -16.77 -20.48
N GLN E 51 -7.62 -17.78 -20.18
CA GLN E 51 -6.28 -17.95 -20.76
C GLN E 51 -6.35 -19.18 -21.66
N ASN E 52 -6.34 -18.95 -22.98
CA ASN E 52 -6.65 -19.99 -23.98
C ASN E 52 -8.03 -20.56 -23.59
N GLU E 53 -8.18 -21.88 -23.44
CA GLU E 53 -9.50 -22.51 -23.17
C GLU E 53 -9.89 -22.35 -21.70
N ALA E 54 -8.95 -22.03 -20.81
CA ALA E 54 -9.12 -22.21 -19.35
C ALA E 54 -9.77 -20.98 -18.71
N GLN E 55 -10.94 -21.17 -18.07
CA GLN E 55 -11.60 -20.12 -17.25
C GLN E 55 -10.88 -20.05 -15.91
N LEU E 56 -10.02 -19.04 -15.69
CA LEU E 56 -9.14 -18.99 -14.50
C LEU E 56 -9.68 -18.02 -13.45
N GLU E 57 -10.59 -17.13 -13.81
CA GLU E 57 -11.11 -16.15 -12.81
C GLU E 57 -12.57 -15.86 -13.10
N LYS E 58 -13.45 -16.24 -12.19
CA LYS E 58 -14.87 -15.82 -12.21
C LYS E 58 -14.99 -14.55 -11.36
N SER E 59 -16.02 -13.76 -11.64
CA SER E 59 -16.42 -12.62 -10.77
C SER E 59 -17.27 -13.18 -9.63
N ARG E 60 -16.75 -13.09 -8.41
CA ARG E 60 -17.38 -13.69 -7.20
C ARG E 60 -18.83 -13.27 -7.16
N LEU E 61 -19.14 -12.08 -7.64
CA LEU E 61 -20.52 -11.55 -7.60
C LEU E 61 -21.37 -12.20 -8.69
N LEU E 62 -21.00 -12.11 -9.96
CA LEU E 62 -21.93 -12.46 -11.07
C LEU E 62 -21.63 -13.84 -11.67
N SER E 63 -22.51 -14.81 -11.43
CA SER E 63 -22.36 -16.22 -11.88
C SER E 63 -23.56 -17.08 -11.45
N ASP E 64 -23.35 -18.41 -11.51
CA ASP E 64 -24.26 -19.55 -11.19
C ASP E 64 -25.30 -19.73 -12.31
N ARG E 65 -26.16 -18.74 -12.53
CA ARG E 65 -27.11 -18.76 -13.66
C ARG E 65 -26.33 -18.45 -14.94
N PHE E 66 -25.21 -17.75 -14.83
CA PHE E 66 -24.34 -17.38 -15.96
C PHE E 66 -23.38 -18.52 -16.24
N SER E 67 -23.06 -18.75 -17.51
CA SER E 67 -22.11 -19.79 -17.94
C SER E 67 -21.31 -19.27 -19.13
N ALA E 68 -19.99 -19.22 -18.98
CA ALA E 68 -19.06 -18.77 -20.03
C ALA E 68 -18.18 -19.95 -20.44
N GLU E 69 -18.09 -20.20 -21.74
N GLU E 69 -18.09 -20.20 -21.74
CA GLU E 69 -17.21 -21.24 -22.31
CA GLU E 69 -17.21 -21.24 -22.31
C GLU E 69 -16.36 -20.61 -23.41
C GLU E 69 -16.36 -20.61 -23.41
N ARG E 70 -15.22 -21.23 -23.70
CA ARG E 70 -14.34 -20.85 -24.83
C ARG E 70 -13.67 -22.12 -25.31
N PRO E 71 -14.43 -23.04 -25.95
CA PRO E 71 -13.99 -24.42 -26.11
C PRO E 71 -12.69 -24.57 -26.90
N LYS E 72 -12.56 -23.87 -28.02
CA LYS E 72 -11.38 -24.00 -28.91
C LYS E 72 -10.39 -22.88 -28.61
N GLY E 73 -10.43 -22.33 -27.40
CA GLY E 73 -9.53 -21.23 -26.97
C GLY E 73 -9.56 -20.07 -27.96
N SER E 74 -10.64 -19.93 -28.71
CA SER E 74 -10.82 -18.85 -29.70
C SER E 74 -12.08 -18.06 -29.37
N PHE E 75 -13.18 -18.43 -30.01
CA PHE E 75 -14.51 -17.81 -29.81
C PHE E 75 -15.00 -18.18 -28.42
N SER E 76 -15.79 -17.30 -27.81
CA SER E 76 -16.37 -17.53 -26.46
C SER E 76 -17.86 -17.25 -26.48
N THR E 77 -18.61 -18.08 -25.77
CA THR E 77 -20.05 -17.87 -25.53
C THR E 77 -20.27 -17.54 -24.06
N LEU E 78 -21.31 -16.76 -23.79
CA LEU E 78 -21.80 -16.51 -22.42
C LEU E 78 -23.30 -16.77 -22.42
N GLU E 79 -23.73 -17.68 -21.55
CA GLU E 79 -25.14 -18.12 -21.50
C GLU E 79 -25.75 -17.66 -20.18
N ILE E 80 -26.93 -17.06 -20.25
CA ILE E 80 -27.70 -16.71 -19.03
C ILE E 80 -28.98 -17.54 -19.02
N GLN E 81 -29.05 -18.52 -18.11
CA GLN E 81 -30.27 -19.35 -17.95
C GLN E 81 -31.25 -18.59 -17.06
N ARG E 82 -32.54 -18.68 -17.37
CA ARG E 82 -33.64 -18.08 -16.57
C ARG E 82 -33.31 -16.63 -16.23
N THR E 83 -33.31 -15.76 -17.24
CA THR E 83 -32.99 -14.32 -17.12
C THR E 83 -33.92 -13.63 -16.11
N GLU E 84 -33.33 -12.78 -15.26
CA GLU E 84 -34.08 -11.81 -14.42
C GLU E 84 -33.83 -10.40 -14.96
N GLN E 85 -34.74 -9.48 -14.64
CA GLN E 85 -34.69 -8.09 -15.15
C GLN E 85 -33.33 -7.48 -14.81
N GLY E 86 -32.72 -7.89 -13.69
CA GLY E 86 -31.43 -7.34 -13.22
C GLY E 86 -30.27 -7.76 -14.09
N ASP E 87 -30.47 -8.66 -15.05
CA ASP E 87 -29.38 -9.07 -15.97
C ASP E 87 -29.21 -8.02 -17.06
N SER E 88 -30.20 -7.13 -17.24
CA SER E 88 -30.19 -6.09 -18.29
C SER E 88 -28.95 -5.21 -18.13
N ALA E 89 -28.11 -5.18 -19.17
CA ALA E 89 -26.85 -4.43 -19.20
C ALA E 89 -26.21 -4.62 -20.57
N MET E 90 -25.16 -3.84 -20.85
CA MET E 90 -24.30 -4.11 -22.01
C MET E 90 -23.23 -5.12 -21.58
N TYR E 91 -23.17 -6.25 -22.27
CA TYR E 91 -22.16 -7.30 -22.02
C TYR E 91 -21.03 -7.11 -23.03
N LEU E 92 -19.85 -6.72 -22.54
CA LEU E 92 -18.67 -6.46 -23.40
C LEU E 92 -17.75 -7.68 -23.37
N CYS E 93 -17.33 -8.12 -24.55
CA CYS E 93 -16.19 -9.04 -24.72
C CYS E 93 -14.92 -8.20 -24.88
N ALA E 94 -13.79 -8.76 -24.48
CA ALA E 94 -12.48 -8.13 -24.71
C ALA E 94 -11.43 -9.23 -24.84
N SER E 95 -10.40 -8.94 -25.62
CA SER E 95 -9.25 -9.87 -25.80
C SER E 95 -7.95 -9.10 -25.63
N SER E 96 -6.91 -9.82 -25.23
CA SER E 96 -5.55 -9.26 -25.07
C SER E 96 -4.53 -10.30 -25.51
N LEU E 97 -3.35 -9.83 -25.92
CA LEU E 97 -2.29 -10.70 -26.49
C LEU E 97 -1.97 -11.80 -25.47
N GLY E 98 -1.82 -11.42 -24.20
CA GLY E 98 -1.56 -12.35 -23.08
C GLY E 98 -0.20 -12.13 -22.44
N PHE E 99 0.60 -11.20 -22.99
CA PHE E 99 1.96 -10.86 -22.52
C PHE E 99 2.37 -9.52 -23.13
N GLY E 100 3.46 -8.93 -22.66
CA GLY E 100 3.86 -7.58 -23.08
C GLY E 100 2.84 -6.57 -22.60
N ARG E 101 2.67 -5.46 -23.30
CA ARG E 101 1.82 -4.37 -22.79
C ARG E 101 0.42 -4.94 -22.60
N ASP E 102 0.23 -6.17 -23.09
CA ASP E 102 -1.01 -6.96 -22.97
C ASP E 102 -2.24 -6.05 -22.99
N VAL E 103 -2.45 -5.28 -24.06
CA VAL E 103 -3.51 -4.23 -24.07
C VAL E 103 -4.84 -4.92 -24.35
N MET E 104 -5.83 -4.64 -23.51
CA MET E 104 -7.18 -5.25 -23.58
C MET E 104 -8.03 -4.43 -24.55
N ARG E 105 -8.45 -5.05 -25.65
CA ARG E 105 -9.30 -4.41 -26.69
C ARG E 105 -10.75 -4.86 -26.49
N PHE E 106 -11.66 -3.91 -26.32
CA PHE E 106 -13.11 -4.19 -26.14
C PHE E 106 -13.79 -4.48 -27.48
N GLY E 107 -14.93 -5.17 -27.40
CA GLY E 107 -15.85 -5.34 -28.53
C GLY E 107 -16.89 -4.24 -28.57
N PRO E 108 -17.84 -4.34 -29.52
CA PRO E 108 -18.94 -3.37 -29.61
C PRO E 108 -20.14 -3.64 -28.67
N GLY E 109 -20.14 -4.79 -27.98
CA GLY E 109 -21.10 -5.11 -26.91
C GLY E 109 -22.37 -5.79 -27.40
N THR E 110 -22.96 -6.59 -26.52
CA THR E 110 -24.36 -7.07 -26.64
C THR E 110 -25.22 -6.32 -25.62
N ARG E 111 -26.17 -5.51 -26.08
CA ARG E 111 -27.08 -4.77 -25.17
C ARG E 111 -28.27 -5.68 -24.85
N LEU E 112 -28.23 -6.32 -23.69
CA LEU E 112 -29.32 -7.23 -23.25
C LEU E 112 -30.33 -6.43 -22.45
N LEU E 113 -31.60 -6.51 -22.82
CA LEU E 113 -32.70 -6.00 -21.98
C LEU E 113 -33.70 -7.13 -21.75
N VAL E 114 -34.00 -7.40 -20.48
CA VAL E 114 -34.94 -8.48 -20.08
C VAL E 114 -36.21 -7.81 -19.56
N LEU E 115 -37.35 -8.23 -20.10
CA LEU E 115 -38.67 -7.66 -19.71
C LEU E 115 -39.54 -8.78 -19.16
N GLU E 116 -40.48 -8.41 -18.29
CA GLU E 116 -41.53 -9.34 -17.79
C GLU E 116 -42.51 -9.59 -18.93
N ASP E 117 -42.74 -8.58 -19.77
CA ASP E 117 -43.75 -8.59 -20.85
C ASP E 117 -43.18 -7.86 -22.06
N LEU E 118 -43.40 -8.40 -23.26
CA LEU E 118 -42.93 -7.76 -24.52
C LEU E 118 -43.97 -6.78 -25.02
N LYS E 119 -45.09 -6.61 -24.31
CA LYS E 119 -46.15 -5.64 -24.66
C LYS E 119 -45.60 -4.20 -24.56
N ASN E 120 -44.51 -3.97 -23.82
CA ASN E 120 -44.01 -2.60 -23.58
C ASN E 120 -43.12 -2.15 -24.75
N VAL E 121 -42.85 -3.03 -25.70
CA VAL E 121 -41.91 -2.72 -26.82
C VAL E 121 -42.67 -1.94 -27.89
N PHE E 122 -42.14 -0.79 -28.30
CA PHE E 122 -42.72 0.06 -29.37
C PHE E 122 -41.62 0.52 -30.31
N PRO E 123 -41.93 0.67 -31.61
CA PRO E 123 -41.04 1.35 -32.53
C PRO E 123 -41.30 2.85 -32.47
N PRO E 124 -40.36 3.67 -32.97
CA PRO E 124 -40.53 5.12 -32.90
C PRO E 124 -41.53 5.66 -33.91
N GLU E 125 -42.34 6.62 -33.46
CA GLU E 125 -43.01 7.59 -34.34
C GLU E 125 -41.98 8.66 -34.72
N VAL E 126 -41.87 8.97 -35.99
CA VAL E 126 -40.87 9.96 -36.47
C VAL E 126 -41.61 11.09 -37.18
N ALA E 127 -41.24 12.32 -36.83
CA ALA E 127 -41.72 13.53 -37.51
C ALA E 127 -40.50 14.38 -37.86
N VAL E 128 -40.68 15.28 -38.82
CA VAL E 128 -39.63 16.24 -39.22
C VAL E 128 -40.28 17.61 -39.34
N PHE E 129 -39.58 18.63 -38.85
CA PHE E 129 -40.13 20.01 -38.70
C PHE E 129 -39.37 20.95 -39.63
N GLU E 130 -40.12 21.83 -40.29
CA GLU E 130 -39.60 22.77 -41.30
C GLU E 130 -39.03 23.99 -40.60
N PRO E 131 -37.91 24.55 -41.10
CA PRO E 131 -37.27 25.70 -40.47
C PRO E 131 -38.20 26.91 -40.31
N SER E 132 -37.95 27.71 -39.28
CA SER E 132 -38.74 28.93 -38.97
C SER E 132 -38.47 29.99 -40.04
N GLU E 133 -39.50 30.76 -40.41
CA GLU E 133 -39.39 31.93 -41.32
C GLU E 133 -38.45 32.96 -40.67
N ALA E 134 -38.73 33.30 -39.40
CA ALA E 134 -37.94 34.26 -38.58
C ALA E 134 -36.46 33.86 -38.58
N GLU E 135 -36.16 32.57 -38.41
CA GLU E 135 -34.76 32.07 -38.28
C GLU E 135 -34.01 32.29 -39.60
N ILE E 136 -34.68 32.14 -40.74
CA ILE E 136 -34.04 32.35 -42.06
C ILE E 136 -33.75 33.85 -42.22
N SER E 137 -34.71 34.70 -41.91
CA SER E 137 -34.55 36.17 -42.04
C SER E 137 -33.37 36.63 -41.17
N HIS E 138 -33.25 36.12 -39.94
CA HIS E 138 -32.31 36.63 -38.92
C HIS E 138 -30.87 36.24 -39.27
N THR E 139 -30.63 34.97 -39.58
CA THR E 139 -29.25 34.42 -39.75
C THR E 139 -28.98 34.02 -41.22
N GLN E 140 -30.00 33.92 -42.07
CA GLN E 140 -29.88 33.30 -43.42
C GLN E 140 -29.33 31.88 -43.25
N LYS E 141 -29.94 31.14 -42.32
CA LYS E 141 -29.66 29.70 -42.12
C LYS E 141 -30.98 28.99 -41.82
N ALA E 142 -31.07 27.71 -42.11
CA ALA E 142 -32.30 26.92 -41.95
C ALA E 142 -32.00 25.66 -41.14
N THR E 143 -32.65 25.54 -39.99
CA THR E 143 -32.48 24.39 -39.07
C THR E 143 -33.69 23.48 -39.21
N LEU E 144 -33.48 22.24 -39.65
CA LEU E 144 -34.54 21.21 -39.59
C LEU E 144 -34.43 20.48 -38.27
N VAL E 145 -35.56 20.00 -37.78
CA VAL E 145 -35.63 19.29 -36.48
C VAL E 145 -36.33 17.96 -36.69
N CYS E 146 -35.69 16.87 -36.29
CA CYS E 146 -36.28 15.51 -36.31
C CYS E 146 -36.68 15.13 -34.88
N LEU E 147 -37.83 14.50 -34.71
CA LEU E 147 -38.26 13.98 -33.39
C LEU E 147 -38.68 12.52 -33.57
N ALA E 148 -38.04 11.63 -32.82
CA ALA E 148 -38.48 10.22 -32.68
C ALA E 148 -39.08 10.06 -31.28
N THR E 149 -40.36 9.67 -31.20
CA THR E 149 -41.13 9.67 -29.93
C THR E 149 -41.80 8.31 -29.73
N GLY E 150 -41.87 7.86 -28.47
CA GLY E 150 -42.73 6.74 -28.05
C GLY E 150 -42.12 5.40 -28.40
N PHE E 151 -40.80 5.25 -28.35
CA PHE E 151 -40.11 3.97 -28.65
C PHE E 151 -39.52 3.39 -27.37
N TYR E 152 -39.64 2.08 -27.21
CA TYR E 152 -39.00 1.30 -26.13
C TYR E 152 -38.62 -0.06 -26.69
N PRO E 153 -37.38 -0.53 -26.51
CA PRO E 153 -36.35 0.17 -25.75
C PRO E 153 -35.69 1.33 -26.51
N ASP E 154 -34.63 1.90 -25.94
CA ASP E 154 -33.91 3.07 -26.51
C ASP E 154 -32.81 2.60 -27.48
N HIS E 155 -32.95 1.44 -28.11
CA HIS E 155 -32.00 0.95 -29.15
C HIS E 155 -32.37 1.60 -30.48
N VAL E 156 -31.88 2.81 -30.73
CA VAL E 156 -32.14 3.52 -32.01
C VAL E 156 -30.84 4.11 -32.53
N GLU E 157 -30.72 4.20 -33.85
CA GLU E 157 -29.68 4.96 -34.56
C GLU E 157 -30.40 5.92 -35.50
N LEU E 158 -30.10 7.20 -35.41
CA LEU E 158 -30.76 8.25 -36.24
C LEU E 158 -29.73 8.76 -37.24
N SER E 159 -30.19 9.10 -38.44
CA SER E 159 -29.35 9.72 -39.49
C SER E 159 -30.22 10.57 -40.42
N TRP E 160 -29.61 11.58 -41.01
CA TRP E 160 -30.23 12.43 -42.06
C TRP E 160 -29.73 11.96 -43.44
N TRP E 161 -30.65 11.83 -44.38
CA TRP E 161 -30.31 11.54 -45.79
C TRP E 161 -30.72 12.73 -46.68
N VAL E 162 -29.76 13.33 -47.37
CA VAL E 162 -30.04 14.46 -48.29
C VAL E 162 -30.05 13.91 -49.72
N ASN E 163 -31.18 14.05 -50.41
CA ASN E 163 -31.31 13.73 -51.85
C ASN E 163 -30.87 12.29 -52.09
N GLY E 164 -31.16 11.40 -51.14
CA GLY E 164 -30.83 9.96 -51.21
C GLY E 164 -29.36 9.67 -50.96
N LYS E 165 -28.72 10.41 -50.05
CA LYS E 165 -27.36 10.07 -49.56
C LYS E 165 -27.19 10.52 -48.11
N GLU E 166 -26.63 9.66 -47.27
CA GLU E 166 -26.42 9.92 -45.83
C GLU E 166 -25.41 11.05 -45.65
N VAL E 167 -25.71 12.00 -44.77
CA VAL E 167 -24.85 13.18 -44.49
C VAL E 167 -24.48 13.21 -43.01
N HIS E 168 -23.39 13.90 -42.69
CA HIS E 168 -22.84 14.03 -41.31
C HIS E 168 -22.58 15.50 -40.98
N SER E 169 -22.08 16.28 -41.94
CA SER E 169 -21.94 17.75 -41.84
C SER E 169 -23.33 18.36 -41.59
N GLY E 170 -23.42 19.29 -40.64
CA GLY E 170 -24.62 20.09 -40.39
C GLY E 170 -25.63 19.38 -39.49
N VAL E 171 -25.35 18.17 -39.01
CA VAL E 171 -26.29 17.46 -38.09
C VAL E 171 -25.65 17.30 -36.71
N CYS E 172 -26.45 17.48 -35.66
CA CYS E 172 -26.12 17.03 -34.29
C CYS E 172 -27.32 16.29 -33.71
N THR E 173 -27.11 15.06 -33.24
CA THR E 173 -28.14 14.28 -32.53
C THR E 173 -27.91 14.38 -31.02
N ASP E 174 -29.00 14.31 -30.25
CA ASP E 174 -28.94 14.31 -28.77
C ASP E 174 -28.01 13.19 -28.33
N PRO E 175 -27.16 13.44 -27.31
CA PRO E 175 -26.15 12.48 -26.89
C PRO E 175 -26.76 11.15 -26.42
N GLN E 176 -27.90 11.19 -25.74
CA GLN E 176 -28.67 9.97 -25.40
C GLN E 176 -30.16 10.31 -25.35
N PRO E 177 -31.04 9.33 -25.63
CA PRO E 177 -32.49 9.59 -25.64
C PRO E 177 -33.02 9.99 -24.25
N LEU E 178 -34.13 10.73 -24.22
CA LEU E 178 -34.75 11.15 -22.93
C LEU E 178 -36.05 10.38 -22.69
N LYS E 179 -36.39 10.15 -21.43
CA LYS E 179 -37.60 9.39 -21.04
C LYS E 179 -38.82 10.30 -21.11
N GLU E 180 -39.90 9.80 -21.71
CA GLU E 180 -41.17 10.56 -21.86
C GLU E 180 -41.84 10.74 -20.49
N GLN E 181 -41.63 9.80 -19.56
CA GLN E 181 -42.09 9.94 -18.16
C GLN E 181 -40.97 9.45 -17.26
N PRO E 182 -39.99 10.31 -16.92
CA PRO E 182 -38.75 9.87 -16.28
C PRO E 182 -38.95 9.05 -14.99
N ALA E 183 -40.09 9.23 -14.32
CA ALA E 183 -40.45 8.54 -13.05
C ALA E 183 -41.02 7.14 -13.33
N LEU E 184 -41.67 6.93 -14.48
CA LEU E 184 -42.45 5.69 -14.77
C LEU E 184 -41.49 4.49 -14.86
N ASN E 185 -41.90 3.34 -14.32
CA ASN E 185 -41.18 2.06 -14.46
C ASN E 185 -41.25 1.63 -15.94
N ASP E 186 -40.10 1.52 -16.61
CA ASP E 186 -40.01 1.19 -18.06
C ASP E 186 -40.76 2.25 -18.85
N SER E 187 -40.24 3.48 -18.85
CA SER E 187 -40.80 4.64 -19.58
C SER E 187 -40.40 4.57 -21.05
N ARG E 188 -41.28 5.02 -21.93
CA ARG E 188 -40.96 5.18 -23.37
C ARG E 188 -39.92 6.29 -23.54
N TYR E 189 -39.27 6.32 -24.70
CA TYR E 189 -38.12 7.22 -24.95
C TYR E 189 -38.43 8.15 -26.12
N ALA E 190 -37.70 9.26 -26.17
CA ALA E 190 -37.78 10.25 -27.25
C ALA E 190 -36.37 10.68 -27.64
N LEU E 191 -36.19 11.13 -28.87
CA LEU E 191 -34.88 11.60 -29.37
C LEU E 191 -35.10 12.70 -30.40
N SER E 192 -34.19 13.68 -30.39
CA SER E 192 -34.23 14.85 -31.30
C SER E 192 -32.95 14.89 -32.12
N SER E 193 -33.00 15.58 -33.25
CA SER E 193 -31.84 15.81 -34.13
C SER E 193 -32.05 17.12 -34.90
N ARG E 194 -30.96 17.83 -35.16
CA ARG E 194 -30.98 19.08 -35.95
C ARG E 194 -30.11 18.92 -37.18
N LEU E 195 -30.66 19.22 -38.35
CA LEU E 195 -29.90 19.39 -39.61
C LEU E 195 -30.02 20.85 -40.02
N ARG E 196 -28.90 21.57 -40.03
CA ARG E 196 -28.85 23.01 -40.41
C ARG E 196 -28.11 23.14 -41.74
N VAL E 197 -28.69 23.92 -42.65
CA VAL E 197 -28.12 24.15 -44.01
C VAL E 197 -28.25 25.63 -44.33
N SER E 198 -27.63 26.09 -45.42
CA SER E 198 -27.75 27.47 -45.92
C SER E 198 -29.22 27.74 -46.25
N ALA E 199 -29.67 28.97 -46.02
CA ALA E 199 -31.05 29.40 -46.34
C ALA E 199 -31.35 29.14 -47.83
N THR E 200 -30.36 29.27 -48.70
CA THR E 200 -30.54 29.09 -50.16
C THR E 200 -30.88 27.63 -50.45
N PHE E 201 -30.22 26.68 -49.77
CA PHE E 201 -30.35 25.23 -50.05
C PHE E 201 -31.71 24.75 -49.57
N TRP E 202 -32.23 25.30 -48.47
CA TRP E 202 -33.57 24.92 -47.97
C TRP E 202 -34.62 25.37 -48.99
N GLN E 203 -34.60 26.64 -49.39
CA GLN E 203 -35.68 27.27 -50.20
C GLN E 203 -35.68 26.67 -51.62
N ASP E 204 -34.56 26.07 -52.03
CA ASP E 204 -34.47 25.27 -53.29
C ASP E 204 -35.41 24.08 -53.16
N PRO E 205 -36.54 24.05 -53.89
CA PRO E 205 -37.53 22.97 -53.74
C PRO E 205 -37.13 21.68 -54.49
N ARG E 206 -36.00 21.70 -55.20
CA ARG E 206 -35.42 20.49 -55.84
C ARG E 206 -34.96 19.51 -54.75
N ASN E 207 -34.55 20.03 -53.59
CA ASN E 207 -33.84 19.24 -52.56
C ASN E 207 -34.82 18.40 -51.73
N HIS E 208 -34.41 17.17 -51.40
CA HIS E 208 -35.17 16.21 -50.57
C HIS E 208 -34.47 16.03 -49.23
N PHE E 209 -35.20 16.12 -48.13
CA PHE E 209 -34.66 15.91 -46.75
C PHE E 209 -35.45 14.79 -46.08
N ARG E 210 -34.74 13.76 -45.63
CA ARG E 210 -35.35 12.60 -44.92
C ARG E 210 -34.60 12.35 -43.61
N CYS E 211 -35.35 12.21 -42.53
CA CYS E 211 -34.83 11.74 -41.23
C CYS E 211 -35.14 10.25 -41.07
N GLN E 212 -34.14 9.49 -40.64
CA GLN E 212 -34.22 8.01 -40.60
C GLN E 212 -33.76 7.52 -39.23
N VAL E 213 -34.61 6.77 -38.53
CA VAL E 213 -34.24 6.22 -37.20
C VAL E 213 -34.40 4.71 -37.25
N GLN E 214 -33.28 4.02 -37.35
CA GLN E 214 -33.25 2.55 -37.27
C GLN E 214 -33.63 2.15 -35.84
N PHE E 215 -34.56 1.22 -35.69
CA PHE E 215 -35.01 0.72 -34.37
C PHE E 215 -34.81 -0.79 -34.31
N TYR E 216 -34.19 -1.28 -33.24
CA TYR E 216 -33.91 -2.72 -33.04
C TYR E 216 -34.94 -3.28 -32.05
N GLY E 217 -35.93 -4.01 -32.57
CA GLY E 217 -37.05 -4.53 -31.77
C GLY E 217 -37.01 -6.05 -31.68
N LEU E 218 -38.19 -6.66 -31.70
CA LEU E 218 -38.35 -8.13 -31.55
C LEU E 218 -37.78 -8.81 -32.80
N SER E 219 -37.28 -10.03 -32.64
CA SER E 219 -36.81 -10.85 -33.79
C SER E 219 -38.02 -11.32 -34.59
N GLU E 220 -37.75 -11.85 -35.79
CA GLU E 220 -38.77 -12.47 -36.67
C GLU E 220 -39.31 -13.75 -35.99
N ASN E 221 -38.57 -14.33 -35.04
CA ASN E 221 -38.98 -15.61 -34.39
C ASN E 221 -39.48 -15.36 -32.96
N ASP E 222 -39.93 -14.15 -32.64
CA ASP E 222 -40.54 -13.88 -31.30
C ASP E 222 -42.04 -14.12 -31.35
N GLU E 223 -42.59 -14.68 -30.26
CA GLU E 223 -44.04 -14.90 -30.06
C GLU E 223 -44.74 -13.53 -29.94
N TRP E 224 -45.70 -13.26 -30.81
CA TRP E 224 -46.48 -11.99 -30.76
C TRP E 224 -47.97 -12.30 -30.91
N THR E 225 -48.78 -11.83 -29.96
CA THR E 225 -50.24 -12.07 -29.94
C THR E 225 -50.95 -10.84 -29.41
N GLN E 226 -50.60 -9.64 -29.88
CA GLN E 226 -51.34 -8.40 -29.53
C GLN E 226 -52.03 -7.88 -30.79
N ASP E 227 -52.92 -6.90 -30.65
CA ASP E 227 -53.70 -6.34 -31.79
C ASP E 227 -52.77 -5.51 -32.68
N ARG E 228 -52.02 -4.57 -32.10
CA ARG E 228 -51.14 -3.67 -32.87
C ARG E 228 -50.05 -4.49 -33.57
N ALA E 229 -49.40 -3.88 -34.57
CA ALA E 229 -48.34 -4.51 -35.38
C ALA E 229 -47.21 -4.98 -34.46
N LYS E 230 -46.51 -6.03 -34.88
CA LYS E 230 -45.39 -6.61 -34.10
C LYS E 230 -44.20 -5.65 -34.17
N PRO E 231 -43.72 -5.12 -33.03
CA PRO E 231 -42.61 -4.17 -33.03
C PRO E 231 -41.26 -4.87 -33.28
N VAL E 232 -41.04 -5.25 -34.53
CA VAL E 232 -39.79 -5.94 -34.96
C VAL E 232 -38.77 -4.87 -35.37
N THR E 233 -37.56 -5.31 -35.66
CA THR E 233 -36.50 -4.45 -36.23
C THR E 233 -37.06 -3.75 -37.46
N GLN E 234 -36.89 -2.44 -37.55
CA GLN E 234 -37.43 -1.68 -38.70
C GLN E 234 -36.78 -0.30 -38.74
N ILE E 235 -36.82 0.33 -39.91
CA ILE E 235 -36.44 1.76 -40.10
C ILE E 235 -37.73 2.54 -40.23
N VAL E 236 -37.80 3.69 -39.58
CA VAL E 236 -38.97 4.59 -39.69
C VAL E 236 -38.45 5.95 -40.13
N SER E 237 -39.17 6.62 -41.04
CA SER E 237 -38.68 7.85 -41.72
C SER E 237 -39.73 8.95 -41.67
N ALA E 238 -39.32 10.18 -42.01
CA ALA E 238 -40.17 11.36 -42.21
C ALA E 238 -39.50 12.26 -43.23
N GLU E 239 -40.28 12.80 -44.19
CA GLU E 239 -39.74 13.47 -45.39
C GLU E 239 -40.13 14.95 -45.41
N THR E 240 -39.34 15.74 -46.15
CA THR E 240 -39.67 17.15 -46.52
C THR E 240 -39.10 17.46 -47.90
N TRP E 241 -39.74 18.40 -48.58
CA TRP E 241 -39.20 19.10 -49.77
C TRP E 241 -38.96 20.56 -49.40
N GLY E 242 -37.99 21.19 -50.07
CA GLY E 242 -37.70 22.63 -49.94
C GLY E 242 -38.90 23.50 -50.28
N ARG E 243 -39.03 24.64 -49.61
CA ARG E 243 -40.15 25.59 -49.81
C ARG E 243 -39.60 27.01 -49.92
N ALA E 244 -39.85 27.71 -51.03
CA ALA E 244 -39.43 29.10 -51.26
C ALA E 244 -40.62 30.06 -51.13
N ASP E 245 -41.83 29.58 -51.43
CA ASP E 245 -43.11 30.33 -51.27
C ASP E 245 -43.08 31.55 -52.18
N GLY F 1 -18.17 20.46 -9.26
CA GLY F 1 -17.70 21.64 -8.47
C GLY F 1 -16.53 21.30 -7.56
N SER F 2 -16.08 22.27 -6.76
CA SER F 2 -14.98 22.10 -5.79
C SER F 2 -15.50 21.51 -4.48
N HIS F 3 -14.60 21.02 -3.65
CA HIS F 3 -14.92 20.28 -2.40
C HIS F 3 -13.91 20.63 -1.32
N SER F 4 -14.22 20.28 -0.08
CA SER F 4 -13.46 20.72 1.10
C SER F 4 -13.60 19.71 2.23
N MET F 5 -12.54 19.52 3.00
CA MET F 5 -12.54 18.73 4.25
C MET F 5 -12.03 19.66 5.36
N ARG F 6 -12.79 19.81 6.43
CA ARG F 6 -12.35 20.64 7.58
C ARG F 6 -12.65 19.92 8.89
N TYR F 7 -11.63 19.83 9.73
CA TYR F 7 -11.76 19.44 11.15
C TYR F 7 -11.83 20.72 11.98
N PHE F 8 -12.79 20.80 12.87
CA PHE F 8 -12.93 21.92 13.84
C PHE F 8 -12.72 21.37 15.25
N PHE F 9 -11.99 22.12 16.05
CA PHE F 9 -11.60 21.74 17.44
C PHE F 9 -11.95 22.90 18.36
N THR F 10 -12.60 22.59 19.47
CA THR F 10 -12.95 23.61 20.48
C THR F 10 -12.63 23.05 21.86
N SER F 11 -11.85 23.79 22.63
CA SER F 11 -11.54 23.48 24.04
C SER F 11 -11.88 24.70 24.87
N VAL F 12 -12.60 24.48 25.97
CA VAL F 12 -13.14 25.57 26.82
C VAL F 12 -12.82 25.23 28.27
N SER F 13 -12.24 26.17 29.00
CA SER F 13 -11.84 25.97 30.41
C SER F 13 -13.08 26.02 31.32
N ARG F 14 -13.08 25.18 32.34
CA ARG F 14 -14.12 25.14 33.39
C ARG F 14 -13.44 25.29 34.74
N PRO F 15 -12.87 26.47 35.05
CA PRO F 15 -12.02 26.59 36.23
C PRO F 15 -12.77 26.27 37.52
N GLY F 16 -12.23 25.35 38.32
CA GLY F 16 -12.86 24.84 39.54
C GLY F 16 -13.77 23.65 39.30
N ARG F 17 -14.28 23.45 38.08
CA ARG F 17 -15.25 22.36 37.78
C ARG F 17 -14.63 21.36 36.79
N GLY F 18 -13.37 20.97 37.01
CA GLY F 18 -12.76 19.78 36.38
C GLY F 18 -11.91 20.15 35.16
N GLU F 19 -11.88 19.28 34.14
CA GLU F 19 -10.98 19.44 32.98
C GLU F 19 -11.69 20.26 31.90
N PRO F 20 -10.95 20.92 30.98
CA PRO F 20 -11.57 21.61 29.86
C PRO F 20 -12.49 20.71 29.02
N ARG F 21 -13.62 21.25 28.62
CA ARG F 21 -14.55 20.63 27.63
C ARG F 21 -13.91 20.77 26.26
N PHE F 22 -13.67 19.66 25.58
CA PHE F 22 -13.07 19.65 24.23
C PHE F 22 -13.98 18.86 23.29
N ILE F 23 -14.39 19.46 22.19
CA ILE F 23 -15.29 18.79 21.21
C ILE F 23 -14.71 19.05 19.82
N ALA F 24 -14.54 17.98 19.06
CA ALA F 24 -13.93 17.99 17.73
C ALA F 24 -14.93 17.41 16.73
N VAL F 25 -15.23 18.17 15.68
CA VAL F 25 -16.16 17.72 14.61
C VAL F 25 -15.39 17.75 13.29
N GLY F 26 -15.84 16.94 12.35
CA GLY F 26 -15.25 16.86 11.01
C GLY F 26 -16.32 17.08 9.96
N TYR F 27 -16.02 17.90 8.96
CA TYR F 27 -16.96 18.19 7.85
C TYR F 27 -16.30 17.86 6.52
N VAL F 28 -17.14 17.44 5.58
CA VAL F 28 -16.85 17.48 4.13
C VAL F 28 -17.94 18.34 3.49
N ASP F 29 -17.53 19.42 2.82
CA ASP F 29 -18.46 20.45 2.32
C ASP F 29 -19.33 20.88 3.50
N ASP F 30 -20.67 20.85 3.37
CA ASP F 30 -21.57 21.25 4.47
C ASP F 30 -22.16 20.00 5.13
N THR F 31 -21.51 18.84 4.98
CA THR F 31 -21.96 17.59 5.64
C THR F 31 -20.94 17.22 6.71
N GLN F 32 -21.36 17.16 7.97
CA GLN F 32 -20.49 16.68 9.07
C GLN F 32 -20.54 15.15 9.06
N PHE F 33 -19.42 14.51 9.42
CA PHE F 33 -19.28 13.03 9.32
C PHE F 33 -18.63 12.42 10.57
N VAL F 34 -17.97 13.19 11.43
CA VAL F 34 -17.36 12.61 12.67
C VAL F 34 -17.50 13.60 13.82
N ARG F 35 -17.62 13.08 15.04
CA ARG F 35 -17.69 13.90 16.28
C ARG F 35 -16.76 13.26 17.31
N PHE F 36 -16.25 14.07 18.24
CA PHE F 36 -15.68 13.59 19.52
C PHE F 36 -15.99 14.61 20.61
N ASP F 37 -16.44 14.12 21.76
CA ASP F 37 -16.72 14.95 22.96
C ASP F 37 -15.99 14.32 24.13
N SER F 38 -15.18 15.11 24.82
CA SER F 38 -14.37 14.67 25.99
C SER F 38 -15.30 14.26 27.13
N ASP F 39 -16.46 14.90 27.27
CA ASP F 39 -17.42 14.62 28.37
C ASP F 39 -18.32 13.44 28.00
N ALA F 40 -18.45 13.12 26.70
CA ALA F 40 -19.36 12.05 26.22
C ALA F 40 -18.92 10.71 26.79
N ALA F 41 -19.83 9.74 26.76
CA ALA F 41 -19.67 8.41 27.39
C ALA F 41 -18.57 7.60 26.67
N SER F 42 -18.65 7.54 25.34
CA SER F 42 -17.92 6.57 24.49
C SER F 42 -16.42 6.81 24.61
N GLN F 43 -16.00 8.08 24.68
CA GLN F 43 -14.57 8.48 24.58
C GLN F 43 -13.99 7.88 23.30
N ARG F 44 -14.74 7.95 22.22
CA ARG F 44 -14.32 7.47 20.88
C ARG F 44 -14.75 8.50 19.84
N MET F 45 -14.10 8.46 18.68
CA MET F 45 -14.60 9.21 17.51
C MET F 45 -15.83 8.46 17.02
N GLU F 46 -16.91 9.18 16.77
CA GLU F 46 -18.21 8.57 16.42
C GLU F 46 -18.61 8.99 15.00
N PRO F 47 -19.16 8.06 14.20
CA PRO F 47 -19.71 8.42 12.89
C PRO F 47 -20.96 9.29 13.07
N ARG F 48 -21.06 10.34 12.25
CA ARG F 48 -22.25 11.22 12.23
C ARG F 48 -22.80 11.36 10.80
N ALA F 49 -22.34 10.50 9.89
CA ALA F 49 -22.88 10.36 8.53
C ALA F 49 -22.85 8.89 8.17
N PRO F 50 -23.87 8.38 7.46
CA PRO F 50 -23.98 6.94 7.23
C PRO F 50 -22.86 6.37 6.33
N TRP F 51 -22.25 7.19 5.49
CA TRP F 51 -21.27 6.72 4.48
C TRP F 51 -19.90 6.45 5.12
N ILE F 52 -19.61 7.05 6.28
CA ILE F 52 -18.29 6.87 6.96
C ILE F 52 -18.34 5.61 7.82
N GLU F 53 -19.52 5.08 8.15
CA GLU F 53 -19.64 3.86 8.98
C GLU F 53 -19.04 2.68 8.19
N GLN F 54 -18.90 2.83 6.87
CA GLN F 54 -18.20 1.87 5.98
C GLN F 54 -16.81 1.54 6.54
N GLU F 55 -16.11 2.51 7.14
CA GLU F 55 -14.68 2.38 7.50
C GLU F 55 -14.51 1.27 8.54
N GLY F 56 -13.46 0.47 8.39
CA GLY F 56 -13.11 -0.62 9.34
C GLY F 56 -12.77 -0.12 10.74
N PRO F 57 -12.56 -1.03 11.71
CA PRO F 57 -12.31 -0.65 13.09
C PRO F 57 -10.97 0.08 13.26
N GLU F 58 -9.94 -0.32 12.50
CA GLU F 58 -8.62 0.35 12.48
C GLU F 58 -8.79 1.85 12.18
N TYR F 59 -9.73 2.24 11.32
CA TYR F 59 -9.99 3.67 11.03
C TYR F 59 -10.39 4.36 12.34
N TRP F 60 -11.31 3.76 13.10
CA TRP F 60 -11.91 4.40 14.29
C TRP F 60 -10.93 4.38 15.46
N ASP F 61 -10.19 3.27 15.63
CA ASP F 61 -9.14 3.18 16.69
C ASP F 61 -8.15 4.33 16.48
N GLY F 62 -7.70 4.51 15.24
CA GLY F 62 -6.69 5.51 14.87
C GLY F 62 -7.22 6.92 15.01
N GLU F 63 -8.38 7.19 14.43
CA GLU F 63 -8.98 8.55 14.45
C GLU F 63 -9.35 8.89 15.89
N THR F 64 -9.67 7.89 16.72
CA THR F 64 -9.99 8.13 18.15
C THR F 64 -8.70 8.50 18.88
N ARG F 65 -7.61 7.78 18.57
CA ARG F 65 -6.33 7.99 19.27
C ARG F 65 -5.83 9.40 18.94
N LYS F 66 -5.90 9.78 17.66
CA LYS F 66 -5.45 11.11 17.19
C LYS F 66 -6.27 12.19 17.89
N VAL F 67 -7.59 12.07 17.86
CA VAL F 67 -8.46 13.14 18.43
C VAL F 67 -8.22 13.24 19.94
N LYS F 68 -7.89 12.13 20.60
CA LYS F 68 -7.61 12.17 22.05
C LYS F 68 -6.34 12.98 22.31
N ALA F 69 -5.30 12.79 21.49
CA ALA F 69 -4.02 13.54 21.60
C ALA F 69 -4.29 15.04 21.40
N HIS F 70 -5.25 15.38 20.55
CA HIS F 70 -5.65 16.80 20.30
C HIS F 70 -6.29 17.36 21.58
N SER F 71 -7.19 16.59 22.20
CA SER F 71 -7.81 16.94 23.50
C SER F 71 -6.71 17.28 24.50
N GLN F 72 -5.69 16.44 24.56
CA GLN F 72 -4.56 16.58 25.51
C GLN F 72 -3.78 17.84 25.15
N THR F 73 -3.51 18.04 23.87
CA THR F 73 -2.77 19.22 23.37
C THR F 73 -3.51 20.51 23.76
N HIS F 74 -4.80 20.59 23.52
CA HIS F 74 -5.58 21.84 23.70
C HIS F 74 -5.77 22.12 25.20
N ARG F 75 -5.87 21.10 26.04
CA ARG F 75 -5.86 21.29 27.50
C ARG F 75 -4.60 22.09 27.88
N VAL F 76 -3.45 21.64 27.41
CA VAL F 76 -2.14 22.27 27.74
C VAL F 76 -2.10 23.66 27.09
N ASP F 77 -2.67 23.81 25.89
CA ASP F 77 -2.71 25.11 25.18
C ASP F 77 -3.35 26.18 26.05
N LEU F 78 -4.51 25.89 26.67
CA LEU F 78 -5.18 26.84 27.60
C LEU F 78 -4.18 27.26 28.68
N GLY F 79 -3.48 26.29 29.28
CA GLY F 79 -2.48 26.55 30.32
C GLY F 79 -1.34 27.39 29.78
N THR F 80 -0.87 27.07 28.58
CA THR F 80 0.25 27.78 27.94
C THR F 80 -0.15 29.23 27.69
N LEU F 81 -1.37 29.45 27.20
CA LEU F 81 -1.85 30.80 26.81
C LEU F 81 -2.01 31.64 28.06
N ARG F 82 -2.66 31.10 29.09
CA ARG F 82 -2.81 31.74 30.41
C ARG F 82 -1.44 32.32 30.81
N GLY F 83 -0.38 31.51 30.71
CA GLY F 83 1.00 31.93 31.04
C GLY F 83 1.50 33.02 30.10
N TYR F 84 1.25 32.85 28.79
CA TYR F 84 1.72 33.78 27.73
C TYR F 84 1.18 35.19 28.00
N TYR F 85 -0.08 35.29 28.44
CA TYR F 85 -0.83 36.57 28.54
C TYR F 85 -0.90 37.05 30.00
N ASN F 86 -0.29 36.31 30.93
CA ASN F 86 -0.27 36.66 32.38
C ASN F 86 -1.70 36.88 32.86
N GLN F 87 -2.54 35.85 32.71
CA GLN F 87 -3.94 35.86 33.19
C GLN F 87 -4.06 34.82 34.30
N SER F 88 -5.13 34.92 35.10
CA SER F 88 -5.32 34.10 36.32
C SER F 88 -6.08 32.82 35.99
N GLU F 89 -5.83 31.76 36.76
CA GLU F 89 -6.43 30.42 36.55
C GLU F 89 -7.93 30.47 36.86
N ALA F 90 -8.41 31.57 37.45
CA ALA F 90 -9.82 31.71 37.89
C ALA F 90 -10.74 31.81 36.66
N GLY F 91 -10.36 32.63 35.68
CA GLY F 91 -11.22 33.01 34.54
C GLY F 91 -11.34 31.90 33.50
N SER F 92 -12.51 31.77 32.87
CA SER F 92 -12.76 30.80 31.78
C SER F 92 -12.24 31.37 30.45
N HIS F 93 -11.69 30.50 29.61
CA HIS F 93 -11.17 30.88 28.28
C HIS F 93 -11.48 29.79 27.25
N THR F 94 -11.45 30.15 25.98
CA THR F 94 -11.86 29.26 24.86
C THR F 94 -10.72 29.16 23.85
N VAL F 95 -10.50 27.95 23.35
CA VAL F 95 -9.45 27.68 22.33
C VAL F 95 -10.10 27.03 21.12
N GLN F 96 -9.67 27.45 19.94
CA GLN F 96 -10.28 27.02 18.67
C GLN F 96 -9.17 26.78 17.64
N ARG F 97 -9.13 25.58 17.07
CA ARG F 97 -8.23 25.26 15.95
C ARG F 97 -9.08 24.74 14.80
N MET F 98 -8.66 25.09 13.59
CA MET F 98 -9.27 24.59 12.34
C MET F 98 -8.12 24.26 11.37
N TYR F 99 -8.18 23.08 10.75
CA TYR F 99 -7.34 22.77 9.58
C TYR F 99 -8.14 21.95 8.58
N GLY F 100 -7.66 21.93 7.34
CA GLY F 100 -8.25 21.11 6.27
C GLY F 100 -7.71 21.51 4.90
N CYS F 101 -8.27 20.91 3.85
CA CYS F 101 -7.78 21.11 2.46
C CYS F 101 -8.96 21.46 1.55
N ASP F 102 -8.61 21.91 0.36
CA ASP F 102 -9.56 22.23 -0.72
C ASP F 102 -9.07 21.51 -1.97
N VAL F 103 -10.02 21.02 -2.76
CA VAL F 103 -9.73 20.51 -4.12
C VAL F 103 -10.67 21.20 -5.10
N GLY F 104 -10.18 21.50 -6.30
CA GLY F 104 -11.00 22.04 -7.39
C GLY F 104 -11.90 20.96 -7.97
N SER F 105 -12.58 21.27 -9.05
CA SER F 105 -13.48 20.31 -9.73
C SER F 105 -12.66 19.21 -10.40
N ASP F 106 -11.37 19.44 -10.63
CA ASP F 106 -10.46 18.43 -11.20
C ASP F 106 -9.91 17.52 -10.09
N TRP F 107 -10.35 17.73 -8.84
CA TRP F 107 -9.95 16.94 -7.65
C TRP F 107 -8.45 17.09 -7.38
N ARG F 108 -7.79 18.04 -8.03
CA ARG F 108 -6.39 18.41 -7.71
C ARG F 108 -6.42 19.33 -6.50
N PHE F 109 -5.38 19.25 -5.66
CA PHE F 109 -5.17 20.13 -4.48
C PHE F 109 -5.37 21.59 -4.88
N LEU F 110 -6.09 22.34 -4.06
CA LEU F 110 -6.30 23.80 -4.25
C LEU F 110 -5.62 24.59 -3.12
N ARG F 111 -5.94 24.31 -1.85
CA ARG F 111 -5.31 25.07 -0.74
C ARG F 111 -5.38 24.24 0.54
N GLY F 112 -4.58 24.63 1.53
CA GLY F 112 -4.60 24.05 2.88
C GLY F 112 -4.73 25.14 3.92
N TYR F 113 -5.31 24.81 5.06
CA TYR F 113 -5.52 25.76 6.17
C TYR F 113 -5.06 25.10 7.46
N HIS F 114 -4.53 25.90 8.39
CA HIS F 114 -4.31 25.48 9.79
C HIS F 114 -4.38 26.70 10.69
N GLN F 115 -5.58 27.17 11.00
CA GLN F 115 -5.73 28.44 11.76
C GLN F 115 -6.06 28.14 13.22
N TYR F 116 -5.85 29.11 14.08
CA TYR F 116 -5.98 28.99 15.54
C TYR F 116 -6.53 30.30 16.10
N ALA F 117 -7.37 30.20 17.13
CA ALA F 117 -8.01 31.37 17.74
C ALA F 117 -8.06 31.20 19.26
N TYR F 118 -7.81 32.29 19.97
CA TYR F 118 -7.90 32.37 21.45
C TYR F 118 -9.06 33.30 21.82
N ASP F 119 -10.09 32.72 22.43
CA ASP F 119 -11.26 33.47 22.95
C ASP F 119 -11.90 34.25 21.79
N GLY F 120 -11.80 33.73 20.57
CA GLY F 120 -12.59 34.21 19.41
C GLY F 120 -11.83 35.15 18.48
N LYS F 121 -10.59 35.55 18.79
CA LYS F 121 -9.82 36.37 17.83
C LYS F 121 -8.59 35.59 17.33
N ASP F 122 -8.20 35.82 16.09
CA ASP F 122 -7.09 35.10 15.41
C ASP F 122 -5.84 35.15 16.28
N TYR F 123 -5.30 33.98 16.59
CA TYR F 123 -4.02 33.84 17.32
C TYR F 123 -2.89 33.69 16.32
N ILE F 124 -2.86 32.56 15.60
CA ILE F 124 -1.85 32.30 14.53
C ILE F 124 -2.52 31.48 13.44
N ALA F 125 -2.07 31.66 12.21
CA ALA F 125 -2.58 30.93 11.03
C ALA F 125 -1.43 30.61 10.09
N LEU F 126 -1.52 29.49 9.40
CA LEU F 126 -0.53 29.08 8.38
C LEU F 126 -0.90 29.75 7.05
N LYS F 127 0.06 30.39 6.38
CA LYS F 127 -0.18 31.15 5.14
C LYS F 127 -0.41 30.18 3.99
N GLU F 128 -0.95 30.70 2.89
CA GLU F 128 -1.38 29.90 1.72
C GLU F 128 -0.18 29.08 1.23
N ASP F 129 1.05 29.56 1.44
CA ASP F 129 2.26 28.90 0.87
C ASP F 129 2.54 27.61 1.65
N LEU F 130 1.98 27.46 2.84
CA LEU F 130 2.12 26.27 3.72
C LEU F 130 3.60 26.15 4.16
N ARG F 131 4.27 27.28 4.33
CA ARG F 131 5.71 27.32 4.73
C ARG F 131 5.98 28.38 5.80
N SER F 132 4.95 29.07 6.28
CA SER F 132 5.12 30.35 7.00
C SER F 132 3.90 30.60 7.88
N TRP F 133 4.09 31.38 8.93
CA TRP F 133 3.01 31.63 9.91
C TRP F 133 2.72 33.13 10.03
N THR F 134 1.51 33.44 10.49
CA THR F 134 1.00 34.81 10.70
C THR F 134 0.69 34.99 12.19
N ALA F 135 1.62 35.58 12.93
CA ALA F 135 1.49 35.81 14.38
C ALA F 135 0.90 37.20 14.60
N ALA F 136 -0.23 37.28 15.30
CA ALA F 136 -0.89 38.56 15.67
C ALA F 136 0.02 39.30 16.68
N ASP F 137 0.03 38.87 17.94
CA ASP F 137 0.74 39.60 19.05
C ASP F 137 2.10 38.95 19.29
N MET F 138 2.80 39.40 20.32
CA MET F 138 4.06 38.77 20.80
C MET F 138 3.75 37.37 21.32
N ALA F 139 2.57 37.15 21.90
CA ALA F 139 2.20 35.80 22.39
C ALA F 139 2.27 34.80 21.23
N ALA F 140 1.59 35.10 20.12
CA ALA F 140 1.61 34.25 18.92
C ALA F 140 3.02 34.23 18.34
N GLN F 141 3.77 35.33 18.50
CA GLN F 141 5.16 35.44 17.97
C GLN F 141 6.05 34.38 18.64
N THR F 142 5.83 34.06 19.92
CA THR F 142 6.65 33.06 20.63
C THR F 142 6.21 31.66 20.18
N THR F 143 4.91 31.45 20.00
CA THR F 143 4.37 30.22 19.36
C THR F 143 4.99 30.08 17.97
N LYS F 144 5.16 31.19 17.26
CA LYS F 144 5.65 31.19 15.86
C LYS F 144 7.07 30.60 15.85
N HIS F 145 7.98 31.15 16.67
CA HIS F 145 9.39 30.70 16.71
C HIS F 145 9.46 29.25 17.21
N LYS F 146 8.55 28.85 18.10
CA LYS F 146 8.58 27.50 18.69
C LYS F 146 8.26 26.50 17.58
N TRP F 147 7.34 26.88 16.70
CA TRP F 147 6.91 26.02 15.56
C TRP F 147 8.01 26.00 14.50
N GLU F 148 8.68 27.13 14.26
CA GLU F 148 9.74 27.21 13.22
C GLU F 148 10.92 26.35 13.70
N ALA F 149 11.22 26.37 15.00
CA ALA F 149 12.32 25.58 15.61
C ALA F 149 12.03 24.09 15.44
N ALA F 150 10.77 23.66 15.67
CA ALA F 150 10.36 22.24 15.57
C ALA F 150 10.22 21.80 14.10
N HIS F 151 10.03 22.73 13.15
CA HIS F 151 9.77 22.42 11.72
C HIS F 151 8.39 21.77 11.59
N VAL F 152 7.36 22.42 12.08
CA VAL F 152 5.97 21.91 12.03
C VAL F 152 5.51 21.82 10.57
N ALA F 153 5.71 22.91 9.83
CA ALA F 153 5.18 23.11 8.46
C ALA F 153 5.53 21.91 7.58
N GLU F 154 6.79 21.50 7.63
CA GLU F 154 7.36 20.39 6.83
C GLU F 154 6.31 19.31 6.52
N GLN F 155 5.81 18.62 7.54
CA GLN F 155 4.92 17.45 7.37
C GLN F 155 3.46 17.92 7.40
N LEU F 156 3.16 19.00 8.12
CA LEU F 156 1.80 19.60 8.08
C LEU F 156 1.47 19.94 6.63
N ARG F 157 2.42 20.51 5.89
CA ARG F 157 2.23 20.78 4.44
C ARG F 157 2.04 19.46 3.72
N ALA F 158 2.81 18.43 4.04
CA ALA F 158 2.71 17.09 3.40
C ALA F 158 1.33 16.50 3.68
N TYR F 159 0.77 16.72 4.88
CA TYR F 159 -0.59 16.22 5.22
C TYR F 159 -1.63 16.95 4.37
N LEU F 160 -1.60 18.29 4.37
CA LEU F 160 -2.63 19.12 3.69
C LEU F 160 -2.52 18.96 2.16
N GLU F 161 -1.31 18.78 1.65
CA GLU F 161 -1.12 18.61 0.19
C GLU F 161 -1.36 17.14 -0.16
N GLY F 162 -1.19 16.22 0.79
CA GLY F 162 -1.17 14.77 0.50
C GLY F 162 -2.32 14.04 1.14
N THR F 163 -2.15 13.63 2.40
CA THR F 163 -3.12 12.78 3.13
C THR F 163 -4.49 13.45 3.16
N CYS F 164 -4.55 14.75 3.49
CA CYS F 164 -5.84 15.46 3.62
C CYS F 164 -6.61 15.33 2.31
N VAL F 165 -5.98 15.63 1.18
CA VAL F 165 -6.70 15.65 -0.14
C VAL F 165 -6.97 14.20 -0.56
N GLU F 166 -6.02 13.29 -0.33
CA GLU F 166 -6.20 11.87 -0.73
C GLU F 166 -7.44 11.30 -0.04
N TRP F 167 -7.68 11.63 1.23
CA TRP F 167 -8.77 11.04 2.02
C TRP F 167 -10.10 11.76 1.73
N LEU F 168 -10.05 13.05 1.39
CA LEU F 168 -11.27 13.78 0.97
C LEU F 168 -11.81 13.14 -0.31
N ARG F 169 -10.93 12.71 -1.22
CA ARG F 169 -11.36 12.08 -2.49
C ARG F 169 -11.99 10.72 -2.17
N ARG F 170 -11.37 9.97 -1.27
CA ARG F 170 -11.89 8.64 -0.85
C ARG F 170 -13.29 8.85 -0.26
N TYR F 171 -13.47 9.88 0.54
CA TYR F 171 -14.80 10.21 1.13
C TYR F 171 -15.77 10.57 0.02
N LEU F 172 -15.33 11.34 -0.98
CA LEU F 172 -16.22 11.76 -2.10
C LEU F 172 -16.65 10.51 -2.90
N GLU F 173 -15.77 9.52 -3.05
CA GLU F 173 -16.12 8.25 -3.73
C GLU F 173 -17.10 7.44 -2.87
N ASN F 174 -16.81 7.31 -1.57
CA ASN F 174 -17.58 6.44 -0.65
C ASN F 174 -18.99 7.00 -0.45
N GLY F 175 -19.09 8.30 -0.20
CA GLY F 175 -20.37 8.97 0.09
C GLY F 175 -20.83 9.82 -1.07
N LYS F 176 -20.58 9.41 -2.31
CA LYS F 176 -20.92 10.23 -3.51
C LYS F 176 -22.43 10.49 -3.53
N GLU F 177 -23.23 9.56 -3.00
CA GLU F 177 -24.71 9.68 -2.93
C GLU F 177 -25.08 10.94 -2.13
N THR F 178 -24.39 11.18 -1.01
CA THR F 178 -24.64 12.30 -0.07
C THR F 178 -23.81 13.53 -0.45
N LEU F 179 -22.53 13.36 -0.79
CA LEU F 179 -21.58 14.50 -0.86
C LEU F 179 -21.67 15.16 -2.24
N GLN F 180 -21.69 14.36 -3.31
CA GLN F 180 -21.65 14.88 -4.70
C GLN F 180 -23.06 15.25 -5.17
N ARG F 181 -24.06 15.15 -4.28
CA ARG F 181 -25.46 15.52 -4.63
C ARG F 181 -25.55 17.03 -4.73
N THR F 182 -26.59 17.51 -5.40
CA THR F 182 -26.87 18.95 -5.53
C THR F 182 -28.39 19.15 -5.49
N ASP F 183 -28.95 19.30 -4.28
CA ASP F 183 -30.40 19.49 -4.07
C ASP F 183 -30.75 20.95 -4.37
N ALA F 184 -31.51 21.18 -5.45
CA ALA F 184 -31.93 22.53 -5.89
C ALA F 184 -33.04 23.02 -4.95
N PRO F 185 -33.04 24.32 -4.60
CA PRO F 185 -34.02 24.86 -3.67
C PRO F 185 -35.47 24.76 -4.16
N LYS F 186 -36.37 24.42 -3.25
CA LYS F 186 -37.83 24.38 -3.49
C LYS F 186 -38.37 25.78 -3.16
N THR F 187 -38.55 26.59 -4.21
CA THR F 187 -38.93 28.01 -4.11
C THR F 187 -40.45 28.13 -4.04
N HIS F 188 -40.95 28.96 -3.13
CA HIS F 188 -42.32 29.53 -3.20
C HIS F 188 -42.26 30.97 -2.69
N MET F 189 -43.41 31.62 -2.54
CA MET F 189 -43.50 32.92 -1.85
C MET F 189 -44.72 32.94 -0.93
N THR F 190 -44.74 33.95 -0.06
CA THR F 190 -45.83 34.24 0.89
C THR F 190 -46.28 35.71 0.76
N HIS F 191 -47.50 36.06 1.19
CA HIS F 191 -47.89 37.50 1.25
C HIS F 191 -48.67 37.86 2.54
N HIS F 192 -47.86 38.15 3.59
CA HIS F 192 -48.22 38.39 5.00
C HIS F 192 -49.31 39.46 5.07
N ALA F 193 -49.49 40.21 3.97
CA ALA F 193 -50.59 41.17 3.78
C ALA F 193 -50.60 42.17 4.94
N VAL F 194 -49.46 42.85 5.14
CA VAL F 194 -49.20 43.79 6.27
C VAL F 194 -50.05 45.05 6.05
N SER F 195 -50.97 45.34 6.97
CA SER F 195 -51.83 46.56 6.96
C SER F 195 -52.70 46.59 5.70
N ASP F 196 -53.09 47.77 5.24
CA ASP F 196 -53.76 47.97 3.93
C ASP F 196 -52.92 48.93 3.10
N HIS F 197 -51.96 49.60 3.74
CA HIS F 197 -51.12 50.66 3.12
C HIS F 197 -49.83 50.05 2.55
N GLU F 198 -49.40 48.92 3.09
CA GLU F 198 -48.17 48.22 2.64
C GLU F 198 -48.38 46.72 2.78
N ALA F 199 -47.45 45.93 2.26
CA ALA F 199 -47.52 44.45 2.32
C ALA F 199 -46.13 43.85 2.18
N THR F 200 -45.94 42.67 2.76
CA THR F 200 -44.63 41.98 2.78
C THR F 200 -44.67 40.78 1.84
N LEU F 201 -43.63 40.63 1.04
CA LEU F 201 -43.49 39.49 0.10
C LEU F 201 -42.24 38.71 0.52
N ARG F 202 -42.43 37.51 1.06
CA ARG F 202 -41.32 36.65 1.54
C ARG F 202 -40.97 35.63 0.46
N CYS F 203 -39.68 35.56 0.12
CA CYS F 203 -39.15 34.70 -0.96
C CYS F 203 -38.47 33.50 -0.32
N TRP F 204 -39.09 32.32 -0.43
CA TRP F 204 -38.62 31.10 0.28
C TRP F 204 -37.63 30.33 -0.60
N ALA F 205 -36.75 29.57 0.05
CA ALA F 205 -35.88 28.55 -0.57
C ALA F 205 -35.67 27.44 0.45
N LEU F 206 -36.09 26.22 0.13
CA LEU F 206 -36.13 25.10 1.10
C LEU F 206 -35.43 23.87 0.53
N SER F 207 -34.98 22.99 1.42
CA SER F 207 -34.47 21.64 1.10
C SER F 207 -33.38 21.73 0.03
N PHE F 208 -32.37 22.60 0.22
CA PHE F 208 -31.27 22.75 -0.76
C PHE F 208 -29.93 22.43 -0.10
N TYR F 209 -29.02 21.90 -0.91
CA TYR F 209 -27.63 21.53 -0.53
C TYR F 209 -26.77 21.71 -1.78
N PRO F 210 -25.53 22.25 -1.66
CA PRO F 210 -24.99 22.79 -0.42
C PRO F 210 -25.59 24.13 0.03
N ALA F 211 -25.11 24.65 1.16
CA ALA F 211 -25.71 25.78 1.89
C ALA F 211 -25.51 27.10 1.14
N GLU F 212 -24.53 27.20 0.24
CA GLU F 212 -24.25 28.48 -0.47
C GLU F 212 -25.43 28.81 -1.40
N ILE F 213 -26.01 30.00 -1.21
CA ILE F 213 -27.23 30.45 -1.93
C ILE F 213 -27.23 31.98 -1.96
N THR F 214 -27.92 32.56 -2.92
CA THR F 214 -28.08 34.02 -3.03
C THR F 214 -29.56 34.34 -3.23
N LEU F 215 -30.16 35.08 -2.30
CA LEU F 215 -31.53 35.65 -2.46
C LEU F 215 -31.39 37.17 -2.49
N THR F 216 -31.85 37.81 -3.57
CA THR F 216 -31.82 39.29 -3.69
C THR F 216 -33.18 39.78 -4.20
N TRP F 217 -33.65 40.87 -3.62
CA TRP F 217 -34.94 41.52 -3.99
C TRP F 217 -34.65 42.74 -4.85
N GLN F 218 -35.17 42.77 -6.08
CA GLN F 218 -34.96 43.91 -7.02
C GLN F 218 -36.23 44.74 -7.10
N ARG F 219 -36.07 46.07 -7.04
CA ARG F 219 -37.14 47.06 -7.30
C ARG F 219 -36.87 47.69 -8.66
N ASP F 220 -37.52 47.20 -9.71
CA ASP F 220 -37.39 47.67 -11.12
C ASP F 220 -36.01 47.27 -11.65
N GLY F 221 -35.65 45.99 -11.48
CA GLY F 221 -34.39 45.39 -11.95
C GLY F 221 -33.17 46.02 -11.31
N GLU F 222 -33.33 46.60 -10.11
CA GLU F 222 -32.21 47.21 -9.34
C GLU F 222 -32.26 46.68 -7.91
N ASP F 223 -31.18 46.03 -7.46
CA ASP F 223 -31.10 45.40 -6.11
C ASP F 223 -31.51 46.40 -5.05
N GLN F 224 -32.40 45.99 -4.15
CA GLN F 224 -32.82 46.80 -3.00
C GLN F 224 -32.39 46.08 -1.73
N THR F 225 -31.43 46.66 -1.03
CA THR F 225 -30.99 46.23 0.32
C THR F 225 -31.65 47.13 1.36
N GLN F 226 -32.50 48.08 0.93
CA GLN F 226 -33.22 49.05 1.81
C GLN F 226 -34.49 48.37 2.36
N ASP F 227 -34.63 48.38 3.69
CA ASP F 227 -35.79 47.81 4.41
C ASP F 227 -36.02 46.37 3.94
N THR F 228 -34.97 45.55 3.88
CA THR F 228 -35.09 44.11 3.57
C THR F 228 -34.86 43.31 4.87
N GLU F 229 -35.12 42.02 4.82
CA GLU F 229 -34.67 41.10 5.89
C GLU F 229 -34.20 39.80 5.25
N LEU F 230 -32.91 39.51 5.40
CA LEU F 230 -32.31 38.22 4.96
C LEU F 230 -31.83 37.51 6.22
N VAL F 231 -32.40 36.34 6.48
CA VAL F 231 -32.06 35.51 7.65
C VAL F 231 -30.78 34.74 7.34
N GLU F 232 -30.02 34.41 8.38
CA GLU F 232 -28.85 33.51 8.29
C GLU F 232 -29.31 32.20 7.66
N THR F 233 -28.52 31.63 6.73
CA THR F 233 -28.79 30.30 6.15
C THR F 233 -28.95 29.32 7.31
N ARG F 234 -29.97 28.47 7.26
CA ARG F 234 -30.33 27.62 8.42
C ARG F 234 -30.32 26.17 7.97
N PRO F 235 -29.93 25.25 8.88
CA PRO F 235 -30.06 23.82 8.62
C PRO F 235 -31.49 23.34 8.85
N ALA F 236 -32.01 22.49 7.96
CA ALA F 236 -33.35 21.88 8.14
C ALA F 236 -33.28 20.83 9.26
N GLY F 237 -32.12 20.18 9.42
CA GLY F 237 -31.89 19.12 10.42
C GLY F 237 -31.73 17.75 9.77
N ASP F 238 -32.00 17.64 8.47
CA ASP F 238 -31.94 16.35 7.73
C ASP F 238 -30.89 16.44 6.61
N GLY F 239 -29.94 17.37 6.74
CA GLY F 239 -28.81 17.54 5.79
C GLY F 239 -29.13 18.51 4.66
N THR F 240 -30.30 19.14 4.69
CA THR F 240 -30.66 20.20 3.73
C THR F 240 -30.68 21.54 4.46
N PHE F 241 -30.83 22.62 3.72
CA PHE F 241 -30.80 23.99 4.27
C PHE F 241 -32.03 24.76 3.77
N GLN F 242 -32.34 25.82 4.50
CA GLN F 242 -33.44 26.76 4.17
C GLN F 242 -32.90 28.18 4.27
N LYS F 243 -33.43 29.08 3.46
CA LYS F 243 -33.25 30.54 3.63
C LYS F 243 -34.44 31.26 2.99
N TRP F 244 -34.79 32.42 3.52
CA TRP F 244 -35.79 33.31 2.89
C TRP F 244 -35.35 34.76 3.01
N ALA F 245 -35.75 35.56 2.03
CA ALA F 245 -35.61 37.03 2.03
C ALA F 245 -37.01 37.65 1.85
N ALA F 246 -37.36 38.59 2.72
CA ALA F 246 -38.62 39.33 2.64
C ALA F 246 -38.32 40.82 2.62
N VAL F 247 -39.24 41.58 2.03
CA VAL F 247 -39.25 43.07 2.10
C VAL F 247 -40.72 43.51 2.14
N VAL F 248 -40.99 44.54 2.93
CA VAL F 248 -42.33 45.17 2.98
C VAL F 248 -42.37 46.25 1.91
N VAL F 249 -43.40 46.23 1.06
CA VAL F 249 -43.50 47.10 -0.14
C VAL F 249 -44.86 47.77 -0.15
N PRO F 250 -45.03 48.87 -0.91
CA PRO F 250 -46.35 49.50 -1.09
C PRO F 250 -47.37 48.49 -1.66
N SER F 251 -48.50 48.36 -0.96
CA SER F 251 -49.50 47.30 -1.22
C SER F 251 -50.05 47.43 -2.65
N GLY F 252 -50.49 46.31 -3.21
CA GLY F 252 -51.29 46.27 -4.46
C GLY F 252 -50.40 46.30 -5.69
N GLN F 253 -49.56 47.34 -5.82
CA GLN F 253 -48.57 47.45 -6.92
C GLN F 253 -47.31 46.69 -6.51
N GLU F 254 -47.44 45.40 -6.25
CA GLU F 254 -46.32 44.53 -5.82
C GLU F 254 -45.61 43.96 -7.06
N GLN F 255 -46.26 43.92 -8.23
CA GLN F 255 -45.70 43.30 -9.46
C GLN F 255 -44.66 44.22 -10.10
N ARG F 256 -44.05 45.11 -9.32
CA ARG F 256 -42.80 45.83 -9.71
C ARG F 256 -41.58 45.09 -9.15
N TYR F 257 -41.75 44.16 -8.22
CA TYR F 257 -40.62 43.56 -7.45
C TYR F 257 -40.31 42.13 -7.93
N THR F 258 -39.02 41.80 -7.96
CA THR F 258 -38.51 40.47 -8.42
C THR F 258 -37.50 39.92 -7.41
N CYS F 259 -37.63 38.63 -7.10
CA CYS F 259 -36.71 37.90 -6.20
C CYS F 259 -35.79 37.01 -7.04
N HIS F 260 -34.49 37.29 -7.02
CA HIS F 260 -33.47 36.55 -7.80
C HIS F 260 -32.83 35.48 -6.90
N VAL F 261 -32.80 34.23 -7.36
CA VAL F 261 -32.17 33.10 -6.63
C VAL F 261 -30.96 32.62 -7.41
N GLN F 262 -29.86 32.36 -6.72
CA GLN F 262 -28.66 31.73 -7.33
C GLN F 262 -28.28 30.52 -6.48
N HIS F 263 -28.06 29.38 -7.14
CA HIS F 263 -27.66 28.14 -6.46
C HIS F 263 -26.84 27.28 -7.43
N GLU F 264 -26.07 26.33 -6.90
CA GLU F 264 -25.23 25.41 -7.72
C GLU F 264 -26.17 24.44 -8.45
N GLY F 265 -27.28 24.04 -7.82
CA GLY F 265 -28.28 23.10 -8.38
C GLY F 265 -29.11 23.74 -9.48
N LEU F 266 -29.18 25.07 -9.53
CA LEU F 266 -29.98 25.80 -10.55
C LEU F 266 -29.10 26.00 -11.79
N PRO F 267 -29.51 25.42 -12.94
CA PRO F 267 -28.85 25.72 -14.22
C PRO F 267 -28.78 27.23 -14.54
N LYS F 268 -29.78 28.00 -14.16
CA LYS F 268 -29.80 29.47 -14.38
C LYS F 268 -30.57 30.13 -13.24
N PRO F 269 -30.18 31.36 -12.82
CA PRO F 269 -30.84 32.03 -11.69
C PRO F 269 -32.35 32.26 -11.82
N LEU F 270 -33.14 31.53 -11.02
CA LEU F 270 -34.62 31.66 -10.96
C LEU F 270 -34.99 33.08 -10.52
N THR F 271 -35.96 33.69 -11.20
CA THR F 271 -36.56 34.97 -10.77
C THR F 271 -38.01 34.71 -10.40
N LEU F 272 -38.51 35.34 -9.33
CA LEU F 272 -39.84 35.04 -8.76
C LEU F 272 -40.68 36.32 -8.64
N ARG F 273 -41.99 36.12 -8.85
CA ARG F 273 -43.09 37.11 -8.78
C ARG F 273 -44.37 36.32 -8.54
N TRP F 274 -45.00 36.41 -7.35
CA TRP F 274 -46.16 35.55 -7.01
C TRP F 274 -47.24 35.65 -8.09
N MET G 1 -11.99 39.71 26.07
CA MET G 1 -13.10 38.79 25.72
C MET G 1 -14.02 39.49 24.69
N ILE G 2 -13.71 39.32 23.40
CA ILE G 2 -14.61 39.75 22.29
C ILE G 2 -15.82 38.81 22.30
N GLN G 3 -16.93 39.29 22.86
CA GLN G 3 -18.18 38.53 23.01
C GLN G 3 -19.12 38.87 21.84
N ARG G 4 -20.03 37.94 21.52
CA ARG G 4 -21.03 38.14 20.44
C ARG G 4 -22.37 37.58 20.90
N THR G 5 -23.46 38.19 20.43
CA THR G 5 -24.86 37.84 20.81
C THR G 5 -25.39 36.77 19.87
N PRO G 6 -26.07 35.73 20.40
CA PRO G 6 -26.66 34.71 19.55
C PRO G 6 -27.76 35.27 18.65
N LYS G 7 -27.81 34.77 17.41
CA LYS G 7 -28.86 35.10 16.42
C LYS G 7 -29.77 33.87 16.31
N ILE G 8 -30.96 33.96 16.89
CA ILE G 8 -31.89 32.80 17.07
C ILE G 8 -32.90 32.79 15.92
N GLN G 9 -33.28 31.59 15.49
CA GLN G 9 -34.37 31.36 14.51
C GLN G 9 -35.11 30.09 14.91
N VAL G 10 -36.43 30.12 14.80
CA VAL G 10 -37.29 28.95 15.12
C VAL G 10 -38.17 28.63 13.92
N TYR G 11 -38.31 27.35 13.64
CA TYR G 11 -38.92 26.85 12.39
C TYR G 11 -39.06 25.33 12.47
N SER G 12 -39.84 24.80 11.55
CA SER G 12 -40.07 23.35 11.40
C SER G 12 -39.17 22.85 10.27
N ARG G 13 -38.92 21.54 10.27
CA ARG G 13 -38.05 20.88 9.27
C ARG G 13 -38.77 20.86 7.92
N HIS G 14 -40.05 20.47 7.92
CA HIS G 14 -40.89 20.35 6.70
C HIS G 14 -42.01 21.38 6.74
N PRO G 15 -42.72 21.60 5.60
CA PRO G 15 -43.99 22.32 5.60
C PRO G 15 -44.87 21.99 6.80
N ALA G 16 -45.26 23.01 7.56
CA ALA G 16 -46.12 22.87 8.77
C ALA G 16 -47.54 22.48 8.35
N GLU G 17 -48.01 21.32 8.80
CA GLU G 17 -49.40 20.86 8.56
C GLU G 17 -49.98 20.42 9.91
N ASN G 18 -51.19 20.90 10.23
CA ASN G 18 -51.86 20.63 11.53
C ASN G 18 -52.07 19.12 11.67
N GLY G 19 -51.48 18.52 12.69
CA GLY G 19 -51.58 17.07 12.96
C GLY G 19 -50.74 16.24 12.00
N LYS G 20 -49.50 16.65 11.77
CA LYS G 20 -48.52 15.85 10.97
C LYS G 20 -47.18 15.82 11.71
N SER G 21 -46.52 14.66 11.70
CA SER G 21 -45.21 14.41 12.36
C SER G 21 -44.14 15.30 11.72
N ASN G 22 -43.53 16.18 12.51
CA ASN G 22 -42.52 17.17 12.02
C ASN G 22 -41.51 17.43 13.14
N PHE G 23 -40.40 18.08 12.79
CA PHE G 23 -39.34 18.44 13.76
C PHE G 23 -39.32 19.97 13.93
N LEU G 24 -39.16 20.40 15.18
CA LEU G 24 -39.12 21.84 15.53
C LEU G 24 -37.67 22.22 15.82
N ASN G 25 -37.11 23.08 14.98
CA ASN G 25 -35.67 23.46 15.04
C ASN G 25 -35.53 24.82 15.71
N CYS G 26 -34.45 25.01 16.47
CA CYS G 26 -34.01 26.32 16.99
C CYS G 26 -32.51 26.49 16.73
N TYR G 27 -32.18 27.33 15.75
CA TYR G 27 -30.81 27.55 15.27
C TYR G 27 -30.23 28.79 15.93
N VAL G 28 -29.19 28.59 16.73
CA VAL G 28 -28.38 29.68 17.31
C VAL G 28 -27.07 29.77 16.52
N SER G 29 -26.69 30.97 16.10
CA SER G 29 -25.46 31.20 15.33
C SER G 29 -24.80 32.49 15.79
N GLY G 30 -23.53 32.66 15.44
CA GLY G 30 -22.83 33.94 15.57
C GLY G 30 -22.38 34.23 16.99
N PHE G 31 -22.61 33.33 17.95
CA PHE G 31 -22.37 33.65 19.39
C PHE G 31 -20.97 33.21 19.80
N HIS G 32 -20.50 33.80 20.90
CA HIS G 32 -19.17 33.57 21.53
C HIS G 32 -19.21 34.24 22.90
N PRO G 33 -18.84 33.55 24.00
CA PRO G 33 -18.32 32.18 23.98
C PRO G 33 -19.27 30.98 23.79
N SER G 34 -18.68 29.78 23.86
CA SER G 34 -19.30 28.45 23.67
C SER G 34 -20.57 28.31 24.51
N ASP G 35 -20.51 28.69 25.79
CA ASP G 35 -21.53 28.20 26.77
C ASP G 35 -22.85 28.89 26.50
N ILE G 36 -23.92 28.12 26.27
CA ILE G 36 -25.30 28.62 26.01
C ILE G 36 -26.31 27.67 26.63
N GLU G 37 -27.44 28.21 27.08
CA GLU G 37 -28.66 27.45 27.46
C GLU G 37 -29.71 27.68 26.38
N VAL G 38 -30.33 26.61 25.91
CA VAL G 38 -31.47 26.70 24.96
C VAL G 38 -32.41 25.54 25.24
N ASP G 39 -33.69 25.85 25.42
CA ASP G 39 -34.74 24.82 25.59
C ASP G 39 -35.92 25.21 24.70
N LEU G 40 -36.72 24.22 24.32
CA LEU G 40 -37.91 24.44 23.47
C LEU G 40 -39.15 24.43 24.36
N LEU G 41 -40.07 25.35 24.10
CA LEU G 41 -41.28 25.53 24.93
C LEU G 41 -42.52 25.09 24.15
N LYS G 42 -43.38 24.33 24.82
CA LYS G 42 -44.75 23.99 24.38
C LYS G 42 -45.70 24.55 25.43
N ASN G 43 -46.33 25.69 25.12
CA ASN G 43 -47.26 26.41 26.03
C ASN G 43 -46.46 26.91 27.25
N GLY G 44 -45.38 27.65 26.98
CA GLY G 44 -44.43 28.12 28.01
C GLY G 44 -43.98 27.00 28.93
N GLU G 45 -43.79 25.80 28.38
CA GLU G 45 -43.45 24.59 29.17
C GLU G 45 -42.36 23.81 28.43
N ARG G 46 -41.28 23.49 29.14
CA ARG G 46 -40.07 22.84 28.56
C ARG G 46 -40.44 21.45 28.03
N ILE G 47 -39.91 21.08 26.86
CA ILE G 47 -39.93 19.67 26.37
C ILE G 47 -38.65 18.98 26.87
N GLU G 48 -38.73 17.68 27.11
CA GLU G 48 -37.61 16.89 27.70
C GLU G 48 -36.72 16.37 26.57
N LYS G 49 -37.28 15.58 25.65
CA LYS G 49 -36.55 14.88 24.56
C LYS G 49 -36.11 15.91 23.51
N VAL G 50 -35.16 16.78 23.85
CA VAL G 50 -34.66 17.81 22.91
C VAL G 50 -33.16 17.57 22.70
N GLU G 51 -32.81 16.97 21.57
CA GLU G 51 -31.39 16.74 21.19
C GLU G 51 -30.79 18.04 20.64
N HIS G 52 -29.50 17.97 20.29
CA HIS G 52 -28.75 19.15 19.81
C HIS G 52 -27.57 18.70 18.97
N SER G 53 -27.25 19.49 17.94
CA SER G 53 -26.12 19.24 17.01
C SER G 53 -24.80 19.32 17.80
N ASP G 54 -23.69 18.89 17.20
CA ASP G 54 -22.36 19.06 17.83
C ASP G 54 -21.86 20.47 17.54
N LEU G 55 -21.23 21.13 18.52
CA LEU G 55 -20.91 22.57 18.33
C LEU G 55 -19.78 22.66 17.33
N SER G 56 -20.07 23.32 16.22
CA SER G 56 -19.07 23.72 15.21
C SER G 56 -18.98 25.24 15.24
N PHE G 57 -18.22 25.83 14.33
CA PHE G 57 -18.15 27.30 14.21
C PHE G 57 -17.84 27.64 12.76
N SER G 58 -17.94 28.93 12.44
CA SER G 58 -17.87 29.42 11.06
C SER G 58 -16.52 30.10 10.84
N LYS G 59 -16.33 30.75 9.68
CA LYS G 59 -15.03 31.35 9.27
C LYS G 59 -14.54 32.30 10.36
N ASP G 60 -15.46 33.05 10.96
CA ASP G 60 -15.13 34.15 11.92
C ASP G 60 -15.06 33.63 13.36
N TRP G 61 -15.09 32.30 13.57
CA TRP G 61 -14.88 31.63 14.88
C TRP G 61 -16.15 31.69 15.74
N SER G 62 -17.27 32.16 15.21
CA SER G 62 -18.55 32.23 15.95
C SER G 62 -19.24 30.86 15.91
N PHE G 63 -19.73 30.42 17.07
CA PHE G 63 -20.28 29.05 17.23
C PHE G 63 -21.72 29.03 16.70
N TYR G 64 -22.15 27.85 16.27
CA TYR G 64 -23.55 27.59 15.86
C TYR G 64 -23.97 26.20 16.33
N LEU G 65 -25.22 26.11 16.77
CA LEU G 65 -25.83 24.83 17.22
C LEU G 65 -27.29 24.77 16.75
N LEU G 66 -27.77 23.55 16.58
CA LEU G 66 -29.17 23.28 16.20
C LEU G 66 -29.80 22.42 17.30
N TYR G 67 -30.80 22.96 17.97
CA TYR G 67 -31.64 22.22 18.94
C TYR G 67 -32.97 21.90 18.28
N TYR G 68 -33.33 20.63 18.28
CA TYR G 68 -34.52 20.12 17.55
C TYR G 68 -35.23 19.07 18.42
N THR G 69 -36.48 18.80 18.07
CA THR G 69 -37.30 17.76 18.74
C THR G 69 -38.43 17.31 17.80
N GLU G 70 -38.83 16.06 17.97
CA GLU G 70 -39.98 15.45 17.24
C GLU G 70 -41.27 15.99 17.87
N PHE G 71 -42.18 16.51 17.06
CA PHE G 71 -43.46 17.08 17.56
C PHE G 71 -44.54 17.00 16.49
N THR G 72 -45.76 17.30 16.90
CA THR G 72 -46.94 17.36 16.00
C THR G 72 -47.78 18.59 16.37
N PRO G 73 -47.80 19.63 15.52
CA PRO G 73 -48.53 20.85 15.85
C PRO G 73 -50.01 20.84 15.42
N THR G 74 -50.87 21.27 16.32
CA THR G 74 -52.27 21.65 16.02
C THR G 74 -52.32 23.17 15.83
N GLU G 75 -53.52 23.71 15.60
CA GLU G 75 -53.73 25.16 15.34
C GLU G 75 -53.58 25.95 16.65
N LYS G 76 -53.58 25.27 17.80
CA LYS G 76 -53.80 25.90 19.12
C LYS G 76 -52.50 26.12 19.90
N ASP G 77 -51.53 25.20 19.83
CA ASP G 77 -50.36 25.22 20.74
C ASP G 77 -49.39 26.34 20.36
N GLU G 78 -48.72 26.89 21.37
CA GLU G 78 -47.69 27.95 21.21
C GLU G 78 -46.32 27.31 21.40
N TYR G 79 -45.43 27.47 20.41
CA TYR G 79 -44.03 26.97 20.51
C TYR G 79 -43.07 28.15 20.46
N ALA G 80 -41.98 28.05 21.22
CA ALA G 80 -40.96 29.10 21.31
C ALA G 80 -39.63 28.49 21.76
N CYS G 81 -38.61 29.32 21.86
CA CYS G 81 -37.21 28.92 22.18
C CYS G 81 -36.68 29.87 23.24
N ARG G 82 -36.43 29.35 24.45
CA ARG G 82 -35.81 30.15 25.54
C ARG G 82 -34.29 29.96 25.44
N VAL G 83 -33.57 31.07 25.37
CA VAL G 83 -32.09 31.05 25.14
C VAL G 83 -31.43 32.05 26.08
N ASN G 84 -30.43 31.59 26.83
CA ASN G 84 -29.64 32.45 27.75
C ASN G 84 -28.16 32.38 27.40
N HIS G 85 -27.49 33.52 27.52
CA HIS G 85 -26.06 33.70 27.19
C HIS G 85 -25.45 34.61 28.24
N VAL G 86 -24.14 34.86 28.12
CA VAL G 86 -23.43 35.80 29.01
C VAL G 86 -23.80 37.23 28.61
N THR G 87 -23.90 37.53 27.30
CA THR G 87 -24.35 38.85 26.80
C THR G 87 -25.78 39.13 27.24
N LEU G 88 -26.67 38.13 27.16
CA LEU G 88 -28.12 38.34 27.45
C LEU G 88 -28.30 38.45 28.97
N SER G 89 -28.70 39.64 29.43
CA SER G 89 -28.98 39.94 30.86
C SER G 89 -30.22 39.17 31.33
N GLN G 90 -31.09 38.77 30.41
CA GLN G 90 -32.30 37.95 30.70
C GLN G 90 -32.40 36.84 29.67
N PRO G 91 -33.14 35.75 29.93
CA PRO G 91 -33.45 34.77 28.89
C PRO G 91 -34.37 35.40 27.83
N LYS G 92 -34.05 35.20 26.56
CA LYS G 92 -34.79 35.77 25.41
C LYS G 92 -35.58 34.64 24.75
N ILE G 93 -36.79 34.97 24.28
CA ILE G 93 -37.76 33.96 23.79
C ILE G 93 -38.23 34.40 22.41
N VAL G 94 -37.94 33.59 21.40
CA VAL G 94 -38.47 33.81 20.04
C VAL G 94 -39.58 32.78 19.83
N LYS G 95 -40.77 33.26 19.47
CA LYS G 95 -41.95 32.40 19.26
C LYS G 95 -41.86 31.78 17.87
N TRP G 96 -42.31 30.53 17.75
CA TRP G 96 -42.50 29.87 16.44
C TRP G 96 -43.52 30.64 15.62
N ASP G 97 -43.20 30.90 14.36
CA ASP G 97 -44.13 31.52 13.39
C ASP G 97 -44.30 30.56 12.20
N ARG G 98 -45.53 30.35 11.76
CA ARG G 98 -45.84 29.52 10.58
C ARG G 98 -45.40 30.25 9.30
N ASP G 99 -44.98 31.52 9.42
CA ASP G 99 -44.62 32.37 8.27
C ASP G 99 -43.34 33.18 8.57
N MET G 100 -42.44 32.66 9.41
CA MET G 100 -41.14 33.32 9.69
C MET G 100 -40.12 32.24 10.04
N ARG H 1 -9.51 11.27 7.73
CA ARG H 1 -8.19 11.24 8.42
C ARG H 1 -7.79 12.65 8.86
N MET H 2 -7.71 12.87 10.17
CA MET H 2 -7.21 14.15 10.73
C MET H 2 -5.67 14.12 10.78
N PHE H 3 -5.09 15.29 11.03
CA PHE H 3 -3.63 15.44 11.24
C PHE H 3 -3.29 14.85 12.60
N PRO H 4 -2.26 13.99 12.69
CA PRO H 4 -1.96 13.31 13.95
C PRO H 4 -1.06 14.02 14.98
N ASN H 5 -0.30 15.02 14.56
CA ASN H 5 0.71 15.68 15.42
C ASN H 5 0.36 17.16 15.53
N ALA H 6 -0.79 17.46 16.15
CA ALA H 6 -1.23 18.84 16.44
C ALA H 6 -0.14 19.54 17.25
N PRO H 7 0.43 20.65 16.73
CA PRO H 7 1.47 21.40 17.45
C PRO H 7 0.95 22.11 18.71
N TYR H 8 1.66 21.98 19.83
CA TYR H 8 1.32 22.68 21.09
C TYR H 8 1.73 24.14 20.94
N LEU H 9 0.88 25.10 21.34
CA LEU H 9 1.15 26.56 21.23
C LEU H 9 2.41 26.92 22.02
N ALA I 2 0.00 -1.27 5.32
CA ALA I 2 -0.76 -1.46 6.60
C ALA I 2 0.20 -1.31 7.77
N ASP I 3 1.02 -2.34 8.06
CA ASP I 3 2.13 -2.20 9.04
C ASP I 3 3.23 -1.36 8.39
N ALA I 4 3.77 -0.39 9.13
CA ALA I 4 4.83 0.55 8.70
C ALA I 4 6.19 -0.06 9.03
N LYS I 5 6.72 -0.91 8.14
CA LYS I 5 7.92 -1.72 8.42
C LYS I 5 9.04 -1.33 7.46
N THR I 6 10.28 -1.61 7.83
CA THR I 6 11.44 -1.37 6.95
C THR I 6 12.17 -2.69 6.75
N THR I 7 13.05 -2.72 5.78
CA THR I 7 13.91 -3.89 5.48
C THR I 7 15.32 -3.39 5.27
N GLN I 8 16.28 -4.05 5.88
CA GLN I 8 17.71 -3.74 5.71
C GLN I 8 18.46 -5.05 5.64
N PRO I 9 19.66 -5.06 5.04
CA PRO I 9 20.52 -6.25 5.08
C PRO I 9 20.99 -6.48 6.51
N PRO I 10 21.02 -7.74 6.99
CA PRO I 10 21.39 -8.02 8.37
C PRO I 10 22.76 -7.46 8.76
N SER I 11 23.80 -7.77 7.98
CA SER I 11 25.20 -7.39 8.28
C SER I 11 25.81 -6.62 7.11
N MET I 12 26.88 -5.89 7.41
CA MET I 12 27.61 -5.06 6.43
C MET I 12 29.01 -4.78 6.95
N ASP I 13 30.01 -4.96 6.08
CA ASP I 13 31.41 -4.61 6.34
C ASP I 13 31.75 -3.38 5.49
N CYS I 14 32.47 -2.42 6.07
CA CYS I 14 33.03 -1.27 5.33
C CYS I 14 34.44 -1.01 5.83
N ALA I 15 35.29 -0.50 4.94
CA ALA I 15 36.71 -0.19 5.24
C ALA I 15 36.76 1.12 6.02
N GLU I 16 37.58 1.17 7.06
CA GLU I 16 37.81 2.42 7.83
C GLU I 16 38.36 3.48 6.87
N GLY I 17 37.79 4.68 6.93
CA GLY I 17 38.23 5.86 6.17
C GLY I 17 37.37 6.06 4.94
N ARG I 18 36.88 4.97 4.35
CA ARG I 18 35.99 5.03 3.17
C ARG I 18 34.53 5.27 3.60
N ALA I 19 33.66 5.56 2.65
CA ALA I 19 32.22 5.83 2.93
C ALA I 19 31.48 4.53 3.22
N ALA I 20 30.61 4.55 4.22
CA ALA I 20 29.67 3.44 4.54
C ALA I 20 28.29 3.83 4.01
N ASN I 21 27.75 3.03 3.10
CA ASN I 21 26.44 3.27 2.46
C ASN I 21 25.48 2.19 2.97
N LEU I 22 24.71 2.51 4.02
CA LEU I 22 23.73 1.57 4.61
C LEU I 22 22.37 1.80 3.96
N PRO I 23 21.84 0.81 3.20
CA PRO I 23 20.54 0.98 2.54
C PRO I 23 19.36 0.55 3.43
N CYS I 24 18.20 1.10 3.13
CA CYS I 24 16.91 0.73 3.76
C CYS I 24 15.80 0.90 2.73
N ASN I 25 14.91 -0.08 2.64
CA ASN I 25 13.67 0.00 1.83
C ASN I 25 12.52 0.34 2.79
N HIS I 26 11.87 1.49 2.62
CA HIS I 26 10.65 1.83 3.39
C HIS I 26 9.50 1.20 2.64
N SER I 27 9.45 -0.13 2.63
CA SER I 27 8.50 -0.92 1.81
C SER I 27 7.06 -0.40 2.02
N THR I 28 6.60 -0.29 3.27
CA THR I 28 5.20 -0.02 3.63
C THR I 28 5.11 1.20 4.55
N VAL I 29 6.17 1.99 4.62
CA VAL I 29 6.21 3.27 5.34
C VAL I 29 5.55 4.08 4.27
N ASP I 30 4.73 5.03 4.67
CA ASP I 30 3.96 6.00 3.84
C ASP I 30 4.86 7.14 3.40
N PRO I 31 4.62 7.81 2.24
CA PRO I 31 5.46 8.90 1.78
C PRO I 31 5.50 10.14 2.69
N ASN I 32 4.38 10.45 3.35
CA ASN I 32 4.26 11.73 4.11
C ASN I 32 4.55 11.47 5.60
N GLU I 33 5.24 10.38 5.92
CA GLU I 33 5.66 10.09 7.31
C GLU I 33 7.19 10.21 7.40
N TYR I 34 7.71 10.64 8.55
CA TYR I 34 9.17 10.68 8.79
C TYR I 34 9.74 9.26 8.75
N VAL I 35 10.96 9.16 8.25
CA VAL I 35 11.85 8.00 8.46
C VAL I 35 12.98 8.44 9.39
N TYR I 36 13.39 7.57 10.31
CA TYR I 36 14.44 7.88 11.31
C TYR I 36 15.51 6.80 11.28
N TRP I 37 16.70 7.17 11.74
CA TRP I 37 17.85 6.24 11.84
C TRP I 37 18.44 6.31 13.24
N TYR I 38 18.73 5.15 13.83
CA TYR I 38 19.33 5.06 15.18
C TYR I 38 20.55 4.14 15.15
N ARG I 39 21.43 4.34 16.13
CA ARG I 39 22.64 3.52 16.35
C ARG I 39 22.52 2.85 17.70
N GLN I 40 23.14 1.69 17.87
CA GLN I 40 23.07 0.98 19.15
C GLN I 40 24.27 0.06 19.31
N ILE I 41 24.82 0.06 20.52
CA ILE I 41 25.94 -0.82 20.96
C ILE I 41 25.46 -1.57 22.20
N HIS I 42 26.06 -2.74 22.47
CA HIS I 42 25.58 -3.75 23.46
C HIS I 42 25.08 -3.06 24.73
N SER I 43 23.82 -3.31 25.10
CA SER I 43 23.22 -2.88 26.39
C SER I 43 23.37 -1.36 26.59
N GLN I 44 23.19 -0.60 25.52
CA GLN I 44 23.06 0.87 25.59
C GLN I 44 21.79 1.32 24.88
N GLY I 45 21.31 2.51 25.25
CA GLY I 45 20.17 3.17 24.62
C GLY I 45 20.49 3.48 23.16
N PRO I 46 19.56 3.23 22.22
CA PRO I 46 19.75 3.65 20.84
C PRO I 46 19.92 5.17 20.77
N GLN I 47 20.88 5.59 19.95
CA GLN I 47 21.27 7.02 19.84
C GLN I 47 20.84 7.47 18.45
N TYR I 48 20.16 8.60 18.40
CA TYR I 48 19.52 9.13 17.17
C TYR I 48 20.60 9.62 16.20
N ILE I 49 20.29 9.56 14.91
CA ILE I 49 21.23 10.06 13.86
C ILE I 49 20.54 11.16 13.06
N ILE I 50 19.45 10.81 12.37
CA ILE I 50 18.97 11.61 11.21
C ILE I 50 17.51 11.24 10.92
N HIS I 51 16.70 12.21 10.53
CA HIS I 51 15.33 11.97 10.01
C HIS I 51 15.37 12.10 8.48
N GLY I 52 14.23 11.80 7.85
CA GLY I 52 13.99 12.02 6.41
C GLY I 52 12.51 12.14 6.11
N LEU I 53 12.13 13.06 5.21
CA LEU I 53 10.73 13.18 4.72
C LEU I 53 10.73 13.22 3.19
N LYS I 54 11.18 14.30 2.57
CA LYS I 54 11.11 14.47 1.09
C LYS I 54 12.53 14.65 0.55
N ASN I 55 13.17 15.77 0.87
CA ASN I 55 14.51 16.13 0.34
C ASN I 55 15.59 15.42 1.17
N ASN I 56 16.78 15.26 0.61
CA ASN I 56 17.95 14.65 1.29
C ASN I 56 18.34 15.50 2.50
N GLU I 57 19.03 14.90 3.46
CA GLU I 57 19.44 15.61 4.70
C GLU I 57 20.90 15.28 5.01
N THR I 58 21.49 16.07 5.90
CA THR I 58 22.91 15.97 6.31
C THR I 58 23.08 16.64 7.67
N ASN I 59 23.93 16.06 8.51
CA ASN I 59 24.28 16.64 9.83
C ASN I 59 25.68 16.14 10.25
N GLU I 60 26.14 16.58 11.42
CA GLU I 60 27.47 16.28 11.99
C GLU I 60 27.75 14.77 11.88
N MET I 61 26.70 13.94 12.03
CA MET I 61 26.87 12.48 12.22
C MET I 61 26.92 11.77 10.88
N ALA I 62 26.06 12.15 9.92
CA ALA I 62 25.89 11.41 8.65
C ALA I 62 25.04 12.21 7.67
N SER I 63 24.67 11.56 6.57
CA SER I 63 23.82 12.09 5.49
C SER I 63 22.84 10.99 5.06
N LEU I 64 21.66 11.41 4.63
CA LEU I 64 20.58 10.48 4.22
C LEU I 64 20.11 10.87 2.83
N ILE I 65 20.05 9.91 1.93
CA ILE I 65 19.71 10.14 0.50
C ILE I 65 18.38 9.43 0.25
N ILE I 66 17.34 10.20 -0.07
CA ILE I 66 15.97 9.67 -0.27
C ILE I 66 15.68 9.64 -1.76
N THR I 67 15.17 8.51 -2.22
CA THR I 67 14.81 8.27 -3.63
C THR I 67 13.67 9.22 -4.05
N GLU I 68 13.45 9.32 -5.37
CA GLU I 68 12.32 10.08 -5.95
C GLU I 68 11.01 9.54 -5.37
N ASP I 69 10.78 8.23 -5.47
CA ASP I 69 9.52 7.60 -5.00
C ASP I 69 9.45 7.61 -3.47
N ARG I 70 10.57 7.84 -2.78
CA ARG I 70 10.59 7.93 -1.29
C ARG I 70 10.16 6.55 -0.77
N LYS I 71 10.55 5.48 -1.47
CA LYS I 71 10.31 4.09 -1.05
C LYS I 71 11.64 3.46 -0.64
N SER I 72 12.71 4.24 -0.63
CA SER I 72 14.09 3.76 -0.34
C SER I 72 14.92 4.94 0.14
N SER I 73 15.81 4.70 1.09
CA SER I 73 16.81 5.70 1.53
C SER I 73 18.16 5.03 1.73
N THR I 74 19.22 5.83 1.75
CA THR I 74 20.60 5.35 2.03
C THR I 74 21.22 6.29 3.06
N LEU I 75 21.54 5.78 4.24
CA LEU I 75 22.35 6.52 5.24
C LEU I 75 23.81 6.40 4.81
N ILE I 76 24.51 7.53 4.89
CA ILE I 76 25.91 7.62 4.40
C ILE I 76 26.78 8.21 5.49
N LEU I 77 27.74 7.42 5.96
CA LEU I 77 28.80 7.88 6.89
C LEU I 77 30.05 8.12 6.08
N PRO I 78 30.52 9.39 5.97
CA PRO I 78 31.52 9.76 4.97
C PRO I 78 32.90 9.07 5.14
N HIS I 79 33.55 9.24 6.29
CA HIS I 79 34.85 8.59 6.60
C HIS I 79 34.66 7.76 7.87
N ALA I 80 34.22 6.51 7.70
CA ALA I 80 33.73 5.62 8.78
C ALA I 80 34.83 5.33 9.79
N THR I 81 34.67 5.83 11.00
CA THR I 81 35.56 5.55 12.15
C THR I 81 35.28 4.15 12.70
N LEU I 82 36.17 3.61 13.52
CA LEU I 82 35.93 2.33 14.25
C LEU I 82 34.79 2.52 15.24
N ARG I 83 34.56 3.76 15.71
CA ARG I 83 33.47 4.13 16.65
C ARG I 83 32.11 3.95 15.96
N ASP I 84 32.06 3.97 14.63
CA ASP I 84 30.80 3.90 13.85
C ASP I 84 30.31 2.45 13.78
N THR I 85 31.12 1.47 14.20
CA THR I 85 30.69 0.05 14.26
C THR I 85 29.56 -0.08 15.27
N ALA I 86 28.40 -0.57 14.84
CA ALA I 86 27.15 -0.63 15.63
C ALA I 86 26.01 -1.19 14.79
N VAL I 87 24.86 -1.36 15.43
CA VAL I 87 23.61 -1.79 14.73
C VAL I 87 22.86 -0.51 14.34
N TYR I 88 22.45 -0.43 13.08
CA TYR I 88 21.76 0.76 12.53
C TYR I 88 20.31 0.39 12.23
N TYR I 89 19.38 1.18 12.78
CA TYR I 89 17.93 0.93 12.65
C TYR I 89 17.32 2.04 11.81
N CYS I 90 16.69 1.65 10.72
CA CYS I 90 15.83 2.51 9.86
C CYS I 90 14.39 2.18 10.24
N ILE I 91 13.67 3.17 10.76
CA ILE I 91 12.24 3.01 11.16
C ILE I 91 11.39 4.03 10.41
N GLY I 92 10.11 3.73 10.25
CA GLY I 92 9.14 4.63 9.60
C GLY I 92 7.92 4.82 10.49
N GLY I 93 7.43 6.06 10.61
CA GLY I 93 6.18 6.37 11.33
C GLY I 93 4.98 5.68 10.71
N GLY I 94 3.99 5.35 11.53
CA GLY I 94 2.67 4.90 11.07
C GLY I 94 1.61 5.88 11.54
N THR I 95 2.04 7.11 11.79
CA THR I 95 1.29 8.13 12.57
C THR I 95 0.00 8.54 11.83
N THR I 96 -0.01 8.41 10.50
CA THR I 96 -1.20 8.72 9.67
C THR I 96 -2.32 7.73 9.98
N SER I 97 -1.96 6.46 10.22
CA SER I 97 -2.94 5.39 10.56
C SER I 97 -3.30 5.47 12.05
N GLY I 98 -3.00 6.59 12.71
CA GLY I 98 -3.27 6.79 14.15
C GLY I 98 -2.54 5.82 15.06
N THR I 99 -1.34 5.36 14.68
CA THR I 99 -0.46 4.61 15.61
C THR I 99 0.82 5.43 15.85
N TYR I 100 1.26 5.49 17.10
CA TYR I 100 2.40 6.33 17.52
C TYR I 100 3.59 5.46 17.90
N LYS I 101 3.47 4.13 17.75
CA LYS I 101 4.62 3.21 17.95
C LYS I 101 5.55 3.31 16.74
N TYR I 102 6.71 2.67 16.83
CA TYR I 102 7.58 2.40 15.67
C TYR I 102 7.99 0.93 15.69
N ILE I 103 8.10 0.34 14.51
CA ILE I 103 8.48 -1.09 14.36
C ILE I 103 9.95 -1.15 13.96
N PHE I 104 10.81 -1.58 14.88
CA PHE I 104 12.23 -1.86 14.61
C PHE I 104 12.36 -3.27 14.03
N GLY I 105 13.12 -3.43 12.95
CA GLY I 105 13.59 -4.73 12.45
C GLY I 105 14.87 -5.16 13.14
N THR I 106 15.62 -6.12 12.58
CA THR I 106 16.94 -6.53 13.14
C THR I 106 17.96 -5.43 12.92
N GLY I 107 17.81 -4.66 11.83
CA GLY I 107 18.75 -3.58 11.50
C GLY I 107 20.02 -4.14 10.87
N THR I 108 20.84 -3.25 10.31
CA THR I 108 22.13 -3.63 9.70
C THR I 108 23.23 -3.46 10.76
N ARG I 109 23.92 -4.54 11.10
CA ARG I 109 25.09 -4.49 12.00
C ARG I 109 26.30 -4.14 11.14
N LEU I 110 26.64 -2.85 11.10
CA LEU I 110 27.85 -2.35 10.39
C LEU I 110 29.07 -2.72 11.21
N LYS I 111 30.02 -3.40 10.59
CA LYS I 111 31.30 -3.80 11.19
C LYS I 111 32.41 -3.07 10.42
N VAL I 112 32.87 -1.94 10.94
CA VAL I 112 33.94 -1.12 10.32
C VAL I 112 35.27 -1.83 10.49
N LEU I 113 35.95 -2.14 9.38
CA LEU I 113 37.21 -2.91 9.41
C LEU I 113 38.38 -1.94 9.36
N ALA I 114 39.23 -1.94 10.39
CA ALA I 114 40.49 -1.17 10.40
C ALA I 114 41.44 -1.77 9.36
N ASN I 115 42.11 -0.92 8.61
CA ASN I 115 43.10 -1.37 7.59
C ASN I 115 44.45 -1.43 8.28
N ILE I 116 44.99 -2.63 8.40
CA ILE I 116 46.32 -2.88 9.01
C ILE I 116 47.38 -2.68 7.92
N GLN I 117 48.25 -1.70 8.13
CA GLN I 117 49.27 -1.29 7.14
C GLN I 117 50.36 -2.36 7.05
N ASN I 118 50.75 -2.95 8.18
CA ASN I 118 51.89 -3.90 8.26
C ASN I 118 51.41 -5.21 8.86
N PRO I 119 50.67 -6.07 8.11
CA PRO I 119 50.19 -7.35 8.65
C PRO I 119 51.33 -8.24 9.17
N ASP I 120 51.20 -8.74 10.39
CA ASP I 120 52.28 -9.47 11.12
C ASP I 120 51.66 -10.54 12.01
N PRO I 121 50.84 -11.46 11.46
CA PRO I 121 50.20 -12.49 12.27
C PRO I 121 51.20 -13.27 13.13
N ALA I 122 50.86 -13.49 14.38
CA ALA I 122 51.68 -14.27 15.35
C ALA I 122 50.84 -14.61 16.58
N VAL I 123 51.10 -15.78 17.15
CA VAL I 123 50.54 -16.22 18.45
C VAL I 123 51.61 -16.01 19.53
N TYR I 124 51.22 -15.66 20.74
CA TYR I 124 52.15 -15.48 21.89
C TYR I 124 51.55 -16.15 23.12
N GLN I 125 52.33 -16.24 24.20
CA GLN I 125 51.88 -16.84 25.49
C GLN I 125 52.25 -15.90 26.62
N LEU I 126 51.31 -15.67 27.54
CA LEU I 126 51.45 -14.75 28.69
C LEU I 126 51.19 -15.54 29.97
N ARG I 127 52.14 -15.57 30.90
CA ARG I 127 52.02 -16.27 32.19
C ARG I 127 51.22 -15.38 33.16
N ASP I 128 50.59 -16.00 34.17
CA ASP I 128 49.80 -15.30 35.23
C ASP I 128 50.73 -14.39 36.03
N SER I 129 50.25 -13.20 36.42
CA SER I 129 51.03 -12.22 37.22
C SER I 129 50.75 -12.42 38.71
N LYS I 130 49.60 -11.92 39.18
CA LYS I 130 49.16 -11.99 40.60
C LYS I 130 49.10 -13.47 41.04
N SER I 131 48.53 -14.34 40.22
CA SER I 131 48.43 -15.81 40.49
C SER I 131 49.62 -16.54 39.85
N SER I 132 49.77 -17.83 40.14
CA SER I 132 50.86 -18.68 39.60
C SER I 132 50.31 -19.70 38.59
N ASP I 133 51.07 -19.90 37.50
CA ASP I 133 51.00 -21.08 36.58
C ASP I 133 49.84 -20.99 35.57
N LYS I 134 48.97 -19.98 35.62
CA LYS I 134 47.84 -19.85 34.66
C LYS I 134 48.35 -19.16 33.39
N SER I 135 47.82 -19.53 32.22
CA SER I 135 48.40 -19.11 30.93
C SER I 135 47.32 -18.90 29.87
N VAL I 136 47.47 -17.83 29.07
CA VAL I 136 46.53 -17.46 27.98
C VAL I 136 47.34 -17.15 26.73
N CYS I 137 46.76 -17.45 25.58
CA CYS I 137 47.38 -17.27 24.24
C CYS I 137 46.79 -16.03 23.57
N LEU I 138 47.64 -15.13 23.08
CA LEU I 138 47.20 -13.96 22.27
C LEU I 138 47.54 -14.20 20.79
N PHE I 139 46.57 -13.94 19.93
CA PHE I 139 46.74 -13.98 18.46
C PHE I 139 46.58 -12.55 17.94
N THR I 140 47.70 -11.87 17.69
CA THR I 140 47.77 -10.40 17.47
C THR I 140 48.17 -10.08 16.04
N ASP I 141 47.97 -8.83 15.62
CA ASP I 141 48.64 -8.16 14.48
C ASP I 141 48.17 -8.72 13.13
N PHE I 142 47.13 -9.53 13.07
CA PHE I 142 46.65 -10.07 11.76
C PHE I 142 45.79 -9.01 11.07
N ASP I 143 45.46 -9.27 9.79
CA ASP I 143 44.64 -8.36 8.95
C ASP I 143 43.17 -8.44 9.38
N SER I 144 42.36 -7.47 8.98
CA SER I 144 40.92 -7.42 9.34
C SER I 144 40.14 -8.45 8.52
N GLN I 145 40.77 -9.11 7.55
CA GLN I 145 40.07 -10.11 6.70
C GLN I 145 40.22 -11.51 7.31
N THR I 146 41.13 -11.71 8.27
CA THR I 146 41.33 -13.01 8.94
C THR I 146 40.11 -13.35 9.80
N ASN I 147 39.80 -14.64 9.91
CA ASN I 147 38.66 -15.12 10.72
C ASN I 147 39.16 -16.02 11.85
N VAL I 148 38.46 -15.97 12.98
CA VAL I 148 38.77 -16.79 14.19
C VAL I 148 37.51 -17.53 14.60
N SER I 149 37.67 -18.68 15.23
CA SER I 149 36.56 -19.61 15.55
C SER I 149 36.77 -20.24 16.92
N GLN I 150 35.71 -20.81 17.51
CA GLN I 150 35.82 -21.67 18.72
C GLN I 150 36.37 -23.03 18.28
N SER I 151 37.31 -23.58 19.04
CA SER I 151 37.89 -24.91 18.76
C SER I 151 36.90 -26.01 19.18
N LYS I 152 37.15 -27.24 18.69
CA LYS I 152 36.35 -28.46 19.00
C LYS I 152 36.20 -28.61 20.51
N ASP I 153 37.32 -28.49 21.26
CA ASP I 153 37.35 -28.70 22.72
C ASP I 153 36.44 -27.68 23.42
N SER I 154 35.60 -28.16 24.32
CA SER I 154 34.61 -27.34 25.05
C SER I 154 35.26 -26.67 26.26
N ASP I 155 36.39 -27.20 26.76
CA ASP I 155 37.09 -26.61 27.92
C ASP I 155 37.89 -25.38 27.48
N VAL I 156 38.23 -25.26 26.20
CA VAL I 156 39.04 -24.12 25.66
C VAL I 156 38.10 -23.01 25.21
N TYR I 157 38.43 -21.77 25.54
CA TYR I 157 37.61 -20.58 25.20
C TYR I 157 38.40 -19.68 24.24
N ILE I 158 37.74 -19.26 23.16
CA ILE I 158 38.34 -18.38 22.12
C ILE I 158 37.50 -17.11 22.04
N THR I 159 38.11 -15.98 22.32
CA THR I 159 37.43 -14.68 22.30
C THR I 159 37.22 -14.24 20.85
N ASP I 160 36.34 -13.28 20.67
CA ASP I 160 36.07 -12.65 19.36
C ASP I 160 37.24 -11.73 18.99
N LYS I 161 37.43 -11.49 17.70
CA LYS I 161 38.44 -10.52 17.20
C LYS I 161 38.11 -9.12 17.75
N CYS I 162 39.10 -8.23 17.78
CA CYS I 162 39.00 -6.94 18.50
C CYS I 162 40.12 -6.01 18.05
N VAL I 163 39.78 -4.83 17.53
CA VAL I 163 40.79 -3.85 17.08
C VAL I 163 41.25 -3.02 18.28
N LEU I 164 42.56 -2.80 18.35
CA LEU I 164 43.22 -1.95 19.35
C LEU I 164 43.70 -0.68 18.64
N ASP I 165 43.87 0.40 19.37
CA ASP I 165 44.41 1.66 18.81
C ASP I 165 45.25 2.35 19.89
N MET I 166 46.56 2.42 19.66
CA MET I 166 47.50 3.21 20.50
C MET I 166 47.64 4.56 19.81
N ARG I 167 46.87 5.57 20.23
CA ARG I 167 46.61 6.80 19.44
C ARG I 167 47.88 7.65 19.38
N SER I 168 48.82 7.43 20.30
CA SER I 168 50.13 8.14 20.39
C SER I 168 51.12 7.58 19.34
N MET I 169 50.70 6.66 18.50
CA MET I 169 51.59 5.98 17.52
C MET I 169 50.86 5.81 16.17
N ASP I 170 49.59 6.24 16.09
CA ASP I 170 48.69 5.99 14.95
C ASP I 170 48.78 4.52 14.50
N PHE I 171 49.01 3.60 15.43
CA PHE I 171 49.17 2.15 15.13
C PHE I 171 47.93 1.43 15.65
N LYS I 172 47.32 0.64 14.77
CA LYS I 172 46.13 -0.18 15.09
C LYS I 172 46.51 -1.65 14.92
N SER I 173 46.11 -2.48 15.88
CA SER I 173 46.37 -3.93 15.83
C SER I 173 45.11 -4.70 16.20
N ASN I 174 44.85 -5.78 15.47
CA ASN I 174 43.81 -6.76 15.85
C ASN I 174 44.37 -7.62 16.99
N SER I 175 43.53 -8.48 17.54
CA SER I 175 43.89 -9.39 18.65
C SER I 175 42.72 -10.31 18.95
N ALA I 176 43.02 -11.46 19.52
CA ALA I 176 42.01 -12.39 20.05
C ALA I 176 42.74 -13.30 21.03
N VAL I 177 42.16 -13.48 22.21
CA VAL I 177 42.81 -14.26 23.29
C VAL I 177 42.14 -15.63 23.38
N ALA I 178 42.89 -16.60 23.88
CA ALA I 178 42.43 -17.98 24.14
C ALA I 178 43.03 -18.47 25.45
N TRP I 179 42.28 -19.29 26.18
CA TRP I 179 42.77 -19.93 27.43
C TRP I 179 42.04 -21.23 27.66
N SER I 180 42.54 -21.99 28.63
CA SER I 180 41.95 -23.28 29.04
C SER I 180 42.41 -23.65 30.46
N ASN I 181 41.81 -24.70 31.03
CA ASN I 181 41.97 -25.06 32.46
C ASN I 181 42.90 -26.27 32.59
N LYS I 182 43.57 -26.67 31.51
CA LYS I 182 44.39 -27.91 31.48
C LYS I 182 45.87 -27.55 31.44
N SER I 183 46.69 -28.36 32.11
CA SER I 183 48.17 -28.36 31.97
C SER I 183 48.51 -28.73 30.52
N ASP I 184 47.78 -29.71 29.98
CA ASP I 184 47.88 -30.18 28.57
C ASP I 184 47.12 -29.19 27.67
N PHE I 185 47.82 -28.16 27.18
CA PHE I 185 47.23 -27.13 26.29
C PHE I 185 48.32 -26.21 25.75
N ALA I 186 48.48 -26.19 24.42
CA ALA I 186 49.55 -25.44 23.73
C ALA I 186 48.97 -24.23 23.01
N CYS I 187 49.73 -23.14 22.94
CA CYS I 187 49.31 -21.89 22.28
C CYS I 187 49.44 -22.04 20.76
N ALA I 188 50.38 -22.84 20.27
CA ALA I 188 50.61 -23.03 18.82
C ALA I 188 49.32 -23.55 18.18
N ASN I 189 48.66 -24.52 18.82
CA ASN I 189 47.49 -25.24 18.26
C ASN I 189 46.20 -24.67 18.85
N ALA I 190 46.25 -23.51 19.49
CA ALA I 190 45.03 -22.87 20.06
C ALA I 190 44.20 -22.24 18.94
N PHE I 191 44.84 -21.73 17.89
CA PHE I 191 44.16 -21.09 16.74
C PHE I 191 44.33 -21.95 15.48
N ASN I 192 45.03 -23.08 15.60
CA ASN I 192 45.24 -24.06 14.50
C ASN I 192 44.77 -25.44 14.98
N GLY J 4 18.78 14.16 27.50
CA GLY J 4 18.72 14.09 28.98
C GLY J 4 17.62 13.16 29.48
N VAL J 5 17.26 12.13 28.70
CA VAL J 5 16.28 11.10 29.14
C VAL J 5 17.01 10.18 30.09
N SER J 6 16.51 10.07 31.31
CA SER J 6 17.15 9.30 32.40
C SER J 6 16.26 8.12 32.78
N GLN J 7 16.89 7.05 33.27
CA GLN J 7 16.19 5.84 33.78
C GLN J 7 16.96 5.28 34.98
N ASP J 8 16.21 4.79 35.94
CA ASP J 8 16.75 4.07 37.12
C ASP J 8 15.80 2.95 37.47
N PRO J 9 16.31 1.82 38.01
CA PRO J 9 17.75 1.55 38.04
C PRO J 9 18.28 1.17 36.65
N ARG J 10 19.60 1.22 36.44
CA ARG J 10 20.20 0.84 35.14
C ARG J 10 20.20 -0.68 35.03
N HIS J 11 20.31 -1.39 36.15
CA HIS J 11 20.23 -2.86 36.19
C HIS J 11 19.25 -3.28 37.28
N LYS J 12 18.82 -4.53 37.26
CA LYS J 12 17.89 -5.03 38.31
C LYS J 12 17.85 -6.55 38.24
N ILE J 13 18.20 -7.18 39.35
CA ILE J 13 18.01 -8.65 39.53
C ILE J 13 16.82 -8.81 40.44
N THR J 14 15.87 -9.64 40.05
CA THR J 14 14.71 -9.96 40.92
C THR J 14 14.42 -11.45 40.87
N LYS J 15 13.87 -11.96 41.95
CA LYS J 15 13.46 -13.38 42.06
C LYS J 15 12.15 -13.54 41.29
N ARG J 16 11.96 -14.71 40.69
CA ARG J 16 10.67 -15.06 40.05
C ARG J 16 9.57 -14.87 41.10
N GLY J 17 8.49 -14.17 40.71
CA GLY J 17 7.30 -13.97 41.54
C GLY J 17 7.31 -12.64 42.26
N GLN J 18 8.48 -11.99 42.34
CA GLN J 18 8.59 -10.65 42.98
C GLN J 18 8.09 -9.58 42.02
N ASN J 19 7.71 -8.43 42.57
CA ASN J 19 7.26 -7.26 41.79
C ASN J 19 8.41 -6.28 41.63
N VAL J 20 8.42 -5.56 40.52
CA VAL J 20 9.45 -4.52 40.22
C VAL J 20 8.72 -3.30 39.70
N THR J 21 9.31 -2.13 39.87
CA THR J 21 8.86 -0.92 39.16
C THR J 21 10.09 -0.12 38.78
N PHE J 22 10.09 0.40 37.56
CA PHE J 22 11.17 1.25 37.04
C PHE J 22 10.63 2.65 36.88
N ARG J 23 11.52 3.62 37.03
CA ARG J 23 11.19 5.03 36.76
C ARG J 23 11.94 5.46 35.51
N CYS J 24 11.37 6.44 34.85
CA CYS J 24 12.02 7.18 33.75
C CYS J 24 11.70 8.65 33.93
N ASP J 25 12.71 9.50 33.85
CA ASP J 25 12.51 10.98 33.89
C ASP J 25 12.83 11.50 32.50
N PRO J 26 11.84 11.86 31.67
CA PRO J 26 12.11 12.18 30.28
C PRO J 26 12.61 13.63 30.18
N ILE J 27 12.98 14.02 28.98
CA ILE J 27 13.35 15.42 28.69
C ILE J 27 12.13 16.28 28.98
N SER J 28 12.31 17.34 29.76
CA SER J 28 11.23 18.31 30.02
C SER J 28 11.00 19.11 28.73
N GLU J 29 9.75 19.46 28.48
CA GLU J 29 9.29 20.09 27.22
C GLU J 29 8.76 19.00 26.28
N HIS J 30 9.01 17.73 26.58
CA HIS J 30 8.56 16.60 25.74
C HIS J 30 7.17 16.16 26.19
N ASN J 31 6.19 16.22 25.28
CA ASN J 31 4.79 15.85 25.61
C ASN J 31 4.61 14.34 25.48
N ARG J 32 5.36 13.68 24.62
CA ARG J 32 5.17 12.23 24.38
C ARG J 32 6.25 11.45 25.11
N LEU J 33 5.87 10.35 25.75
CA LEU J 33 6.81 9.40 26.38
C LEU J 33 6.41 7.98 25.96
N TYR J 34 7.41 7.17 25.64
CA TYR J 34 7.20 5.80 25.14
C TYR J 34 7.97 4.84 26.03
N TRP J 35 7.42 3.63 26.18
CA TRP J 35 8.18 2.48 26.73
C TRP J 35 8.39 1.46 25.63
N TYR J 36 9.58 0.88 25.58
CA TYR J 36 9.93 -0.21 24.64
C TYR J 36 10.63 -1.31 25.45
N ARG J 37 10.75 -2.47 24.83
CA ARG J 37 11.46 -3.62 25.42
C ARG J 37 12.41 -4.21 24.37
N GLN J 38 13.52 -4.76 24.82
CA GLN J 38 14.58 -5.26 23.90
C GLN J 38 15.26 -6.47 24.52
N THR J 39 15.28 -7.59 23.81
CA THR J 39 15.97 -8.82 24.25
C THR J 39 17.23 -9.02 23.41
N LEU J 40 18.16 -9.85 23.87
CA LEU J 40 19.51 -10.02 23.26
C LEU J 40 19.36 -10.29 21.76
N GLY J 41 19.94 -9.41 20.93
CA GLY J 41 20.07 -9.60 19.48
C GLY J 41 18.80 -9.25 18.72
N GLN J 42 17.85 -8.55 19.36
CA GLN J 42 16.60 -8.10 18.70
C GLN J 42 16.50 -6.58 18.73
N GLY J 43 15.66 -6.02 17.85
CA GLY J 43 15.30 -4.60 17.87
C GLY J 43 14.34 -4.27 19.01
N PRO J 44 14.23 -2.99 19.43
CA PRO J 44 13.25 -2.61 20.44
C PRO J 44 11.81 -2.92 19.99
N GLU J 45 10.97 -3.30 20.95
CA GLU J 45 9.55 -3.64 20.71
C GLU J 45 8.69 -2.67 21.52
N PHE J 46 7.74 -2.01 20.88
CA PHE J 46 6.90 -0.98 21.52
C PHE J 46 6.08 -1.61 22.66
N LEU J 47 5.96 -0.90 23.77
CA LEU J 47 5.01 -1.27 24.87
C LEU J 47 3.89 -0.22 24.97
N THR J 48 4.22 1.04 25.22
CA THR J 48 3.16 2.04 25.52
C THR J 48 3.56 3.42 25.01
N TYR J 49 2.58 4.31 24.88
CA TYR J 49 2.75 5.69 24.43
C TYR J 49 1.91 6.60 25.31
N PHE J 50 2.50 7.68 25.80
CA PHE J 50 1.83 8.70 26.62
C PHE J 50 1.81 10.02 25.86
N GLN J 51 0.64 10.67 25.81
CA GLN J 51 0.50 12.09 25.39
C GLN J 51 0.14 12.88 26.65
N ASN J 52 1.10 13.60 27.19
CA ASN J 52 1.02 14.20 28.54
C ASN J 52 0.68 13.05 29.51
N GLU J 53 -0.37 13.17 30.32
CA GLU J 53 -0.65 12.15 31.38
C GLU J 53 -1.30 10.90 30.75
N ALA J 54 -1.77 10.99 29.51
CA ALA J 54 -2.80 10.07 28.99
C ALA J 54 -2.12 8.89 28.28
N GLN J 55 -2.40 7.68 28.76
CA GLN J 55 -1.97 6.41 28.11
C GLN J 55 -2.90 6.14 26.91
N LEU J 56 -2.45 6.44 25.70
CA LEU J 56 -3.33 6.38 24.49
C LEU J 56 -3.06 5.11 23.68
N GLU J 57 -1.92 4.45 23.88
CA GLU J 57 -1.61 3.24 23.07
C GLU J 57 -0.75 2.34 23.93
N LYS J 58 -1.27 1.17 24.32
CA LYS J 58 -0.49 0.13 25.03
C LYS J 58 -0.54 -1.11 24.14
N SER J 59 0.61 -1.66 23.79
CA SER J 59 0.73 -2.91 23.01
C SER J 59 -0.10 -3.98 23.73
N ARG J 60 -1.32 -4.28 23.25
CA ARG J 60 -2.24 -5.27 23.88
C ARG J 60 -1.39 -6.47 24.28
N LEU J 61 -0.51 -6.89 23.38
CA LEU J 61 0.42 -8.00 23.64
C LEU J 61 1.66 -7.36 24.27
N LEU J 62 2.36 -8.06 25.14
CA LEU J 62 3.51 -7.43 25.87
C LEU J 62 2.97 -6.55 27.00
N SER J 63 1.91 -7.01 27.68
CA SER J 63 1.31 -6.34 28.86
C SER J 63 0.43 -7.27 29.72
N ASP J 64 -0.53 -6.66 30.46
CA ASP J 64 -1.54 -7.20 31.41
C ASP J 64 -0.97 -7.25 32.84
N ARG J 65 0.14 -7.93 33.09
CA ARG J 65 0.80 -7.86 34.43
C ARG J 65 1.57 -6.54 34.50
N PHE J 66 1.93 -5.99 33.35
CA PHE J 66 2.64 -4.70 33.21
C PHE J 66 1.66 -3.57 33.45
N SER J 67 2.14 -2.50 34.07
CA SER J 67 1.31 -1.33 34.46
C SER J 67 2.18 -0.09 34.33
N ALA J 68 1.76 0.86 33.49
CA ALA J 68 2.51 2.11 33.24
C ALA J 68 1.67 3.29 33.67
N GLU J 69 2.25 4.22 34.42
CA GLU J 69 1.59 5.50 34.80
C GLU J 69 2.55 6.64 34.46
N ARG J 70 2.01 7.84 34.30
CA ARG J 70 2.79 9.09 34.14
C ARG J 70 1.97 10.21 34.77
N PRO J 71 1.84 10.21 36.11
CA PRO J 71 0.78 10.97 36.79
C PRO J 71 0.83 12.47 36.51
N LYS J 72 2.00 13.09 36.58
CA LYS J 72 2.14 14.56 36.42
C LYS J 72 2.53 14.89 34.98
N GLY J 73 2.22 14.01 34.03
CA GLY J 73 2.55 14.18 32.60
C GLY J 73 4.02 14.49 32.40
N SER J 74 4.88 14.07 33.32
CA SER J 74 6.34 14.31 33.27
C SER J 74 7.07 12.97 33.36
N PHE J 75 7.47 12.60 34.57
CA PHE J 75 8.14 11.30 34.85
C PHE J 75 7.12 10.17 34.72
N SER J 76 7.59 8.98 34.36
CA SER J 76 6.73 7.78 34.16
C SER J 76 7.33 6.58 34.89
N THR J 77 6.45 5.77 35.48
CA THR J 77 6.82 4.49 36.12
C THR J 77 6.19 3.34 35.34
N LEU J 78 6.81 2.17 35.42
CA LEU J 78 6.23 0.94 34.84
C LEU J 78 6.40 -0.18 35.85
N GLU J 79 5.31 -0.86 36.18
CA GLU J 79 5.27 -1.87 37.27
C GLU J 79 5.00 -3.24 36.68
N ILE J 80 5.78 -4.23 37.10
CA ILE J 80 5.56 -5.64 36.69
C ILE J 80 5.20 -6.44 37.93
N GLN J 81 3.95 -6.88 38.01
CA GLN J 81 3.45 -7.83 39.04
C GLN J 81 3.95 -9.23 38.69
N ARG J 82 4.30 -10.02 39.71
CA ARG J 82 4.60 -11.47 39.59
C ARG J 82 5.52 -11.70 38.39
N THR J 83 6.76 -11.23 38.48
CA THR J 83 7.74 -11.33 37.36
C THR J 83 7.93 -12.80 36.98
N GLU J 84 7.86 -13.08 35.68
CA GLU J 84 8.25 -14.39 35.11
C GLU J 84 9.55 -14.23 34.34
N GLN J 85 10.28 -15.33 34.13
CA GLN J 85 11.61 -15.30 33.48
C GLN J 85 11.49 -14.61 32.12
N GLY J 86 10.34 -14.73 31.46
CA GLY J 86 10.11 -14.12 30.13
C GLY J 86 10.04 -12.60 30.17
N ASP J 87 10.06 -11.99 31.35
CA ASP J 87 10.05 -10.52 31.48
C ASP J 87 11.46 -9.99 31.25
N SER J 88 12.48 -10.87 31.32
CA SER J 88 13.90 -10.45 31.27
C SER J 88 14.18 -9.76 29.94
N ALA J 89 14.57 -8.49 29.97
CA ALA J 89 14.84 -7.67 28.77
C ALA J 89 15.38 -6.32 29.21
N MET J 90 15.86 -5.53 28.27
CA MET J 90 16.16 -4.11 28.55
C MET J 90 14.88 -3.32 28.30
N TYR J 91 14.41 -2.62 29.32
CA TYR J 91 13.21 -1.76 29.22
C TYR J 91 13.65 -0.33 28.98
N LEU J 92 13.39 0.16 27.78
CA LEU J 92 13.90 1.47 27.30
C LEU J 92 12.78 2.49 27.40
N CYS J 93 13.08 3.62 28.01
CA CYS J 93 12.20 4.80 28.03
C CYS J 93 12.58 5.68 26.85
N ALA J 94 11.63 6.43 26.33
CA ALA J 94 11.91 7.43 25.29
C ALA J 94 10.89 8.57 25.39
N SER J 95 11.32 9.76 25.02
CA SER J 95 10.45 10.96 25.00
C SER J 95 10.57 11.65 23.65
N SER J 96 9.53 12.38 23.29
CA SER J 96 9.46 13.12 22.01
C SER J 96 8.78 14.47 22.25
N LEU J 97 9.14 15.44 21.44
CA LEU J 97 8.69 16.84 21.60
C LEU J 97 7.16 16.83 21.52
N GLY J 98 6.59 16.14 20.54
CA GLY J 98 5.13 15.98 20.42
C GLY J 98 4.63 16.35 19.04
N PHE J 99 5.37 17.17 18.29
CA PHE J 99 4.97 17.67 16.95
C PHE J 99 6.19 18.03 16.13
N GLY J 100 6.00 18.44 14.86
CA GLY J 100 7.12 18.70 13.93
C GLY J 100 7.86 17.41 13.70
N ARG J 101 9.18 17.41 13.69
CA ARG J 101 9.89 16.11 13.67
C ARG J 101 9.92 15.68 15.14
N ASP J 102 8.85 15.07 15.62
CA ASP J 102 8.81 14.65 17.05
C ASP J 102 9.87 13.55 17.16
N VAL J 103 11.13 13.94 17.28
CA VAL J 103 12.26 12.97 17.33
C VAL J 103 12.23 12.26 18.68
N MET J 104 12.21 10.93 18.61
CA MET J 104 12.12 10.06 19.80
C MET J 104 13.53 9.85 20.34
N ARG J 105 13.78 10.31 21.56
CA ARG J 105 15.11 10.21 22.21
C ARG J 105 15.04 9.11 23.25
N PHE J 106 15.91 8.11 23.13
CA PHE J 106 15.95 6.95 24.07
C PHE J 106 16.68 7.33 25.37
N GLY J 107 16.36 6.58 26.41
CA GLY J 107 17.08 6.60 27.68
C GLY J 107 18.18 5.55 27.69
N PRO J 108 18.90 5.43 28.81
CA PRO J 108 19.93 4.39 28.95
C PRO J 108 19.41 3.01 29.36
N GLY J 109 18.13 2.90 29.74
CA GLY J 109 17.45 1.60 29.87
C GLY J 109 17.62 0.98 31.25
N THR J 110 16.66 0.14 31.62
CA THR J 110 16.72 -0.72 32.82
C THR J 110 16.91 -2.16 32.36
N ARG J 111 18.04 -2.77 32.68
CA ARG J 111 18.29 -4.18 32.30
C ARG J 111 17.69 -5.09 33.37
N LEU J 112 16.52 -5.65 33.08
CA LEU J 112 15.83 -6.52 34.06
C LEU J 112 16.18 -7.97 33.75
N LEU J 113 16.65 -8.70 34.75
CA LEU J 113 16.80 -10.17 34.65
C LEU J 113 16.07 -10.81 35.82
N VAL J 114 15.17 -11.73 35.52
CA VAL J 114 14.35 -12.41 36.55
C VAL J 114 14.83 -13.85 36.65
N LEU J 115 15.13 -14.32 37.85
CA LEU J 115 15.63 -15.69 38.09
C LEU J 115 14.68 -16.45 39.01
N GLU J 116 14.69 -17.77 38.90
CA GLU J 116 13.96 -18.67 39.84
C GLU J 116 14.70 -18.67 41.18
N ASP J 117 16.02 -18.52 41.16
CA ASP J 117 16.87 -18.56 42.38
C ASP J 117 18.00 -17.53 42.25
N LEU J 118 18.34 -16.84 43.34
CA LEU J 118 19.49 -15.88 43.36
C LEU J 118 20.78 -16.61 43.69
N LYS J 119 20.73 -17.92 43.90
CA LYS J 119 21.93 -18.76 44.13
C LYS J 119 22.84 -18.72 42.90
N ASN J 120 22.31 -18.36 41.72
CA ASN J 120 23.05 -18.42 40.45
C ASN J 120 23.97 -17.19 40.30
N VAL J 121 23.82 -16.20 41.17
CA VAL J 121 24.51 -14.90 41.00
C VAL J 121 25.93 -15.01 41.56
N PHE J 122 26.93 -14.62 40.77
CA PHE J 122 28.35 -14.58 41.19
C PHE J 122 29.00 -13.29 40.69
N PRO J 123 29.97 -12.75 41.45
CA PRO J 123 30.79 -11.66 40.95
C PRO J 123 31.99 -12.23 40.20
N PRO J 124 32.67 -11.41 39.40
CA PRO J 124 33.78 -11.90 38.59
C PRO J 124 35.05 -12.14 39.41
N GLU J 125 35.72 -13.24 39.10
CA GLU J 125 37.16 -13.41 39.42
C GLU J 125 37.94 -12.68 38.33
N VAL J 126 38.92 -11.90 38.74
CA VAL J 126 39.72 -11.08 37.78
C VAL J 126 41.19 -11.48 37.89
N ALA J 127 41.82 -11.69 36.74
CA ALA J 127 43.26 -11.93 36.60
C ALA J 127 43.80 -10.97 35.55
N VAL J 128 45.10 -10.73 35.59
CA VAL J 128 45.82 -9.92 34.58
C VAL J 128 47.08 -10.68 34.21
N PHE J 129 47.43 -10.71 32.93
CA PHE J 129 48.51 -11.55 32.38
C PHE J 129 49.58 -10.62 31.79
N GLU J 130 50.86 -10.85 32.13
CA GLU J 130 51.96 -9.94 31.75
C GLU J 130 52.45 -10.29 30.35
N PRO J 131 52.84 -9.26 29.56
CA PRO J 131 53.19 -9.44 28.15
C PRO J 131 54.31 -10.46 27.92
N SER J 132 54.26 -11.12 26.78
CA SER J 132 55.22 -12.18 26.38
C SER J 132 56.57 -11.53 26.07
N GLU J 133 57.65 -12.24 26.40
CA GLU J 133 59.05 -11.90 25.98
C GLU J 133 59.10 -11.84 24.45
N ALA J 134 58.65 -12.88 23.75
CA ALA J 134 58.73 -13.03 22.28
C ALA J 134 58.09 -11.82 21.59
N GLU J 135 56.92 -11.39 22.06
CA GLU J 135 56.15 -10.29 21.42
C GLU J 135 56.92 -8.97 21.54
N ILE J 136 57.60 -8.74 22.67
CA ILE J 136 58.41 -7.51 22.86
C ILE J 136 59.59 -7.55 21.89
N SER J 137 60.29 -8.68 21.80
CA SER J 137 61.45 -8.84 20.88
C SER J 137 61.01 -8.55 19.44
N HIS J 138 59.88 -9.09 19.01
CA HIS J 138 59.40 -8.99 17.60
C HIS J 138 58.91 -7.56 17.34
N THR J 139 58.03 -7.02 18.19
CA THR J 139 57.26 -5.79 17.89
C THR J 139 57.72 -4.60 18.75
N GLN J 140 58.44 -4.84 19.85
CA GLN J 140 58.75 -3.79 20.87
C GLN J 140 57.45 -3.05 21.20
N LYS J 141 56.42 -3.84 21.48
CA LYS J 141 55.12 -3.40 22.07
C LYS J 141 54.73 -4.48 23.08
N ALA J 142 53.95 -4.10 24.09
CA ALA J 142 53.58 -5.03 25.18
C ALA J 142 52.06 -5.04 25.35
N THR J 143 51.43 -6.19 25.12
CA THR J 143 49.97 -6.38 25.28
C THR J 143 49.73 -7.08 26.62
N LEU J 144 49.01 -6.42 27.51
CA LEU J 144 48.51 -7.04 28.75
C LEU J 144 47.13 -7.60 28.45
N VAL J 145 46.76 -8.67 29.15
CA VAL J 145 45.48 -9.37 28.92
C VAL J 145 44.77 -9.49 30.27
N CYS J 146 43.55 -8.97 30.34
CA CYS J 146 42.67 -9.09 31.51
C CYS J 146 41.63 -10.19 31.26
N LEU J 147 41.34 -11.00 32.27
CA LEU J 147 40.30 -12.05 32.19
C LEU J 147 39.39 -11.92 33.41
N ALA J 148 38.10 -11.74 33.15
CA ALA J 148 37.04 -11.80 34.17
C ALA J 148 36.27 -13.10 33.96
N THR J 149 36.23 -13.98 34.95
CA THR J 149 35.68 -15.35 34.81
C THR J 149 34.67 -15.64 35.93
N GLY J 150 33.62 -16.39 35.58
CA GLY J 150 32.70 -17.01 36.55
C GLY J 150 31.71 -16.02 37.13
N PHE J 151 31.25 -15.04 36.36
CA PHE J 151 30.29 -14.03 36.85
C PHE J 151 28.93 -14.24 36.16
N TYR J 152 27.87 -14.11 36.95
CA TYR J 152 26.47 -14.12 36.47
C TYR J 152 25.67 -13.17 37.35
N PRO J 153 24.90 -12.23 36.77
CA PRO J 153 24.72 -12.10 35.32
C PRO J 153 25.92 -11.43 34.63
N ASP J 154 25.78 -11.14 33.33
CA ASP J 154 26.82 -10.50 32.50
C ASP J 154 26.74 -8.98 32.60
N HIS J 155 26.25 -8.40 33.70
CA HIS J 155 26.23 -6.93 33.88
C HIS J 155 27.59 -6.47 34.42
N VAL J 156 28.54 -6.23 33.52
CA VAL J 156 29.92 -5.83 33.92
C VAL J 156 30.39 -4.68 33.04
N GLU J 157 31.16 -3.77 33.62
CA GLU J 157 31.88 -2.69 32.90
C GLU J 157 33.35 -2.81 33.29
N LEU J 158 34.21 -2.98 32.29
CA LEU J 158 35.66 -3.23 32.49
C LEU J 158 36.42 -1.97 32.06
N SER J 159 37.52 -1.68 32.76
CA SER J 159 38.41 -0.55 32.40
C SER J 159 39.81 -0.81 32.93
N TRP J 160 40.80 -0.22 32.26
CA TRP J 160 42.22 -0.24 32.68
C TRP J 160 42.57 1.08 33.36
N TRP J 161 43.25 1.01 34.50
CA TRP J 161 43.74 2.21 35.21
C TRP J 161 45.28 2.17 35.24
N VAL J 162 45.92 3.17 34.64
CA VAL J 162 47.40 3.23 34.67
C VAL J 162 47.80 4.30 35.71
N ASN J 163 48.60 3.86 36.67
CA ASN J 163 49.22 4.74 37.71
C ASN J 163 48.11 5.50 38.43
N GLY J 164 46.96 4.85 38.63
CA GLY J 164 45.78 5.39 39.33
C GLY J 164 45.01 6.41 38.50
N LYS J 165 44.91 6.22 37.18
CA LYS J 165 44.01 7.03 36.33
C LYS J 165 43.54 6.22 35.12
N GLU J 166 42.24 6.34 34.79
CA GLU J 166 41.58 5.53 33.75
C GLU J 166 42.15 5.89 32.38
N VAL J 167 42.42 4.88 31.56
CA VAL J 167 43.06 5.03 30.22
C VAL J 167 42.10 4.48 29.15
N HIS J 168 42.23 5.00 27.93
CA HIS J 168 41.38 4.63 26.77
C HIS J 168 42.26 4.28 25.57
N SER J 169 43.34 5.03 25.34
CA SER J 169 44.38 4.71 24.32
C SER J 169 44.98 3.32 24.64
N GLY J 170 45.13 2.48 23.62
CA GLY J 170 45.75 1.14 23.76
C GLY J 170 44.80 0.11 24.36
N VAL J 171 43.51 0.41 24.41
CA VAL J 171 42.48 -0.48 25.01
C VAL J 171 41.56 -1.05 23.92
N CYS J 172 41.18 -2.31 24.06
CA CYS J 172 39.99 -2.90 23.37
C CYS J 172 39.45 -4.03 24.25
N THR J 173 38.16 -3.97 24.59
CA THR J 173 37.46 -5.06 25.31
C THR J 173 36.64 -5.88 24.32
N ASP J 174 36.45 -7.17 24.62
CA ASP J 174 35.54 -8.05 23.84
C ASP J 174 34.18 -7.38 23.73
N PRO J 175 33.53 -7.46 22.55
CA PRO J 175 32.30 -6.70 22.29
C PRO J 175 31.17 -7.07 23.26
N GLN J 176 31.03 -8.35 23.62
CA GLN J 176 30.14 -8.78 24.72
C GLN J 176 30.69 -10.08 25.31
N PRO J 177 30.38 -10.39 26.59
CA PRO J 177 30.96 -11.55 27.25
C PRO J 177 30.57 -12.88 26.61
N LEU J 178 31.36 -13.90 26.89
CA LEU J 178 31.18 -15.29 26.37
C LEU J 178 30.66 -16.20 27.49
N LYS J 179 29.91 -17.24 27.12
CA LYS J 179 29.37 -18.22 28.11
C LYS J 179 30.44 -19.27 28.40
N GLU J 180 30.66 -19.55 29.69
CA GLU J 180 31.63 -20.58 30.13
C GLU J 180 31.09 -21.96 29.79
N GLN J 181 29.76 -22.12 29.68
CA GLN J 181 29.11 -23.39 29.30
C GLN J 181 28.07 -23.06 28.24
N PRO J 182 28.46 -22.94 26.95
CA PRO J 182 27.62 -22.27 25.95
C PRO J 182 26.21 -22.91 25.80
N ALA J 183 26.08 -24.21 26.10
CA ALA J 183 24.81 -24.95 25.97
C ALA J 183 23.98 -24.83 27.25
N LEU J 184 24.64 -24.69 28.41
CA LEU J 184 24.00 -24.87 29.74
C LEU J 184 22.98 -23.76 29.99
N ASN J 185 21.85 -24.12 30.61
CA ASN J 185 20.79 -23.16 31.02
C ASN J 185 21.33 -22.26 32.14
N ASP J 186 21.38 -20.95 31.89
CA ASP J 186 21.91 -19.93 32.83
C ASP J 186 23.37 -20.27 33.13
N SER J 187 24.22 -20.18 32.11
CA SER J 187 25.68 -20.41 32.19
C SER J 187 26.35 -19.15 32.73
N ARG J 188 27.42 -19.34 33.50
CA ARG J 188 28.29 -18.22 33.93
C ARG J 188 29.01 -17.63 32.72
N TYR J 189 29.54 -16.42 32.89
CA TYR J 189 30.10 -15.63 31.78
C TYR J 189 31.59 -15.36 32.02
N ALA J 190 32.29 -15.06 30.93
CA ALA J 190 33.71 -14.68 30.93
C ALA J 190 33.93 -13.49 30.00
N LEU J 191 34.94 -12.70 30.29
CA LEU J 191 35.25 -11.51 29.46
C LEU J 191 36.75 -11.23 29.51
N SER J 192 37.30 -10.79 28.37
CA SER J 192 38.73 -10.48 28.20
C SER J 192 38.90 -9.03 27.77
N SER J 193 40.07 -8.47 28.02
CA SER J 193 40.46 -7.11 27.56
C SER J 193 41.96 -7.10 27.32
N ARG J 194 42.39 -6.29 26.35
CA ARG J 194 43.81 -6.14 26.00
C ARG J 194 44.22 -4.67 26.18
N LEU J 195 45.29 -4.44 26.94
CA LEU J 195 45.96 -3.12 27.02
C LEU J 195 47.35 -3.27 26.41
N ARG J 196 47.61 -2.54 25.32
CA ARG J 196 48.92 -2.54 24.64
C ARG J 196 49.61 -1.20 24.86
N VAL J 197 50.89 -1.24 25.22
CA VAL J 197 51.73 -0.03 25.42
C VAL J 197 53.07 -0.28 24.74
N SER J 198 53.89 0.76 24.63
CA SER J 198 55.28 0.66 24.12
C SER J 198 56.07 -0.26 25.05
N ALA J 199 56.99 -1.02 24.51
CA ALA J 199 57.83 -1.94 25.31
C ALA J 199 58.63 -1.14 26.34
N THR J 200 58.98 0.11 26.04
CA THR J 200 59.75 0.97 26.99
C THR J 200 58.89 1.25 28.23
N PHE J 201 57.59 1.50 28.06
CA PHE J 201 56.67 1.89 29.17
C PHE J 201 56.37 0.64 30.00
N TRP J 202 56.30 -0.55 29.41
CA TRP J 202 56.07 -1.79 30.19
C TRP J 202 57.30 -2.03 31.08
N GLN J 203 58.50 -2.01 30.49
CA GLN J 203 59.77 -2.39 31.15
C GLN J 203 60.10 -1.38 32.26
N ASP J 204 59.56 -0.16 32.19
CA ASP J 204 59.67 0.85 33.27
C ASP J 204 58.94 0.32 34.49
N PRO J 205 59.65 -0.07 35.58
CA PRO J 205 59.00 -0.66 36.75
C PRO J 205 58.36 0.37 37.68
N ARG J 206 58.48 1.67 37.34
CA ARG J 206 57.79 2.76 38.08
C ARG J 206 56.28 2.64 37.84
N ASN J 207 55.89 2.12 36.67
CA ASN J 207 54.48 2.14 36.19
C ASN J 207 53.64 1.06 36.88
N HIS J 208 52.40 1.40 37.21
CA HIS J 208 51.39 0.50 37.84
C HIS J 208 50.27 0.23 36.82
N PHE J 209 49.89 -1.02 36.66
CA PHE J 209 48.78 -1.44 35.75
C PHE J 209 47.72 -2.19 36.55
N ARG J 210 46.46 -1.72 36.48
CA ARG J 210 45.32 -2.36 37.17
C ARG J 210 44.18 -2.56 36.18
N CYS J 211 43.61 -3.75 36.14
CA CYS J 211 42.35 -4.05 35.42
C CYS J 211 41.20 -4.04 36.43
N GLN J 212 40.09 -3.40 36.07
CA GLN J 212 38.97 -3.13 36.98
C GLN J 212 37.65 -3.54 36.29
N VAL J 213 36.89 -4.39 36.94
CA VAL J 213 35.59 -4.89 36.41
C VAL J 213 34.52 -4.53 37.41
N GLN J 214 33.77 -3.45 37.15
CA GLN J 214 32.56 -3.13 37.92
C GLN J 214 31.53 -4.24 37.65
N PHE J 215 30.95 -4.80 38.71
CA PHE J 215 29.91 -5.85 38.58
C PHE J 215 28.66 -5.37 39.32
N TYR J 216 27.50 -5.49 38.68
CA TYR J 216 26.21 -5.05 39.26
C TYR J 216 25.44 -6.31 39.69
N GLY J 217 25.44 -6.57 40.99
CA GLY J 217 24.83 -7.78 41.58
C GLY J 217 23.62 -7.45 42.41
N LEU J 218 23.43 -8.20 43.49
CA LEU J 218 22.23 -8.07 44.36
C LEU J 218 22.32 -6.76 45.12
N SER J 219 21.17 -6.16 45.43
CA SER J 219 21.11 -4.93 46.24
C SER J 219 21.48 -5.28 47.69
N GLU J 220 21.72 -4.26 48.51
CA GLU J 220 21.96 -4.42 49.97
C GLU J 220 20.67 -4.92 50.64
N ASN J 221 19.52 -4.80 50.00
CA ASN J 221 18.18 -5.10 50.59
C ASN J 221 17.65 -6.45 50.05
N ASP J 222 18.49 -7.26 49.40
CA ASP J 222 18.06 -8.59 48.89
C ASP J 222 18.28 -9.65 49.98
N GLU J 223 17.37 -10.62 50.07
CA GLU J 223 17.48 -11.74 51.06
C GLU J 223 18.64 -12.64 50.63
N TRP J 224 19.61 -12.84 51.51
CA TRP J 224 20.74 -13.76 51.27
C TRP J 224 20.93 -14.71 52.45
N THR J 225 20.92 -16.02 52.20
CA THR J 225 21.12 -17.07 53.23
C THR J 225 21.91 -18.23 52.63
N GLN J 226 22.99 -17.94 51.91
CA GLN J 226 23.98 -18.97 51.50
C GLN J 226 25.27 -18.77 52.29
N ASP J 227 26.18 -19.75 52.26
CA ASP J 227 27.44 -19.70 53.04
C ASP J 227 28.39 -18.67 52.44
N ARG J 228 28.63 -18.71 51.13
CA ARG J 228 29.55 -17.78 50.44
C ARG J 228 29.06 -16.33 50.61
N ALA J 229 29.94 -15.37 50.37
CA ALA J 229 29.65 -13.93 50.54
C ALA J 229 28.51 -13.53 49.61
N LYS J 230 27.75 -12.52 50.00
CA LYS J 230 26.56 -12.07 49.23
C LYS J 230 27.03 -11.34 47.98
N PRO J 231 26.68 -11.82 46.75
CA PRO J 231 27.18 -11.23 45.51
C PRO J 231 26.50 -9.90 45.17
N VAL J 232 26.91 -8.85 45.88
CA VAL J 232 26.32 -7.50 45.69
C VAL J 232 27.13 -6.74 44.66
N THR J 233 26.69 -5.54 44.27
CA THR J 233 27.45 -4.63 43.41
C THR J 233 28.81 -4.40 44.04
N GLN J 234 29.86 -4.51 43.25
CA GLN J 234 31.25 -4.37 43.75
C GLN J 234 32.20 -4.22 42.57
N ILE J 235 33.38 -3.68 42.84
CA ILE J 235 34.48 -3.59 41.87
C ILE J 235 35.51 -4.65 42.25
N VAL J 236 36.01 -5.39 41.28
CA VAL J 236 37.03 -6.44 41.49
C VAL J 236 38.19 -6.15 40.55
N SER J 237 39.42 -6.25 41.05
CA SER J 237 40.64 -5.76 40.34
C SER J 237 41.76 -6.80 40.36
N ALA J 238 42.76 -6.58 39.51
CA ALA J 238 44.01 -7.38 39.42
C ALA J 238 45.14 -6.45 38.97
N GLU J 239 46.31 -6.55 39.62
CA GLU J 239 47.39 -5.55 39.51
C GLU J 239 48.65 -6.18 38.88
N THR J 240 49.50 -5.31 38.32
CA THR J 240 50.88 -5.61 37.88
C THR J 240 51.77 -4.39 38.05
N TRP J 241 53.07 -4.63 38.22
CA TRP J 241 54.13 -3.60 38.06
C TRP J 241 54.97 -3.96 36.84
N GLY J 242 55.61 -2.95 36.26
CA GLY J 242 56.54 -3.11 35.12
C GLY J 242 57.73 -4.00 35.49
N ARG J 243 58.24 -4.71 34.49
CA ARG J 243 59.37 -5.67 34.65
C ARG J 243 60.38 -5.43 33.53
N ALA J 244 61.65 -5.23 33.88
CA ALA J 244 62.75 -4.92 32.94
C ALA J 244 63.57 -6.18 32.64
N ASP J 245 63.71 -6.49 31.36
CA ASP J 245 64.49 -7.64 30.84
C ASP J 245 65.60 -7.12 29.92
#